data_4MRH
# 
_entry.id   4MRH 
# 
_audit_conform.dict_name       mmcif_pdbx.dic 
_audit_conform.dict_version    5.397 
_audit_conform.dict_location   http://mmcif.pdb.org/dictionaries/ascii/mmcif_pdbx.dic 
# 
loop_
_database_2.database_id 
_database_2.database_code 
_database_2.pdbx_database_accession 
_database_2.pdbx_DOI 
PDB   4MRH         pdb_00004mrh 10.2210/pdb4mrh/pdb 
RCSB  RCSB082274   ?            ?                   
WWPDB D_1000082274 ?            ?                   
# 
loop_
_pdbx_audit_revision_history.ordinal 
_pdbx_audit_revision_history.data_content_type 
_pdbx_audit_revision_history.major_revision 
_pdbx_audit_revision_history.minor_revision 
_pdbx_audit_revision_history.revision_date 
1 'Structure model' 1 0 2014-04-30 
2 'Structure model' 1 1 2023-09-20 
3 'Structure model' 1 2 2024-10-16 
# 
_pdbx_audit_revision_details.ordinal             1 
_pdbx_audit_revision_details.revision_ordinal    1 
_pdbx_audit_revision_details.data_content_type   'Structure model' 
_pdbx_audit_revision_details.provider            repository 
_pdbx_audit_revision_details.type                'Initial release' 
_pdbx_audit_revision_details.description         ? 
_pdbx_audit_revision_details.details             ? 
# 
loop_
_pdbx_audit_revision_group.ordinal 
_pdbx_audit_revision_group.revision_ordinal 
_pdbx_audit_revision_group.data_content_type 
_pdbx_audit_revision_group.group 
1 2 'Structure model' 'Data collection'        
2 2 'Structure model' 'Database references'    
3 2 'Structure model' 'Derived calculations'   
4 2 'Structure model' 'Refinement description' 
5 3 'Structure model' 'Structure summary'      
# 
loop_
_pdbx_audit_revision_category.ordinal 
_pdbx_audit_revision_category.revision_ordinal 
_pdbx_audit_revision_category.data_content_type 
_pdbx_audit_revision_category.category 
1 2 'Structure model' chem_comp_atom                
2 2 'Structure model' chem_comp_bond                
3 2 'Structure model' database_2                    
4 2 'Structure model' pdbx_initial_refinement_model 
5 2 'Structure model' struct_ref_seq_dif            
6 2 'Structure model' struct_site                   
7 3 'Structure model' pdbx_entry_details            
8 3 'Structure model' pdbx_modification_feature     
# 
loop_
_pdbx_audit_revision_item.ordinal 
_pdbx_audit_revision_item.revision_ordinal 
_pdbx_audit_revision_item.data_content_type 
_pdbx_audit_revision_item.item 
1 2 'Structure model' '_database_2.pdbx_DOI'                
2 2 'Structure model' '_database_2.pdbx_database_accession' 
3 2 'Structure model' '_struct_ref_seq_dif.details'         
4 2 'Structure model' '_struct_site.pdbx_auth_asym_id'      
5 2 'Structure model' '_struct_site.pdbx_auth_comp_id'      
6 2 'Structure model' '_struct_site.pdbx_auth_seq_id'       
# 
_pdbx_database_status.entry_id                        4MRH 
_pdbx_database_status.status_code                     REL 
_pdbx_database_status.deposit_site                    RCSB 
_pdbx_database_status.process_site                    RCSB 
_pdbx_database_status.recvd_initial_deposition_date   2013-09-17 
_pdbx_database_status.status_code_sf                  REL 
_pdbx_database_status.status_code_mr                  ? 
_pdbx_database_status.SG_entry                        ? 
_pdbx_database_status.status_code_cs                  ? 
_pdbx_database_status.methods_development_category    ? 
_pdbx_database_status.pdb_format_compatible           Y 
_pdbx_database_status.status_code_nmr_data            ? 
# 
loop_
_pdbx_database_related.db_name 
_pdbx_database_related.db_id 
_pdbx_database_related.details 
_pdbx_database_related.content_type 
PDB 4MRD . unspecified 
PDB 4MRE . unspecified 
PDB 4MRF . unspecified 
PDB 4MRG . unspecified 
PDB 4NP2 . unspecified 
PDB 4NP3 . unspecified 
# 
loop_
_audit_author.name 
_audit_author.pdbx_ordinal 
'Liu, L.K.'  1 
'Finzel, B.' 2 
# 
loop_
_citation.id 
_citation.title 
_citation.journal_abbrev 
_citation.journal_volume 
_citation.page_first 
_citation.page_last 
_citation.year 
_citation.journal_id_ASTM 
_citation.country 
_citation.journal_id_ISSN 
_citation.journal_id_CSD 
_citation.book_publisher 
_citation.pdbx_database_id_PubMed 
_citation.pdbx_database_id_DOI 
primary 
;Fragment-Based Identification of an Inducible Binding Site on Cell Surface Receptor CD44 for the Design of Protein-Carbohydrate Interaction Inhibitors.
;
J.Med.Chem.          57 2714 2725 2014 JMCMAR US 0022-2623 0151 ? 24606063 10.1021/jm5000276 
1       'Structures of the Cd44-hyaluronan complex provide insight into a fundamental carbohydrate-protein interaction.' 
Nat.Struct.Mol.Biol. 14 234  239  2007 ?      US 1545-9993 ?    ? 17293874 10.1038/nsmb1201  
# 
loop_
_citation_author.citation_id 
_citation_author.name 
_citation_author.ordinal 
_citation_author.identifier_ORCID 
primary 'Liu, L.K.'      1 ? 
primary 'Finzel, B.C.'   2 ? 
1       'Banerji, S.'    3 ? 
1       'Wright, A.J.'   4 ? 
1       'Noble, M.'      5 ? 
1       'Mahoney, D.J.'  6 ? 
1       'Campbell, I.D.' 7 ? 
1       'Day, A.J.'      8 ? 
1       'Jackson, D.G.'  9 ? 
# 
loop_
_entity.id 
_entity.type 
_entity.src_method 
_entity.pdbx_description 
_entity.formula_weight 
_entity.pdbx_number_of_molecules 
_entity.pdbx_ec 
_entity.pdbx_mutation 
_entity.pdbx_fragment 
_entity.details 
1 polymer     man 'CD44 antigen'                       16724.604 1   ? ? 'HYALURONAN BINDING DOMAIN, RESIDUES 23-171' ? 
2 non-polymer syn 4-chloro-5-methylbenzene-1,2-diamine 156.613   1   ? ? ?                                            ? 
3 non-polymer syn 'DIMETHYL SULFOXIDE'                 78.133    1   ? ? ?                                            ? 
4 water       nat water                                18.015    123 ? ? ?                                            ? 
# 
_entity_name_com.entity_id   1 
_entity_name_com.name        
;Extracellular matrix receptor III, ECMR-III, GP90 lymphocyte homing/adhesion receptor, HUTCH-I, Hermes antigen, Hyaluronate receptor, Lymphocyte antigen 24, Ly-24, Phagocytic glycoprotein 1, PGP-1, Phagocytic glycoprotein I, PGP-I
;
# 
_entity_poly.entity_id                      1 
_entity_poly.type                           'polypeptide(L)' 
_entity_poly.nstd_linkage                   no 
_entity_poly.nstd_monomer                   no 
_entity_poly.pdbx_seq_one_letter_code       
;NQIDLNVTCRYAGVFHVEKNGRYSISRTEAADLCQAFNSTLPTMDQMKLALSKGFETCRYGFIEGNVVIPRIHPNAICAA
NHTGVYILVTSNTSHYDTYCFNASAPPEEDCTSVTDLPNSFDGPVTITIVNRDGTRYSKKGEYRTHQEDI
;
_entity_poly.pdbx_seq_one_letter_code_can   
;NQIDLNVTCRYAGVFHVEKNGRYSISRTEAADLCQAFNSTLPTMDQMKLALSKGFETCRYGFIEGNVVIPRIHPNAICAA
NHTGVYILVTSNTSHYDTYCFNASAPPEEDCTSVTDLPNSFDGPVTITIVNRDGTRYSKKGEYRTHQEDI
;
_entity_poly.pdbx_strand_id                 A 
_entity_poly.pdbx_target_identifier         ? 
# 
loop_
_pdbx_entity_nonpoly.entity_id 
_pdbx_entity_nonpoly.name 
_pdbx_entity_nonpoly.comp_id 
2 4-chloro-5-methylbenzene-1,2-diamine 2CQ 
3 'DIMETHYL SULFOXIDE'                 DMS 
4 water                                HOH 
# 
loop_
_entity_poly_seq.entity_id 
_entity_poly_seq.num 
_entity_poly_seq.mon_id 
_entity_poly_seq.hetero 
1 1   ASN n 
1 2   GLN n 
1 3   ILE n 
1 4   ASP n 
1 5   LEU n 
1 6   ASN n 
1 7   VAL n 
1 8   THR n 
1 9   CYS n 
1 10  ARG n 
1 11  TYR n 
1 12  ALA n 
1 13  GLY n 
1 14  VAL n 
1 15  PHE n 
1 16  HIS n 
1 17  VAL n 
1 18  GLU n 
1 19  LYS n 
1 20  ASN n 
1 21  GLY n 
1 22  ARG n 
1 23  TYR n 
1 24  SER n 
1 25  ILE n 
1 26  SER n 
1 27  ARG n 
1 28  THR n 
1 29  GLU n 
1 30  ALA n 
1 31  ALA n 
1 32  ASP n 
1 33  LEU n 
1 34  CYS n 
1 35  GLN n 
1 36  ALA n 
1 37  PHE n 
1 38  ASN n 
1 39  SER n 
1 40  THR n 
1 41  LEU n 
1 42  PRO n 
1 43  THR n 
1 44  MET n 
1 45  ASP n 
1 46  GLN n 
1 47  MET n 
1 48  LYS n 
1 49  LEU n 
1 50  ALA n 
1 51  LEU n 
1 52  SER n 
1 53  LYS n 
1 54  GLY n 
1 55  PHE n 
1 56  GLU n 
1 57  THR n 
1 58  CYS n 
1 59  ARG n 
1 60  TYR n 
1 61  GLY n 
1 62  PHE n 
1 63  ILE n 
1 64  GLU n 
1 65  GLY n 
1 66  ASN n 
1 67  VAL n 
1 68  VAL n 
1 69  ILE n 
1 70  PRO n 
1 71  ARG n 
1 72  ILE n 
1 73  HIS n 
1 74  PRO n 
1 75  ASN n 
1 76  ALA n 
1 77  ILE n 
1 78  CYS n 
1 79  ALA n 
1 80  ALA n 
1 81  ASN n 
1 82  HIS n 
1 83  THR n 
1 84  GLY n 
1 85  VAL n 
1 86  TYR n 
1 87  ILE n 
1 88  LEU n 
1 89  VAL n 
1 90  THR n 
1 91  SER n 
1 92  ASN n 
1 93  THR n 
1 94  SER n 
1 95  HIS n 
1 96  TYR n 
1 97  ASP n 
1 98  THR n 
1 99  TYR n 
1 100 CYS n 
1 101 PHE n 
1 102 ASN n 
1 103 ALA n 
1 104 SER n 
1 105 ALA n 
1 106 PRO n 
1 107 PRO n 
1 108 GLU n 
1 109 GLU n 
1 110 ASP n 
1 111 CYS n 
1 112 THR n 
1 113 SER n 
1 114 VAL n 
1 115 THR n 
1 116 ASP n 
1 117 LEU n 
1 118 PRO n 
1 119 ASN n 
1 120 SER n 
1 121 PHE n 
1 122 ASP n 
1 123 GLY n 
1 124 PRO n 
1 125 VAL n 
1 126 THR n 
1 127 ILE n 
1 128 THR n 
1 129 ILE n 
1 130 VAL n 
1 131 ASN n 
1 132 ARG n 
1 133 ASP n 
1 134 GLY n 
1 135 THR n 
1 136 ARG n 
1 137 TYR n 
1 138 SER n 
1 139 LYS n 
1 140 LYS n 
1 141 GLY n 
1 142 GLU n 
1 143 TYR n 
1 144 ARG n 
1 145 THR n 
1 146 HIS n 
1 147 GLN n 
1 148 GLU n 
1 149 ASP n 
1 150 ILE n 
# 
_entity_src_gen.entity_id                          1 
_entity_src_gen.pdbx_src_id                        1 
_entity_src_gen.pdbx_alt_source_flag               sample 
_entity_src_gen.pdbx_seq_type                      ? 
_entity_src_gen.pdbx_beg_seq_num                   ? 
_entity_src_gen.pdbx_end_seq_num                   ? 
_entity_src_gen.gene_src_common_name               mouse 
_entity_src_gen.gene_src_genus                     ? 
_entity_src_gen.pdbx_gene_src_gene                 'Cd44, Cd44 Ly-24, Ly-24' 
_entity_src_gen.gene_src_species                   ? 
_entity_src_gen.gene_src_strain                    ? 
_entity_src_gen.gene_src_tissue                    ? 
_entity_src_gen.gene_src_tissue_fraction           ? 
_entity_src_gen.gene_src_details                   ? 
_entity_src_gen.pdbx_gene_src_fragment             ? 
_entity_src_gen.pdbx_gene_src_scientific_name      'Mus musculus' 
_entity_src_gen.pdbx_gene_src_ncbi_taxonomy_id     10090 
_entity_src_gen.pdbx_gene_src_variant              ? 
_entity_src_gen.pdbx_gene_src_cell_line            ? 
_entity_src_gen.pdbx_gene_src_atcc                 ? 
_entity_src_gen.pdbx_gene_src_organ                ? 
_entity_src_gen.pdbx_gene_src_organelle            ? 
_entity_src_gen.pdbx_gene_src_cell                 ? 
_entity_src_gen.pdbx_gene_src_cellular_location    ? 
_entity_src_gen.host_org_common_name               ? 
_entity_src_gen.pdbx_host_org_scientific_name      'Escherichia coli' 
_entity_src_gen.pdbx_host_org_ncbi_taxonomy_id     469008 
_entity_src_gen.host_org_genus                     ? 
_entity_src_gen.pdbx_host_org_gene                 ? 
_entity_src_gen.pdbx_host_org_organ                ? 
_entity_src_gen.host_org_species                   ? 
_entity_src_gen.pdbx_host_org_tissue               ? 
_entity_src_gen.pdbx_host_org_tissue_fraction      ? 
_entity_src_gen.pdbx_host_org_strain               'BL21(DE3)' 
_entity_src_gen.pdbx_host_org_variant              ? 
_entity_src_gen.pdbx_host_org_cell_line            ? 
_entity_src_gen.pdbx_host_org_atcc                 ? 
_entity_src_gen.pdbx_host_org_culture_collection   ? 
_entity_src_gen.pdbx_host_org_cell                 ? 
_entity_src_gen.pdbx_host_org_organelle            ? 
_entity_src_gen.pdbx_host_org_cellular_location    ? 
_entity_src_gen.pdbx_host_org_vector_type          plasmid 
_entity_src_gen.pdbx_host_org_vector               ? 
_entity_src_gen.host_org_details                   ? 
_entity_src_gen.expression_system_id               ? 
_entity_src_gen.plasmid_name                       pMCSG7 
_entity_src_gen.plasmid_details                    ? 
_entity_src_gen.pdbx_description                   ? 
# 
loop_
_chem_comp.id 
_chem_comp.type 
_chem_comp.mon_nstd_flag 
_chem_comp.name 
_chem_comp.pdbx_synonyms 
_chem_comp.formula 
_chem_comp.formula_weight 
2CQ non-polymer         . 4-chloro-5-methylbenzene-1,2-diamine ? 'C7 H9 Cl N2'    156.613 
ALA 'L-peptide linking' y ALANINE                              ? 'C3 H7 N O2'     89.093  
ARG 'L-peptide linking' y ARGININE                             ? 'C6 H15 N4 O2 1' 175.209 
ASN 'L-peptide linking' y ASPARAGINE                           ? 'C4 H8 N2 O3'    132.118 
ASP 'L-peptide linking' y 'ASPARTIC ACID'                      ? 'C4 H7 N O4'     133.103 
CYS 'L-peptide linking' y CYSTEINE                             ? 'C3 H7 N O2 S'   121.158 
DMS non-polymer         . 'DIMETHYL SULFOXIDE'                 ? 'C2 H6 O S'      78.133  
GLN 'L-peptide linking' y GLUTAMINE                            ? 'C5 H10 N2 O3'   146.144 
GLU 'L-peptide linking' y 'GLUTAMIC ACID'                      ? 'C5 H9 N O4'     147.129 
GLY 'peptide linking'   y GLYCINE                              ? 'C2 H5 N O2'     75.067  
HIS 'L-peptide linking' y HISTIDINE                            ? 'C6 H10 N3 O2 1' 156.162 
HOH non-polymer         . WATER                                ? 'H2 O'           18.015  
ILE 'L-peptide linking' y ISOLEUCINE                           ? 'C6 H13 N O2'    131.173 
LEU 'L-peptide linking' y LEUCINE                              ? 'C6 H13 N O2'    131.173 
LYS 'L-peptide linking' y LYSINE                               ? 'C6 H15 N2 O2 1' 147.195 
MET 'L-peptide linking' y METHIONINE                           ? 'C5 H11 N O2 S'  149.211 
PHE 'L-peptide linking' y PHENYLALANINE                        ? 'C9 H11 N O2'    165.189 
PRO 'L-peptide linking' y PROLINE                              ? 'C5 H9 N O2'     115.130 
SER 'L-peptide linking' y SERINE                               ? 'C3 H7 N O3'     105.093 
THR 'L-peptide linking' y THREONINE                            ? 'C4 H9 N O3'     119.119 
TYR 'L-peptide linking' y TYROSINE                             ? 'C9 H11 N O3'    181.189 
VAL 'L-peptide linking' y VALINE                               ? 'C5 H11 N O2'    117.146 
# 
loop_
_pdbx_poly_seq_scheme.asym_id 
_pdbx_poly_seq_scheme.entity_id 
_pdbx_poly_seq_scheme.seq_id 
_pdbx_poly_seq_scheme.mon_id 
_pdbx_poly_seq_scheme.ndb_seq_num 
_pdbx_poly_seq_scheme.pdb_seq_num 
_pdbx_poly_seq_scheme.auth_seq_num 
_pdbx_poly_seq_scheme.pdb_mon_id 
_pdbx_poly_seq_scheme.auth_mon_id 
_pdbx_poly_seq_scheme.pdb_strand_id 
_pdbx_poly_seq_scheme.pdb_ins_code 
_pdbx_poly_seq_scheme.hetero 
A 1 1   ASN 1   24  24  ASN ASN A . n 
A 1 2   GLN 2   25  25  GLN GLN A . n 
A 1 3   ILE 3   26  26  ILE ILE A . n 
A 1 4   ASP 4   27  27  ASP ASP A . n 
A 1 5   LEU 5   28  28  LEU LEU A . n 
A 1 6   ASN 6   29  29  ASN ASN A . n 
A 1 7   VAL 7   30  30  VAL VAL A . n 
A 1 8   THR 8   31  31  THR THR A . n 
A 1 9   CYS 9   32  32  CYS CYS A . n 
A 1 10  ARG 10  33  33  ARG ARG A . n 
A 1 11  TYR 11  34  34  TYR TYR A . n 
A 1 12  ALA 12  35  35  ALA ALA A . n 
A 1 13  GLY 13  36  36  GLY GLY A . n 
A 1 14  VAL 14  37  37  VAL VAL A . n 
A 1 15  PHE 15  38  38  PHE PHE A . n 
A 1 16  HIS 16  39  39  HIS HIS A . n 
A 1 17  VAL 17  40  40  VAL VAL A . n 
A 1 18  GLU 18  41  41  GLU GLU A . n 
A 1 19  LYS 19  42  42  LYS LYS A . n 
A 1 20  ASN 20  43  43  ASN ASN A . n 
A 1 21  GLY 21  44  44  GLY GLY A . n 
A 1 22  ARG 22  45  45  ARG ARG A . n 
A 1 23  TYR 23  46  46  TYR TYR A . n 
A 1 24  SER 24  47  47  SER SER A . n 
A 1 25  ILE 25  48  48  ILE ILE A . n 
A 1 26  SER 26  49  49  SER SER A . n 
A 1 27  ARG 27  50  50  ARG ARG A . n 
A 1 28  THR 28  51  51  THR THR A . n 
A 1 29  GLU 29  52  52  GLU GLU A . n 
A 1 30  ALA 30  53  53  ALA ALA A . n 
A 1 31  ALA 31  54  54  ALA ALA A . n 
A 1 32  ASP 32  55  55  ASP ASP A . n 
A 1 33  LEU 33  56  56  LEU LEU A . n 
A 1 34  CYS 34  57  57  CYS CYS A . n 
A 1 35  GLN 35  58  58  GLN GLN A . n 
A 1 36  ALA 36  59  59  ALA ALA A . n 
A 1 37  PHE 37  60  60  PHE PHE A . n 
A 1 38  ASN 38  61  61  ASN ASN A . n 
A 1 39  SER 39  62  62  SER SER A . n 
A 1 40  THR 40  63  63  THR THR A . n 
A 1 41  LEU 41  64  64  LEU LEU A . n 
A 1 42  PRO 42  65  65  PRO PRO A . n 
A 1 43  THR 43  66  66  THR THR A . n 
A 1 44  MET 44  67  67  MET MET A . n 
A 1 45  ASP 45  68  68  ASP ASP A . n 
A 1 46  GLN 46  69  69  GLN GLN A . n 
A 1 47  MET 47  70  70  MET MET A . n 
A 1 48  LYS 48  71  71  LYS LYS A . n 
A 1 49  LEU 49  72  72  LEU LEU A . n 
A 1 50  ALA 50  73  73  ALA ALA A . n 
A 1 51  LEU 51  74  74  LEU LEU A . n 
A 1 52  SER 52  75  75  SER SER A . n 
A 1 53  LYS 53  76  76  LYS LYS A . n 
A 1 54  GLY 54  77  77  GLY GLY A . n 
A 1 55  PHE 55  78  78  PHE PHE A . n 
A 1 56  GLU 56  79  79  GLU GLU A . n 
A 1 57  THR 57  80  80  THR THR A . n 
A 1 58  CYS 58  81  81  CYS CYS A . n 
A 1 59  ARG 59  82  82  ARG ARG A . n 
A 1 60  TYR 60  83  83  TYR TYR A . n 
A 1 61  GLY 61  84  84  GLY GLY A . n 
A 1 62  PHE 62  85  85  PHE PHE A . n 
A 1 63  ILE 63  86  86  ILE ILE A . n 
A 1 64  GLU 64  87  87  GLU GLU A . n 
A 1 65  GLY 65  88  88  GLY GLY A . n 
A 1 66  ASN 66  89  89  ASN ASN A . n 
A 1 67  VAL 67  90  90  VAL VAL A . n 
A 1 68  VAL 68  91  91  VAL VAL A . n 
A 1 69  ILE 69  92  92  ILE ILE A . n 
A 1 70  PRO 70  93  93  PRO PRO A . n 
A 1 71  ARG 71  94  94  ARG ARG A . n 
A 1 72  ILE 72  95  95  ILE ILE A . n 
A 1 73  HIS 73  96  96  HIS HIS A . n 
A 1 74  PRO 74  97  97  PRO PRO A . n 
A 1 75  ASN 75  98  98  ASN ASN A . n 
A 1 76  ALA 76  99  99  ALA ALA A . n 
A 1 77  ILE 77  100 100 ILE ILE A . n 
A 1 78  CYS 78  101 101 CYS CYS A . n 
A 1 79  ALA 79  102 102 ALA ALA A . n 
A 1 80  ALA 80  103 103 ALA ALA A . n 
A 1 81  ASN 81  104 104 ASN ASN A . n 
A 1 82  HIS 82  105 105 HIS HIS A . n 
A 1 83  THR 83  106 106 THR THR A . n 
A 1 84  GLY 84  107 107 GLY GLY A . n 
A 1 85  VAL 85  108 108 VAL VAL A . n 
A 1 86  TYR 86  109 109 TYR TYR A . n 
A 1 87  ILE 87  110 110 ILE ILE A . n 
A 1 88  LEU 88  111 111 LEU LEU A . n 
A 1 89  VAL 89  112 112 VAL VAL A . n 
A 1 90  THR 90  113 113 THR THR A . n 
A 1 91  SER 91  114 114 SER SER A . n 
A 1 92  ASN 92  115 115 ASN ASN A . n 
A 1 93  THR 93  116 116 THR THR A . n 
A 1 94  SER 94  117 117 SER SER A . n 
A 1 95  HIS 95  118 118 HIS HIS A . n 
A 1 96  TYR 96  119 119 TYR TYR A . n 
A 1 97  ASP 97  120 120 ASP ASP A . n 
A 1 98  THR 98  121 121 THR THR A . n 
A 1 99  TYR 99  122 122 TYR TYR A . n 
A 1 100 CYS 100 123 123 CYS CYS A . n 
A 1 101 PHE 101 124 124 PHE PHE A . n 
A 1 102 ASN 102 125 125 ASN ASN A . n 
A 1 103 ALA 103 126 126 ALA ALA A . n 
A 1 104 SER 104 127 127 SER SER A . n 
A 1 105 ALA 105 128 128 ALA ALA A . n 
A 1 106 PRO 106 129 129 PRO PRO A . n 
A 1 107 PRO 107 130 130 PRO PRO A . n 
A 1 108 GLU 108 131 131 GLU GLU A . n 
A 1 109 GLU 109 132 132 GLU GLU A . n 
A 1 110 ASP 110 133 133 ASP ASP A . n 
A 1 111 CYS 111 134 134 CYS CYS A . n 
A 1 112 THR 112 135 135 THR THR A . n 
A 1 113 SER 113 136 136 SER SER A . n 
A 1 114 VAL 114 137 137 VAL VAL A . n 
A 1 115 THR 115 138 138 THR THR A . n 
A 1 116 ASP 116 139 139 ASP ASP A . n 
A 1 117 LEU 117 140 140 LEU LEU A . n 
A 1 118 PRO 118 141 141 PRO PRO A . n 
A 1 119 ASN 119 142 142 ASN ASN A . n 
A 1 120 SER 120 143 143 SER SER A . n 
A 1 121 PHE 121 144 144 PHE PHE A . n 
A 1 122 ASP 122 145 145 ASP ASP A . n 
A 1 123 GLY 123 146 146 GLY GLY A . n 
A 1 124 PRO 124 147 147 PRO PRO A . n 
A 1 125 VAL 125 148 148 VAL VAL A . n 
A 1 126 THR 126 149 149 THR THR A . n 
A 1 127 ILE 127 150 150 ILE ILE A . n 
A 1 128 THR 128 151 151 THR THR A . n 
A 1 129 ILE 129 152 152 ILE ILE A . n 
A 1 130 VAL 130 153 153 VAL VAL A . n 
A 1 131 ASN 131 154 154 ASN ASN A . n 
A 1 132 ARG 132 155 155 ARG ARG A . n 
A 1 133 ASP 133 156 156 ASP ASP A . n 
A 1 134 GLY 134 157 157 GLY GLY A . n 
A 1 135 THR 135 158 158 THR THR A . n 
A 1 136 ARG 136 159 159 ARG ARG A . n 
A 1 137 TYR 137 160 160 TYR TYR A . n 
A 1 138 SER 138 161 161 SER SER A . n 
A 1 139 LYS 139 162 162 LYS LYS A . n 
A 1 140 LYS 140 163 163 LYS LYS A . n 
A 1 141 GLY 141 164 164 GLY GLY A . n 
A 1 142 GLU 142 165 165 GLU GLU A . n 
A 1 143 TYR 143 166 166 TYR TYR A . n 
A 1 144 ARG 144 167 167 ARG ARG A . n 
A 1 145 THR 145 168 168 THR THR A . n 
A 1 146 HIS 146 169 169 HIS HIS A . n 
A 1 147 GLN 147 170 170 GLN GLN A . n 
A 1 148 GLU 148 171 171 GLU GLU A . n 
A 1 149 ASP 149 172 172 ASP ASP A . n 
A 1 150 ILE 150 173 173 ILE ILE A . n 
# 
loop_
_pdbx_nonpoly_scheme.asym_id 
_pdbx_nonpoly_scheme.entity_id 
_pdbx_nonpoly_scheme.mon_id 
_pdbx_nonpoly_scheme.ndb_seq_num 
_pdbx_nonpoly_scheme.pdb_seq_num 
_pdbx_nonpoly_scheme.auth_seq_num 
_pdbx_nonpoly_scheme.pdb_mon_id 
_pdbx_nonpoly_scheme.auth_mon_id 
_pdbx_nonpoly_scheme.pdb_strand_id 
_pdbx_nonpoly_scheme.pdb_ins_code 
B 2 2CQ 1   201 1   2CQ DRG A . 
C 3 DMS 1   202 1   DMS DMS A . 
D 4 HOH 1   301 1   HOH HOH A . 
D 4 HOH 2   302 2   HOH HOH A . 
D 4 HOH 3   303 3   HOH HOH A . 
D 4 HOH 4   304 4   HOH HOH A . 
D 4 HOH 5   305 5   HOH HOH A . 
D 4 HOH 6   306 6   HOH HOH A . 
D 4 HOH 7   307 7   HOH HOH A . 
D 4 HOH 8   308 8   HOH HOH A . 
D 4 HOH 9   309 9   HOH HOH A . 
D 4 HOH 10  310 10  HOH HOH A . 
D 4 HOH 11  311 11  HOH HOH A . 
D 4 HOH 12  312 12  HOH HOH A . 
D 4 HOH 13  313 13  HOH HOH A . 
D 4 HOH 14  314 14  HOH HOH A . 
D 4 HOH 15  315 15  HOH HOH A . 
D 4 HOH 16  316 16  HOH HOH A . 
D 4 HOH 17  317 17  HOH HOH A . 
D 4 HOH 18  318 18  HOH HOH A . 
D 4 HOH 19  319 19  HOH HOH A . 
D 4 HOH 20  320 20  HOH HOH A . 
D 4 HOH 21  321 21  HOH HOH A . 
D 4 HOH 22  322 22  HOH HOH A . 
D 4 HOH 23  323 23  HOH HOH A . 
D 4 HOH 24  324 24  HOH HOH A . 
D 4 HOH 25  325 25  HOH HOH A . 
D 4 HOH 26  326 26  HOH HOH A . 
D 4 HOH 27  327 27  HOH HOH A . 
D 4 HOH 28  328 28  HOH HOH A . 
D 4 HOH 29  329 29  HOH HOH A . 
D 4 HOH 30  330 30  HOH HOH A . 
D 4 HOH 31  331 31  HOH HOH A . 
D 4 HOH 32  332 32  HOH HOH A . 
D 4 HOH 33  333 33  HOH HOH A . 
D 4 HOH 34  334 34  HOH HOH A . 
D 4 HOH 35  335 35  HOH HOH A . 
D 4 HOH 36  336 36  HOH HOH A . 
D 4 HOH 37  337 37  HOH HOH A . 
D 4 HOH 38  338 38  HOH HOH A . 
D 4 HOH 39  339 39  HOH HOH A . 
D 4 HOH 40  340 40  HOH HOH A . 
D 4 HOH 41  341 41  HOH HOH A . 
D 4 HOH 42  342 42  HOH HOH A . 
D 4 HOH 43  343 43  HOH HOH A . 
D 4 HOH 44  344 44  HOH HOH A . 
D 4 HOH 45  345 45  HOH HOH A . 
D 4 HOH 46  346 46  HOH HOH A . 
D 4 HOH 47  347 47  HOH HOH A . 
D 4 HOH 48  348 48  HOH HOH A . 
D 4 HOH 49  349 49  HOH HOH A . 
D 4 HOH 50  350 50  HOH HOH A . 
D 4 HOH 51  351 51  HOH HOH A . 
D 4 HOH 52  352 52  HOH HOH A . 
D 4 HOH 53  353 53  HOH HOH A . 
D 4 HOH 54  354 54  HOH HOH A . 
D 4 HOH 55  355 55  HOH HOH A . 
D 4 HOH 56  356 56  HOH HOH A . 
D 4 HOH 57  357 57  HOH HOH A . 
D 4 HOH 58  358 58  HOH HOH A . 
D 4 HOH 59  359 59  HOH HOH A . 
D 4 HOH 60  360 60  HOH HOH A . 
D 4 HOH 61  361 61  HOH HOH A . 
D 4 HOH 62  362 62  HOH HOH A . 
D 4 HOH 63  363 63  HOH HOH A . 
D 4 HOH 64  364 64  HOH HOH A . 
D 4 HOH 65  365 65  HOH HOH A . 
D 4 HOH 66  366 66  HOH HOH A . 
D 4 HOH 67  367 67  HOH HOH A . 
D 4 HOH 68  368 68  HOH HOH A . 
D 4 HOH 69  369 69  HOH HOH A . 
D 4 HOH 70  370 70  HOH HOH A . 
D 4 HOH 71  371 71  HOH HOH A . 
D 4 HOH 72  372 72  HOH HOH A . 
D 4 HOH 73  373 73  HOH HOH A . 
D 4 HOH 74  374 74  HOH HOH A . 
D 4 HOH 75  375 75  HOH HOH A . 
D 4 HOH 76  376 76  HOH HOH A . 
D 4 HOH 77  377 77  HOH HOH A . 
D 4 HOH 78  378 78  HOH HOH A . 
D 4 HOH 79  379 79  HOH HOH A . 
D 4 HOH 80  380 80  HOH HOH A . 
D 4 HOH 81  381 81  HOH HOH A . 
D 4 HOH 82  382 82  HOH HOH A . 
D 4 HOH 83  383 83  HOH HOH A . 
D 4 HOH 84  384 84  HOH HOH A . 
D 4 HOH 85  385 85  HOH HOH A . 
D 4 HOH 86  386 86  HOH HOH A . 
D 4 HOH 87  387 87  HOH HOH A . 
D 4 HOH 88  388 88  HOH HOH A . 
D 4 HOH 89  389 89  HOH HOH A . 
D 4 HOH 90  390 90  HOH HOH A . 
D 4 HOH 91  391 91  HOH HOH A . 
D 4 HOH 92  392 92  HOH HOH A . 
D 4 HOH 93  393 93  HOH HOH A . 
D 4 HOH 94  394 94  HOH HOH A . 
D 4 HOH 95  395 95  HOH HOH A . 
D 4 HOH 96  396 96  HOH HOH A . 
D 4 HOH 97  397 97  HOH HOH A . 
D 4 HOH 98  398 98  HOH HOH A . 
D 4 HOH 99  399 99  HOH HOH A . 
D 4 HOH 100 400 100 HOH HOH A . 
D 4 HOH 101 401 101 HOH HOH A . 
D 4 HOH 102 402 102 HOH HOH A . 
D 4 HOH 103 403 103 HOH HOH A . 
D 4 HOH 104 404 104 HOH HOH A . 
D 4 HOH 105 405 105 HOH HOH A . 
D 4 HOH 106 406 106 HOH HOH A . 
D 4 HOH 107 407 107 HOH HOH A . 
D 4 HOH 108 408 108 HOH HOH A . 
D 4 HOH 109 409 109 HOH HOH A . 
D 4 HOH 110 410 110 HOH HOH A . 
D 4 HOH 111 411 111 HOH HOH A . 
D 4 HOH 112 412 112 HOH HOH A . 
D 4 HOH 113 413 113 HOH HOH A . 
D 4 HOH 114 414 114 HOH HOH A . 
D 4 HOH 115 415 115 HOH HOH A . 
D 4 HOH 116 416 116 HOH HOH A . 
D 4 HOH 117 417 117 HOH HOH A . 
D 4 HOH 118 418 118 HOH HOH A . 
D 4 HOH 119 419 119 HOH HOH A . 
D 4 HOH 120 420 120 HOH HOH A . 
D 4 HOH 121 421 121 HOH HOH A . 
D 4 HOH 122 422 122 HOH HOH A . 
D 4 HOH 123 423 123 HOH HOH A . 
# 
loop_
_software.pdbx_ordinal 
_software.name 
_software.version 
_software.date 
_software.type 
_software.contact_author 
_software.contact_author_email 
_software.classification 
_software.location 
_software.language 
_software.citation_id 
1 SCALA       3.3.16 2010/01/06                 other   'Phil R. Evans'      pre@mrc-lmb.cam.ac.uk       'data scaling'    
http://www.ccp4.ac.uk/dist/html/scala.html   Fortran_77 ? 
2 PHASER      2.1.4  'Wed Jun 16 18:01:28 2010' program 'Randy J. Read'      cimr-phaser@lists.cam.ac.uk phasing           
http://www-structmed.cimr.cam.ac.uk/phaser/  ?          ? 
3 REFMAC      .      ?                          program 'Garib N. Murshudov' garib@ysbl.york.ac.uk       refinement        
http://www.ccp4.ac.uk/dist/html/refmac5.html Fortran_77 ? 
4 PDB_EXTRACT 3.11   'April 22, 2011'           package PDB                  deposit@deposit.rcsb.org    'data extraction' 
http://sw-tools.pdb.org/apps/PDB_EXTRACT/    C++        ? 
5 JDirector   .      ?                          ?       ?                    ?                           'data collection' ? ? ? 
6 XDS         .      ?                          ?       ?                    ?                           'data reduction'  ? ? ? 
# 
_cell.length_a           30.987 
_cell.length_b           81.744 
_cell.length_c           32.236 
_cell.angle_alpha        90.000 
_cell.angle_beta         118.210 
_cell.angle_gamma        90.000 
_cell.entry_id           4MRH 
_cell.pdbx_unique_axis   ? 
_cell.Z_PDB              2 
_cell.length_a_esd       ? 
_cell.length_b_esd       ? 
_cell.length_c_esd       ? 
_cell.angle_alpha_esd    ? 
_cell.angle_beta_esd     ? 
_cell.angle_gamma_esd    ? 
# 
_symmetry.space_group_name_H-M             'P 1 21 1' 
_symmetry.entry_id                         4MRH 
_symmetry.Int_Tables_number                4 
_symmetry.pdbx_full_space_group_name_H-M   ? 
_symmetry.cell_setting                     ? 
_symmetry.space_group_name_Hall            ? 
# 
_exptl.crystals_number   1 
_exptl.entry_id          4MRH 
_exptl.method            'X-RAY DIFFRACTION' 
# 
_exptl_crystal.id                    1 
_exptl_crystal.density_Matthews      2.15 
_exptl_crystal.density_meas          ? 
_exptl_crystal.density_percent_sol   42.82 
_exptl_crystal.description           ? 
_exptl_crystal.F_000                 ? 
_exptl_crystal.preparation           ? 
# 
_exptl_crystal_grow.crystal_id      1 
_exptl_crystal_grow.method          'VAPOR DIFFUSION, HANGING DROP' 
_exptl_crystal_grow.pH              6.5 
_exptl_crystal_grow.temp            298 
_exptl_crystal_grow.pdbx_details    
'30% PEG MME 5000, 100 mM MES, 200 mM (NH4)2SO4, pH 6.5, VAPOR DIFFUSION, HANGING DROP, temperature 298K' 
_exptl_crystal_grow.temp_details    ? 
_exptl_crystal_grow.pdbx_pH_range   ? 
# 
_diffrn.id                     1 
_diffrn.ambient_temp           100 
_diffrn.ambient_temp_details   ? 
_diffrn.crystal_id             1 
# 
_diffrn_detector.diffrn_id              1 
_diffrn_detector.detector               PIXEL 
_diffrn_detector.type                   'DECTRIS PILATUS 6M' 
_diffrn_detector.pdbx_collection_date   2012-11-17 
_diffrn_detector.details                ? 
# 
_diffrn_radiation.diffrn_id                        1 
_diffrn_radiation.pdbx_diffrn_protocol             'SINGLE WAVELENGTH' 
_diffrn_radiation.monochromator                    'Si(111)' 
_diffrn_radiation.wavelength_id                    1 
_diffrn_radiation.pdbx_monochromatic_or_laue_m_l   M 
_diffrn_radiation.pdbx_scattering_type             x-ray 
# 
_diffrn_radiation_wavelength.id           1 
_diffrn_radiation_wavelength.wavelength   1.000 
_diffrn_radiation_wavelength.wt           1.0 
# 
_diffrn_source.diffrn_id                   1 
_diffrn_source.source                      SYNCHROTRON 
_diffrn_source.type                        'APS BEAMLINE 17-ID' 
_diffrn_source.pdbx_wavelength_list        1.000 
_diffrn_source.pdbx_wavelength             ? 
_diffrn_source.pdbx_synchrotron_site       APS 
_diffrn_source.pdbx_synchrotron_beamline   17-ID 
# 
_reflns.entry_id                     4MRH 
_reflns.d_resolution_high            1.12 
_reflns.d_resolution_low             81.74 
_reflns.number_all                   53169 
_reflns.number_obs                   52863 
_reflns.pdbx_netI_over_sigmaI        16.7 
_reflns.pdbx_Rsym_value              0.049 
_reflns.pdbx_redundancy              3.2 
_reflns.percent_possible_obs         97.7 
_reflns.observed_criterion_sigma_F   ? 
_reflns.observed_criterion_sigma_I   ? 
_reflns.pdbx_Rmerge_I_obs            0.036 
_reflns.B_iso_Wilson_estimate        12.2 
_reflns.R_free_details               ? 
_reflns.limit_h_max                  ? 
_reflns.limit_h_min                  ? 
_reflns.limit_k_max                  ? 
_reflns.limit_k_min                  ? 
_reflns.limit_l_max                  ? 
_reflns.limit_l_min                  ? 
_reflns.observed_criterion_F_max     ? 
_reflns.observed_criterion_F_min     ? 
_reflns.pdbx_chi_squared             ? 
_reflns.pdbx_scaling_rejects         ? 
_reflns.pdbx_ordinal                 1 
_reflns.pdbx_diffrn_id               1 
# 
loop_
_reflns_shell.d_res_high 
_reflns_shell.d_res_low 
_reflns_shell.number_measured_obs 
_reflns_shell.number_measured_all 
_reflns_shell.number_unique_obs 
_reflns_shell.Rmerge_I_obs 
_reflns_shell.meanI_over_sigI_obs 
_reflns_shell.pdbx_Rsym_value 
_reflns_shell.pdbx_chi_squared 
_reflns_shell.pdbx_redundancy 
_reflns_shell.percent_possible_obs 
_reflns_shell.number_unique_all 
_reflns_shell.percent_possible_all 
_reflns_shell.pdbx_ordinal 
_reflns_shell.pdbx_diffrn_id 
1.120 1.180  ? 22086 ? 0.159 4.500  0.159 ? 3.000 ? 7454 94.700 1  1 
1.180 1.250  ? 23779 ? 0.129 5.400  0.129 ? 3.300 ? 7245 97.000 2  1 
1.250 1.340  ? 22928 ? 0.101 7.000  0.101 ? 3.300 ? 6851 97.700 3  1 
1.340 1.450  ? 20966 ? 0.082 8.600  0.082 ? 3.300 ? 6397 98.000 4  1 
1.450 1.580  ? 19598 ? 0.057 12.100 0.057 ? 3.300 ? 5900 98.500 5  1 
1.580 1.770  ? 17430 ? 0.046 14.800 0.046 ? 3.200 ? 5385 98.800 6  1 
1.770 2.040  ? 15462 ? 0.036 17.500 0.036 ? 3.200 ? 4783 99.200 7  1 
2.040 2.500  ? 12624 ? 0.031 19.900 0.031 ? 3.100 ? 4027 98.900 8  1 
2.500 3.540  ? 9866  ? 0.028 20.700 0.028 ? 3.200 ? 3102 98.500 9  1 
3.540 81.744 ? 5470  ? 0.026 23.100 0.026 ? 3.200 ? 1719 97.600 10 1 
# 
_refine.entry_id                                 4MRH 
_refine.ls_d_res_high                            1.12 
_refine.ls_d_res_low                             40.87 
_refine.pdbx_ls_sigma_F                          ? 
_refine.pdbx_data_cutoff_high_absF               ? 
_refine.pdbx_data_cutoff_low_absF                ? 
_refine.ls_percent_reflns_obs                    97.5 
_refine.ls_number_reflns_obs                     52824 
_refine.ls_number_reflns_all                     ? 
_refine.pdbx_ls_cross_valid_method               THROUGHOUT 
_refine.pdbx_R_Free_selection_details            RANDOM 
_refine.details                                  
'HYDROGENS HAVE BEEN ADDED IN THE RIDING POSITIONS U VALUES      : REFINED INDIVIDUALLY' 
_refine.ls_R_factor_all                          ? 
_refine.ls_R_factor_obs                          0.1699 
_refine.ls_R_factor_R_work                       0.1691 
_refine.ls_wR_factor_R_work                      0.1742 
_refine.ls_R_factor_R_free                       0.1838 
_refine.ls_wR_factor_R_free                      0.1911 
_refine.ls_percent_reflns_R_free                 5.1000 
_refine.ls_number_reflns_R_free                  2706 
_refine.ls_R_factor_R_free_error                 ? 
_refine.B_iso_mean                               11.8071 
_refine.solvent_model_param_bsol                 ? 
_refine.solvent_model_param_ksol                 ? 
_refine.pdbx_isotropic_thermal_model             ? 
_refine.aniso_B[1][1]                            -0.1400 
_refine.aniso_B[2][2]                            -0.0200 
_refine.aniso_B[3][3]                            -0.1600 
_refine.aniso_B[1][2]                            -0.0000 
_refine.aniso_B[1][3]                            -0.3400 
_refine.aniso_B[2][3]                            0.0000 
_refine.correlation_coeff_Fo_to_Fc               0.9690 
_refine.correlation_coeff_Fo_to_Fc_free          0.9600 
_refine.overall_SU_R_Cruickshank_DPI             0.0340 
_refine.overall_SU_R_free                        0.0348 
_refine.pdbx_overall_ESU_R                       0.0340 
_refine.pdbx_overall_ESU_R_Free                  0.0350 
_refine.overall_SU_ML                            0.0220 
_refine.overall_SU_B                             0.4410 
_refine.solvent_model_details                    MASK 
_refine.pdbx_solvent_vdw_probe_radii             1.4000 
_refine.pdbx_solvent_ion_probe_radii             0.8000 
_refine.pdbx_solvent_shrinkage_radii             0.8000 
_refine.ls_number_parameters                     ? 
_refine.ls_number_restraints                     ? 
_refine.pdbx_starting_model                      'pdb entry 2JCP' 
_refine.pdbx_method_to_determine_struct          'MOLECULAR REPLACEMENT' 
_refine.pdbx_stereochemistry_target_values       'MAXIMUM LIKELIHOOD' 
_refine.pdbx_stereochem_target_val_spec_case     ? 
_refine.overall_FOM_work_R_set                   0.9030 
_refine.B_iso_max                                37.990 
_refine.B_iso_min                                4.440 
_refine.pdbx_overall_phase_error                 ? 
_refine.occupancy_max                            1.000 
_refine.occupancy_min                            0.500 
_refine.pdbx_ls_sigma_I                          ? 
_refine.ls_redundancy_reflns_obs                 ? 
_refine.ls_R_factor_R_free_error_details         ? 
_refine.pdbx_data_cutoff_high_rms_absF           ? 
_refine.overall_FOM_free_R_set                   ? 
_refine.pdbx_diffrn_id                           1 
_refine.pdbx_refine_id                           'X-RAY DIFFRACTION' 
_refine.pdbx_TLS_residual_ADP_flag               ? 
_refine.pdbx_overall_SU_R_free_Cruickshank_DPI   ? 
_refine.pdbx_overall_SU_R_Blow_DPI               ? 
_refine.pdbx_overall_SU_R_free_Blow_DPI          ? 
# 
_refine_hist.pdbx_refine_id                   'X-RAY DIFFRACTION' 
_refine_hist.cycle_id                         LAST 
_refine_hist.pdbx_number_atoms_protein        1171 
_refine_hist.pdbx_number_atoms_nucleic_acid   0 
_refine_hist.pdbx_number_atoms_ligand         14 
_refine_hist.number_atoms_solvent             123 
_refine_hist.number_atoms_total               1308 
_refine_hist.d_res_high                       1.12 
_refine_hist.d_res_low                        40.87 
# 
loop_
_refine_ls_restr.type 
_refine_ls_restr.number 
_refine_ls_restr.dev_ideal 
_refine_ls_restr.dev_ideal_target 
_refine_ls_restr.weight 
_refine_ls_restr.pdbx_restraint_function 
_refine_ls_restr.pdbx_refine_id 
r_bond_refined_d       1274 0.014  0.022  ? ? 'X-RAY DIFFRACTION' 
r_angle_refined_deg    1745 1.541  1.953  ? ? 'X-RAY DIFFRACTION' 
r_dihedral_angle_1_deg 163  7.314  5.000  ? ? 'X-RAY DIFFRACTION' 
r_dihedral_angle_2_deg 61   34.343 23.607 ? ? 'X-RAY DIFFRACTION' 
r_dihedral_angle_3_deg 202  11.029 15.000 ? ? 'X-RAY DIFFRACTION' 
r_dihedral_angle_4_deg 10   19.484 15.000 ? ? 'X-RAY DIFFRACTION' 
r_chiral_restr         194  0.104  0.200  ? ? 'X-RAY DIFFRACTION' 
r_gen_planes_refined   1004 0.009  0.021  ? ? 'X-RAY DIFFRACTION' 
r_mcbond_it            787  0.935  1.500  ? ? 'X-RAY DIFFRACTION' 
r_mcangle_it           1292 1.628  2.000  ? ? 'X-RAY DIFFRACTION' 
r_scbond_it            487  2.423  3.000  ? ? 'X-RAY DIFFRACTION' 
r_scangle_it           452  3.812  4.500  ? ? 'X-RAY DIFFRACTION' 
# 
_refine_ls_shell.d_res_high                       1.1200 
_refine_ls_shell.d_res_low                        1.1490 
_refine_ls_shell.pdbx_total_number_of_bins_used   20 
_refine_ls_shell.percent_reflns_obs               92.24 
_refine_ls_shell.number_reflns_R_work             3501 
_refine_ls_shell.R_factor_all                     ? 
_refine_ls_shell.R_factor_R_work                  0.1980 
_refine_ls_shell.R_factor_R_free                  0.2200 
_refine_ls_shell.percent_reflns_R_free            ? 
_refine_ls_shell.number_reflns_R_free             186 
_refine_ls_shell.R_factor_R_free_error            ? 
_refine_ls_shell.number_reflns_all                3687 
_refine_ls_shell.number_reflns_obs                3501 
_refine_ls_shell.redundancy_reflns_obs            ? 
_refine_ls_shell.pdbx_refine_id                   'X-RAY DIFFRACTION' 
# 
_struct.entry_id                  4MRH 
_struct.title                     'Crystal structure of the murine CD44 hyaluronan binding domain complex with a small molecule' 
_struct.pdbx_model_details        ? 
_struct.pdbx_CASP_flag            ? 
_struct.pdbx_model_type_details   ? 
# 
_struct_keywords.entry_id        4MRH 
_struct_keywords.text            'Link module, Cell receptor, Hyaluronan binding, Cell surface, Cell adhesion-inhibitor complex' 
_struct_keywords.pdbx_keywords   'Cell adhesion/inhibitor' 
# 
loop_
_struct_asym.id 
_struct_asym.pdbx_blank_PDB_chainid_flag 
_struct_asym.pdbx_modified 
_struct_asym.entity_id 
_struct_asym.details 
A N N 1 ? 
B N N 2 ? 
C N N 3 ? 
D N N 4 ? 
# 
_struct_ref.id                         1 
_struct_ref.db_name                    UNP 
_struct_ref.db_code                    CD44_MOUSE 
_struct_ref.pdbx_db_accession          P15379 
_struct_ref.entity_id                  1 
_struct_ref.pdbx_seq_one_letter_code   
;QIDLNVTCRYAGVFHVEKNGRYSISRTEAADLCQAFNSTLPTMDQMKLALSKGFETCRYGFIEGNVVIPRIHPNAICAAN
HTGVYILVTSNTSHYDTYCFNASAPPEEDCTSVTDLPNSFDGPVTITIVNRDGTRYSKKGEYRTHQEDI
;
_struct_ref.pdbx_align_begin           23 
_struct_ref.pdbx_db_isoform            ? 
# 
_struct_ref_seq.align_id                      1 
_struct_ref_seq.ref_id                        1 
_struct_ref_seq.pdbx_PDB_id_code              4MRH 
_struct_ref_seq.pdbx_strand_id                A 
_struct_ref_seq.seq_align_beg                 2 
_struct_ref_seq.pdbx_seq_align_beg_ins_code   ? 
_struct_ref_seq.seq_align_end                 150 
_struct_ref_seq.pdbx_seq_align_end_ins_code   ? 
_struct_ref_seq.pdbx_db_accession             P15379 
_struct_ref_seq.db_align_beg                  23 
_struct_ref_seq.pdbx_db_align_beg_ins_code    ? 
_struct_ref_seq.db_align_end                  171 
_struct_ref_seq.pdbx_db_align_end_ins_code    ? 
_struct_ref_seq.pdbx_auth_seq_align_beg       25 
_struct_ref_seq.pdbx_auth_seq_align_end       173 
# 
_struct_ref_seq_dif.align_id                     1 
_struct_ref_seq_dif.pdbx_pdb_id_code             4MRH 
_struct_ref_seq_dif.mon_id                       ASN 
_struct_ref_seq_dif.pdbx_pdb_strand_id           A 
_struct_ref_seq_dif.seq_num                      1 
_struct_ref_seq_dif.pdbx_pdb_ins_code            ? 
_struct_ref_seq_dif.pdbx_seq_db_name             UNP 
_struct_ref_seq_dif.pdbx_seq_db_accession_code   P15379 
_struct_ref_seq_dif.db_mon_id                    ? 
_struct_ref_seq_dif.pdbx_seq_db_seq_num          ? 
_struct_ref_seq_dif.details                      'expression tag' 
_struct_ref_seq_dif.pdbx_auth_seq_num            24 
_struct_ref_seq_dif.pdbx_ordinal                 1 
# 
_pdbx_struct_assembly.id                   1 
_pdbx_struct_assembly.details              author_and_software_defined_assembly 
_pdbx_struct_assembly.method_details       PISA 
_pdbx_struct_assembly.oligomeric_details   monomeric 
_pdbx_struct_assembly.oligomeric_count     1 
# 
_pdbx_struct_assembly_gen.assembly_id       1 
_pdbx_struct_assembly_gen.oper_expression   1 
_pdbx_struct_assembly_gen.asym_id_list      A,B,C,D 
# 
_pdbx_struct_oper_list.id                   1 
_pdbx_struct_oper_list.type                 'identity operation' 
_pdbx_struct_oper_list.name                 1_555 
_pdbx_struct_oper_list.symmetry_operation   x,y,z 
_pdbx_struct_oper_list.matrix[1][1]         1.0000000000 
_pdbx_struct_oper_list.matrix[1][2]         0.0000000000 
_pdbx_struct_oper_list.matrix[1][3]         0.0000000000 
_pdbx_struct_oper_list.vector[1]            0.0000000000 
_pdbx_struct_oper_list.matrix[2][1]         0.0000000000 
_pdbx_struct_oper_list.matrix[2][2]         1.0000000000 
_pdbx_struct_oper_list.matrix[2][3]         0.0000000000 
_pdbx_struct_oper_list.vector[2]            0.0000000000 
_pdbx_struct_oper_list.matrix[3][1]         0.0000000000 
_pdbx_struct_oper_list.matrix[3][2]         0.0000000000 
_pdbx_struct_oper_list.matrix[3][3]         1.0000000000 
_pdbx_struct_oper_list.vector[3]            0.0000000000 
# 
_struct_biol.id        1 
_struct_biol.details   ? 
# 
loop_
_struct_conf.conf_type_id 
_struct_conf.id 
_struct_conf.pdbx_PDB_helix_id 
_struct_conf.beg_label_comp_id 
_struct_conf.beg_label_asym_id 
_struct_conf.beg_label_seq_id 
_struct_conf.pdbx_beg_PDB_ins_code 
_struct_conf.end_label_comp_id 
_struct_conf.end_label_asym_id 
_struct_conf.end_label_seq_id 
_struct_conf.pdbx_end_PDB_ins_code 
_struct_conf.beg_auth_comp_id 
_struct_conf.beg_auth_asym_id 
_struct_conf.beg_auth_seq_id 
_struct_conf.end_auth_comp_id 
_struct_conf.end_auth_asym_id 
_struct_conf.end_auth_seq_id 
_struct_conf.pdbx_PDB_helix_class 
_struct_conf.details 
_struct_conf.pdbx_PDB_helix_length 
HELX_P HELX_P1 1 SER A 26  ? PHE A 37  ? SER A 49  PHE A 60  1 ? 12 
HELX_P HELX_P2 2 THR A 43  ? LYS A 53  ? THR A 66  LYS A 76  1 ? 11 
HELX_P HELX_P3 3 CYS A 78  ? HIS A 82  ? CYS A 101 HIS A 105 5 ? 5  
HELX_P HELX_P4 4 HIS A 146 ? ILE A 150 ? HIS A 169 ILE A 173 5 ? 5  
# 
_struct_conf_type.id          HELX_P 
_struct_conf_type.criteria    ? 
_struct_conf_type.reference   ? 
# 
loop_
_struct_conn.id 
_struct_conn.conn_type_id 
_struct_conn.pdbx_leaving_atom_flag 
_struct_conn.pdbx_PDB_id 
_struct_conn.ptnr1_label_asym_id 
_struct_conn.ptnr1_label_comp_id 
_struct_conn.ptnr1_label_seq_id 
_struct_conn.ptnr1_label_atom_id 
_struct_conn.pdbx_ptnr1_label_alt_id 
_struct_conn.pdbx_ptnr1_PDB_ins_code 
_struct_conn.pdbx_ptnr1_standard_comp_id 
_struct_conn.ptnr1_symmetry 
_struct_conn.ptnr2_label_asym_id 
_struct_conn.ptnr2_label_comp_id 
_struct_conn.ptnr2_label_seq_id 
_struct_conn.ptnr2_label_atom_id 
_struct_conn.pdbx_ptnr2_label_alt_id 
_struct_conn.pdbx_ptnr2_PDB_ins_code 
_struct_conn.ptnr1_auth_asym_id 
_struct_conn.ptnr1_auth_comp_id 
_struct_conn.ptnr1_auth_seq_id 
_struct_conn.ptnr2_auth_asym_id 
_struct_conn.ptnr2_auth_comp_id 
_struct_conn.ptnr2_auth_seq_id 
_struct_conn.ptnr2_symmetry 
_struct_conn.pdbx_ptnr3_label_atom_id 
_struct_conn.pdbx_ptnr3_label_seq_id 
_struct_conn.pdbx_ptnr3_label_comp_id 
_struct_conn.pdbx_ptnr3_label_asym_id 
_struct_conn.pdbx_ptnr3_label_alt_id 
_struct_conn.pdbx_ptnr3_PDB_ins_code 
_struct_conn.details 
_struct_conn.pdbx_dist_value 
_struct_conn.pdbx_value_order 
_struct_conn.pdbx_role 
disulf1 disulf ? ? A CYS 9  SG ? ? ? 1_555 A CYS 111 SG ? ? A CYS 32 A CYS 134 1_555 ? ? ? ? ? ? ? 2.070 ? ? 
disulf2 disulf ? ? A CYS 34 SG ? ? ? 1_555 A CYS 100 SG ? ? A CYS 57 A CYS 123 1_555 ? ? ? ? ? ? ? 2.119 ? ? 
disulf3 disulf ? ? A CYS 58 SG ? ? ? 1_555 A CYS 78  SG ? ? A CYS 81 A CYS 101 1_555 ? ? ? ? ? ? ? 2.045 ? ? 
# 
_struct_conn_type.id          disulf 
_struct_conn_type.criteria    ? 
_struct_conn_type.reference   ? 
# 
loop_
_pdbx_modification_feature.ordinal 
_pdbx_modification_feature.label_comp_id 
_pdbx_modification_feature.label_asym_id 
_pdbx_modification_feature.label_seq_id 
_pdbx_modification_feature.label_alt_id 
_pdbx_modification_feature.modified_residue_label_comp_id 
_pdbx_modification_feature.modified_residue_label_asym_id 
_pdbx_modification_feature.modified_residue_label_seq_id 
_pdbx_modification_feature.modified_residue_label_alt_id 
_pdbx_modification_feature.auth_comp_id 
_pdbx_modification_feature.auth_asym_id 
_pdbx_modification_feature.auth_seq_id 
_pdbx_modification_feature.PDB_ins_code 
_pdbx_modification_feature.symmetry 
_pdbx_modification_feature.modified_residue_auth_comp_id 
_pdbx_modification_feature.modified_residue_auth_asym_id 
_pdbx_modification_feature.modified_residue_auth_seq_id 
_pdbx_modification_feature.modified_residue_PDB_ins_code 
_pdbx_modification_feature.modified_residue_symmetry 
_pdbx_modification_feature.comp_id_linking_atom 
_pdbx_modification_feature.modified_residue_id_linking_atom 
_pdbx_modification_feature.modified_residue_id 
_pdbx_modification_feature.ref_pcm_id 
_pdbx_modification_feature.ref_comp_id 
_pdbx_modification_feature.type 
_pdbx_modification_feature.category 
1 CYS A 9  ? CYS A 111 ? CYS A 32 ? 1_555 CYS A 134 ? 1_555 SG SG . . . None 'Disulfide bridge' 
2 CYS A 34 ? CYS A 100 ? CYS A 57 ? 1_555 CYS A 123 ? 1_555 SG SG . . . None 'Disulfide bridge' 
3 CYS A 58 ? CYS A 78  ? CYS A 81 ? 1_555 CYS A 101 ? 1_555 SG SG . . . None 'Disulfide bridge' 
# 
loop_
_struct_sheet.id 
_struct_sheet.type 
_struct_sheet.number_strands 
_struct_sheet.details 
A ? 8 ? 
B ? 2 ? 
# 
loop_
_struct_sheet_order.sheet_id 
_struct_sheet_order.range_id_1 
_struct_sheet_order.range_id_2 
_struct_sheet_order.offset 
_struct_sheet_order.sense 
A 1 2 ? anti-parallel 
A 2 3 ? anti-parallel 
A 3 4 ? parallel      
A 4 5 ? anti-parallel 
A 5 6 ? anti-parallel 
A 6 7 ? parallel      
A 7 8 ? anti-parallel 
B 1 2 ? anti-parallel 
# 
loop_
_struct_sheet_range.sheet_id 
_struct_sheet_range.id 
_struct_sheet_range.beg_label_comp_id 
_struct_sheet_range.beg_label_asym_id 
_struct_sheet_range.beg_label_seq_id 
_struct_sheet_range.pdbx_beg_PDB_ins_code 
_struct_sheet_range.end_label_comp_id 
_struct_sheet_range.end_label_asym_id 
_struct_sheet_range.end_label_seq_id 
_struct_sheet_range.pdbx_end_PDB_ins_code 
_struct_sheet_range.beg_auth_comp_id 
_struct_sheet_range.beg_auth_asym_id 
_struct_sheet_range.beg_auth_seq_id 
_struct_sheet_range.end_auth_comp_id 
_struct_sheet_range.end_auth_asym_id 
_struct_sheet_range.end_auth_seq_id 
A 1 GLY A 84  ? ILE A 87  ? GLY A 107 ILE A 110 
A 2 VAL A 67  ? ARG A 71  ? VAL A 90  ARG A 94  
A 3 GLY A 61  ? PHE A 62  ? GLY A 84  PHE A 85  
A 4 ASP A 97  ? PHE A 101 ? ASP A 120 PHE A 124 
A 5 VAL A 14  ? LYS A 19  ? VAL A 37  LYS A 42  
A 6 GLN A 2   ? VAL A 7   ? GLN A 25  VAL A 30  
A 7 PHE A 121 ? ASN A 131 ? PHE A 144 ASN A 154 
A 8 ARG A 136 ? GLU A 142 ? ARG A 159 GLU A 165 
B 1 ARG A 10  ? TYR A 11  ? ARG A 33  TYR A 34  
B 2 GLU A 109 ? ASP A 110 ? GLU A 132 ASP A 133 
# 
loop_
_pdbx_struct_sheet_hbond.sheet_id 
_pdbx_struct_sheet_hbond.range_id_1 
_pdbx_struct_sheet_hbond.range_id_2 
_pdbx_struct_sheet_hbond.range_1_label_atom_id 
_pdbx_struct_sheet_hbond.range_1_label_comp_id 
_pdbx_struct_sheet_hbond.range_1_label_asym_id 
_pdbx_struct_sheet_hbond.range_1_label_seq_id 
_pdbx_struct_sheet_hbond.range_1_PDB_ins_code 
_pdbx_struct_sheet_hbond.range_1_auth_atom_id 
_pdbx_struct_sheet_hbond.range_1_auth_comp_id 
_pdbx_struct_sheet_hbond.range_1_auth_asym_id 
_pdbx_struct_sheet_hbond.range_1_auth_seq_id 
_pdbx_struct_sheet_hbond.range_2_label_atom_id 
_pdbx_struct_sheet_hbond.range_2_label_comp_id 
_pdbx_struct_sheet_hbond.range_2_label_asym_id 
_pdbx_struct_sheet_hbond.range_2_label_seq_id 
_pdbx_struct_sheet_hbond.range_2_PDB_ins_code 
_pdbx_struct_sheet_hbond.range_2_auth_atom_id 
_pdbx_struct_sheet_hbond.range_2_auth_comp_id 
_pdbx_struct_sheet_hbond.range_2_auth_asym_id 
_pdbx_struct_sheet_hbond.range_2_auth_seq_id 
A 1 2 O GLY A 84  ? O GLY A 107 N ARG A 71  ? N ARG A 94  
A 2 3 O VAL A 68  ? O VAL A 91  N GLY A 61  ? N GLY A 84  
A 3 4 N PHE A 62  ? N PHE A 85  O TYR A 99  ? O TYR A 122 
A 4 5 O THR A 98  ? O THR A 121 N VAL A 17  ? N VAL A 40  
A 5 6 O GLU A 18  ? O GLU A 41  N ASN A 6   ? N ASN A 29  
A 6 7 N LEU A 5   ? N LEU A 28  O THR A 128 ? O THR A 151 
A 7 8 N ILE A 129 ? N ILE A 152 O TYR A 137 ? O TYR A 160 
B 1 2 N ARG A 10  ? N ARG A 33  O ASP A 110 ? O ASP A 133 
# 
loop_
_struct_site.id 
_struct_site.pdbx_evidence_code 
_struct_site.pdbx_auth_asym_id 
_struct_site.pdbx_auth_comp_id 
_struct_site.pdbx_auth_seq_id 
_struct_site.pdbx_auth_ins_code 
_struct_site.pdbx_num_residues 
_struct_site.details 
AC1 Software A 2CQ 201 ? 4 'BINDING SITE FOR RESIDUE 2CQ A 201' 
AC2 Software A DMS 202 ? 9 'BINDING SITE FOR RESIDUE DMS A 202' 
# 
loop_
_struct_site_gen.id 
_struct_site_gen.site_id 
_struct_site_gen.pdbx_num_res 
_struct_site_gen.label_comp_id 
_struct_site_gen.label_asym_id 
_struct_site_gen.label_seq_id 
_struct_site_gen.pdbx_auth_ins_code 
_struct_site_gen.auth_comp_id 
_struct_site_gen.auth_asym_id 
_struct_site_gen.auth_seq_id 
_struct_site_gen.label_atom_id 
_struct_site_gen.label_alt_id 
_struct_site_gen.symmetry 
_struct_site_gen.details 
1  AC1 4 ARG A 10  ? ARG A 33  . ? 1_555 ? 
2  AC1 4 PHE A 37  ? PHE A 60  . ? 1_555 ? 
3  AC1 4 SER A 113 ? SER A 136 . ? 1_555 ? 
4  AC1 4 THR A 115 ? THR A 138 . ? 1_555 ? 
5  AC2 9 CYS A 9   ? CYS A 32  . ? 1_555 ? 
6  AC2 9 ASN A 66  ? ASN A 89  . ? 1_554 ? 
7  AC2 9 CYS A 111 ? CYS A 134 . ? 1_555 ? 
8  AC2 9 THR A 112 ? THR A 135 . ? 1_555 ? 
9  AC2 9 SER A 113 ? SER A 136 . ? 1_555 ? 
10 AC2 9 ARG A 132 ? ARG A 155 . ? 1_555 ? 
11 AC2 9 ASP A 133 ? ASP A 156 . ? 1_555 ? 
12 AC2 9 HOH D .   ? HOH A 304 . ? 1_555 ? 
13 AC2 9 HOH D .   ? HOH A 314 . ? 1_555 ? 
# 
_pdbx_entry_details.entry_id                   4MRH 
_pdbx_entry_details.compound_details           ? 
_pdbx_entry_details.source_details             ? 
_pdbx_entry_details.nonpolymer_details         ? 
_pdbx_entry_details.sequence_details           ? 
_pdbx_entry_details.has_ligand_of_interest     ? 
_pdbx_entry_details.has_protein_modification   Y 
# 
loop_
_pdbx_validate_torsion.id 
_pdbx_validate_torsion.PDB_model_num 
_pdbx_validate_torsion.auth_comp_id 
_pdbx_validate_torsion.auth_asym_id 
_pdbx_validate_torsion.auth_seq_id 
_pdbx_validate_torsion.PDB_ins_code 
_pdbx_validate_torsion.label_alt_id 
_pdbx_validate_torsion.phi 
_pdbx_validate_torsion.psi 
1 1 CYS A 32  ? ? -47.28  154.95  
2 1 SER A 47  ? ? -156.09 12.63   
3 1 GLU A 131 ? ? -118.53 -132.37 
# 
_pdbx_phasing_MR.entry_id                     4MRH 
_pdbx_phasing_MR.method_rotation              ? 
_pdbx_phasing_MR.method_translation           ? 
_pdbx_phasing_MR.model_details                'Phaser MODE: MR_AUTO' 
_pdbx_phasing_MR.R_factor                     29.910 
_pdbx_phasing_MR.R_rigid_body                 ? 
_pdbx_phasing_MR.correlation_coeff_Fo_to_Fc   ? 
_pdbx_phasing_MR.correlation_coeff_Io_to_Ic   ? 
_pdbx_phasing_MR.d_res_high_rotation          2.500 
_pdbx_phasing_MR.d_res_low_rotation           40.870 
_pdbx_phasing_MR.d_res_high_translation       2.500 
_pdbx_phasing_MR.d_res_low_translation        40.870 
_pdbx_phasing_MR.packing                      ? 
_pdbx_phasing_MR.reflns_percent_rotation      ? 
_pdbx_phasing_MR.reflns_percent_translation   ? 
_pdbx_phasing_MR.sigma_F_rotation             ? 
_pdbx_phasing_MR.sigma_F_translation          ? 
_pdbx_phasing_MR.sigma_I_rotation             ? 
_pdbx_phasing_MR.sigma_I_translation          ? 
# 
_phasing.method   MR 
# 
loop_
_chem_comp_atom.comp_id 
_chem_comp_atom.atom_id 
_chem_comp_atom.type_symbol 
_chem_comp_atom.pdbx_aromatic_flag 
_chem_comp_atom.pdbx_stereo_config 
_chem_comp_atom.pdbx_ordinal 
2CQ NAB  N  N N 1   
2CQ CAH  C  Y N 2   
2CQ CAE  C  Y N 3   
2CQ CAG  C  Y N 4   
2CQ CAA  C  N N 5   
2CQ CAJ  C  Y N 6   
2CQ CL   CL N N 7   
2CQ CAF  C  Y N 8   
2CQ CAI  C  Y N 9   
2CQ NAC  N  N N 10  
2CQ H1   H  N N 11  
2CQ H2   H  N N 12  
2CQ H3   H  N N 13  
2CQ H4   H  N N 14  
2CQ H5   H  N N 15  
2CQ H6   H  N N 16  
2CQ H7   H  N N 17  
2CQ H8   H  N N 18  
2CQ H9   H  N N 19  
ALA N    N  N N 20  
ALA CA   C  N S 21  
ALA C    C  N N 22  
ALA O    O  N N 23  
ALA CB   C  N N 24  
ALA OXT  O  N N 25  
ALA H    H  N N 26  
ALA H2   H  N N 27  
ALA HA   H  N N 28  
ALA HB1  H  N N 29  
ALA HB2  H  N N 30  
ALA HB3  H  N N 31  
ALA HXT  H  N N 32  
ARG N    N  N N 33  
ARG CA   C  N S 34  
ARG C    C  N N 35  
ARG O    O  N N 36  
ARG CB   C  N N 37  
ARG CG   C  N N 38  
ARG CD   C  N N 39  
ARG NE   N  N N 40  
ARG CZ   C  N N 41  
ARG NH1  N  N N 42  
ARG NH2  N  N N 43  
ARG OXT  O  N N 44  
ARG H    H  N N 45  
ARG H2   H  N N 46  
ARG HA   H  N N 47  
ARG HB2  H  N N 48  
ARG HB3  H  N N 49  
ARG HG2  H  N N 50  
ARG HG3  H  N N 51  
ARG HD2  H  N N 52  
ARG HD3  H  N N 53  
ARG HE   H  N N 54  
ARG HH11 H  N N 55  
ARG HH12 H  N N 56  
ARG HH21 H  N N 57  
ARG HH22 H  N N 58  
ARG HXT  H  N N 59  
ASN N    N  N N 60  
ASN CA   C  N S 61  
ASN C    C  N N 62  
ASN O    O  N N 63  
ASN CB   C  N N 64  
ASN CG   C  N N 65  
ASN OD1  O  N N 66  
ASN ND2  N  N N 67  
ASN OXT  O  N N 68  
ASN H    H  N N 69  
ASN H2   H  N N 70  
ASN HA   H  N N 71  
ASN HB2  H  N N 72  
ASN HB3  H  N N 73  
ASN HD21 H  N N 74  
ASN HD22 H  N N 75  
ASN HXT  H  N N 76  
ASP N    N  N N 77  
ASP CA   C  N S 78  
ASP C    C  N N 79  
ASP O    O  N N 80  
ASP CB   C  N N 81  
ASP CG   C  N N 82  
ASP OD1  O  N N 83  
ASP OD2  O  N N 84  
ASP OXT  O  N N 85  
ASP H    H  N N 86  
ASP H2   H  N N 87  
ASP HA   H  N N 88  
ASP HB2  H  N N 89  
ASP HB3  H  N N 90  
ASP HD2  H  N N 91  
ASP HXT  H  N N 92  
CYS N    N  N N 93  
CYS CA   C  N R 94  
CYS C    C  N N 95  
CYS O    O  N N 96  
CYS CB   C  N N 97  
CYS SG   S  N N 98  
CYS OXT  O  N N 99  
CYS H    H  N N 100 
CYS H2   H  N N 101 
CYS HA   H  N N 102 
CYS HB2  H  N N 103 
CYS HB3  H  N N 104 
CYS HG   H  N N 105 
CYS HXT  H  N N 106 
DMS S    S  N N 107 
DMS O    O  N N 108 
DMS C1   C  N N 109 
DMS C2   C  N N 110 
DMS H11  H  N N 111 
DMS H12  H  N N 112 
DMS H13  H  N N 113 
DMS H21  H  N N 114 
DMS H22  H  N N 115 
DMS H23  H  N N 116 
GLN N    N  N N 117 
GLN CA   C  N S 118 
GLN C    C  N N 119 
GLN O    O  N N 120 
GLN CB   C  N N 121 
GLN CG   C  N N 122 
GLN CD   C  N N 123 
GLN OE1  O  N N 124 
GLN NE2  N  N N 125 
GLN OXT  O  N N 126 
GLN H    H  N N 127 
GLN H2   H  N N 128 
GLN HA   H  N N 129 
GLN HB2  H  N N 130 
GLN HB3  H  N N 131 
GLN HG2  H  N N 132 
GLN HG3  H  N N 133 
GLN HE21 H  N N 134 
GLN HE22 H  N N 135 
GLN HXT  H  N N 136 
GLU N    N  N N 137 
GLU CA   C  N S 138 
GLU C    C  N N 139 
GLU O    O  N N 140 
GLU CB   C  N N 141 
GLU CG   C  N N 142 
GLU CD   C  N N 143 
GLU OE1  O  N N 144 
GLU OE2  O  N N 145 
GLU OXT  O  N N 146 
GLU H    H  N N 147 
GLU H2   H  N N 148 
GLU HA   H  N N 149 
GLU HB2  H  N N 150 
GLU HB3  H  N N 151 
GLU HG2  H  N N 152 
GLU HG3  H  N N 153 
GLU HE2  H  N N 154 
GLU HXT  H  N N 155 
GLY N    N  N N 156 
GLY CA   C  N N 157 
GLY C    C  N N 158 
GLY O    O  N N 159 
GLY OXT  O  N N 160 
GLY H    H  N N 161 
GLY H2   H  N N 162 
GLY HA2  H  N N 163 
GLY HA3  H  N N 164 
GLY HXT  H  N N 165 
HIS N    N  N N 166 
HIS CA   C  N S 167 
HIS C    C  N N 168 
HIS O    O  N N 169 
HIS CB   C  N N 170 
HIS CG   C  Y N 171 
HIS ND1  N  Y N 172 
HIS CD2  C  Y N 173 
HIS CE1  C  Y N 174 
HIS NE2  N  Y N 175 
HIS OXT  O  N N 176 
HIS H    H  N N 177 
HIS H2   H  N N 178 
HIS HA   H  N N 179 
HIS HB2  H  N N 180 
HIS HB3  H  N N 181 
HIS HD1  H  N N 182 
HIS HD2  H  N N 183 
HIS HE1  H  N N 184 
HIS HE2  H  N N 185 
HIS HXT  H  N N 186 
HOH O    O  N N 187 
HOH H1   H  N N 188 
HOH H2   H  N N 189 
ILE N    N  N N 190 
ILE CA   C  N S 191 
ILE C    C  N N 192 
ILE O    O  N N 193 
ILE CB   C  N S 194 
ILE CG1  C  N N 195 
ILE CG2  C  N N 196 
ILE CD1  C  N N 197 
ILE OXT  O  N N 198 
ILE H    H  N N 199 
ILE H2   H  N N 200 
ILE HA   H  N N 201 
ILE HB   H  N N 202 
ILE HG12 H  N N 203 
ILE HG13 H  N N 204 
ILE HG21 H  N N 205 
ILE HG22 H  N N 206 
ILE HG23 H  N N 207 
ILE HD11 H  N N 208 
ILE HD12 H  N N 209 
ILE HD13 H  N N 210 
ILE HXT  H  N N 211 
LEU N    N  N N 212 
LEU CA   C  N S 213 
LEU C    C  N N 214 
LEU O    O  N N 215 
LEU CB   C  N N 216 
LEU CG   C  N N 217 
LEU CD1  C  N N 218 
LEU CD2  C  N N 219 
LEU OXT  O  N N 220 
LEU H    H  N N 221 
LEU H2   H  N N 222 
LEU HA   H  N N 223 
LEU HB2  H  N N 224 
LEU HB3  H  N N 225 
LEU HG   H  N N 226 
LEU HD11 H  N N 227 
LEU HD12 H  N N 228 
LEU HD13 H  N N 229 
LEU HD21 H  N N 230 
LEU HD22 H  N N 231 
LEU HD23 H  N N 232 
LEU HXT  H  N N 233 
LYS N    N  N N 234 
LYS CA   C  N S 235 
LYS C    C  N N 236 
LYS O    O  N N 237 
LYS CB   C  N N 238 
LYS CG   C  N N 239 
LYS CD   C  N N 240 
LYS CE   C  N N 241 
LYS NZ   N  N N 242 
LYS OXT  O  N N 243 
LYS H    H  N N 244 
LYS H2   H  N N 245 
LYS HA   H  N N 246 
LYS HB2  H  N N 247 
LYS HB3  H  N N 248 
LYS HG2  H  N N 249 
LYS HG3  H  N N 250 
LYS HD2  H  N N 251 
LYS HD3  H  N N 252 
LYS HE2  H  N N 253 
LYS HE3  H  N N 254 
LYS HZ1  H  N N 255 
LYS HZ2  H  N N 256 
LYS HZ3  H  N N 257 
LYS HXT  H  N N 258 
MET N    N  N N 259 
MET CA   C  N S 260 
MET C    C  N N 261 
MET O    O  N N 262 
MET CB   C  N N 263 
MET CG   C  N N 264 
MET SD   S  N N 265 
MET CE   C  N N 266 
MET OXT  O  N N 267 
MET H    H  N N 268 
MET H2   H  N N 269 
MET HA   H  N N 270 
MET HB2  H  N N 271 
MET HB3  H  N N 272 
MET HG2  H  N N 273 
MET HG3  H  N N 274 
MET HE1  H  N N 275 
MET HE2  H  N N 276 
MET HE3  H  N N 277 
MET HXT  H  N N 278 
PHE N    N  N N 279 
PHE CA   C  N S 280 
PHE C    C  N N 281 
PHE O    O  N N 282 
PHE CB   C  N N 283 
PHE CG   C  Y N 284 
PHE CD1  C  Y N 285 
PHE CD2  C  Y N 286 
PHE CE1  C  Y N 287 
PHE CE2  C  Y N 288 
PHE CZ   C  Y N 289 
PHE OXT  O  N N 290 
PHE H    H  N N 291 
PHE H2   H  N N 292 
PHE HA   H  N N 293 
PHE HB2  H  N N 294 
PHE HB3  H  N N 295 
PHE HD1  H  N N 296 
PHE HD2  H  N N 297 
PHE HE1  H  N N 298 
PHE HE2  H  N N 299 
PHE HZ   H  N N 300 
PHE HXT  H  N N 301 
PRO N    N  N N 302 
PRO CA   C  N S 303 
PRO C    C  N N 304 
PRO O    O  N N 305 
PRO CB   C  N N 306 
PRO CG   C  N N 307 
PRO CD   C  N N 308 
PRO OXT  O  N N 309 
PRO H    H  N N 310 
PRO HA   H  N N 311 
PRO HB2  H  N N 312 
PRO HB3  H  N N 313 
PRO HG2  H  N N 314 
PRO HG3  H  N N 315 
PRO HD2  H  N N 316 
PRO HD3  H  N N 317 
PRO HXT  H  N N 318 
SER N    N  N N 319 
SER CA   C  N S 320 
SER C    C  N N 321 
SER O    O  N N 322 
SER CB   C  N N 323 
SER OG   O  N N 324 
SER OXT  O  N N 325 
SER H    H  N N 326 
SER H2   H  N N 327 
SER HA   H  N N 328 
SER HB2  H  N N 329 
SER HB3  H  N N 330 
SER HG   H  N N 331 
SER HXT  H  N N 332 
THR N    N  N N 333 
THR CA   C  N S 334 
THR C    C  N N 335 
THR O    O  N N 336 
THR CB   C  N R 337 
THR OG1  O  N N 338 
THR CG2  C  N N 339 
THR OXT  O  N N 340 
THR H    H  N N 341 
THR H2   H  N N 342 
THR HA   H  N N 343 
THR HB   H  N N 344 
THR HG1  H  N N 345 
THR HG21 H  N N 346 
THR HG22 H  N N 347 
THR HG23 H  N N 348 
THR HXT  H  N N 349 
TYR N    N  N N 350 
TYR CA   C  N S 351 
TYR C    C  N N 352 
TYR O    O  N N 353 
TYR CB   C  N N 354 
TYR CG   C  Y N 355 
TYR CD1  C  Y N 356 
TYR CD2  C  Y N 357 
TYR CE1  C  Y N 358 
TYR CE2  C  Y N 359 
TYR CZ   C  Y N 360 
TYR OH   O  N N 361 
TYR OXT  O  N N 362 
TYR H    H  N N 363 
TYR H2   H  N N 364 
TYR HA   H  N N 365 
TYR HB2  H  N N 366 
TYR HB3  H  N N 367 
TYR HD1  H  N N 368 
TYR HD2  H  N N 369 
TYR HE1  H  N N 370 
TYR HE2  H  N N 371 
TYR HH   H  N N 372 
TYR HXT  H  N N 373 
VAL N    N  N N 374 
VAL CA   C  N S 375 
VAL C    C  N N 376 
VAL O    O  N N 377 
VAL CB   C  N N 378 
VAL CG1  C  N N 379 
VAL CG2  C  N N 380 
VAL OXT  O  N N 381 
VAL H    H  N N 382 
VAL H2   H  N N 383 
VAL HA   H  N N 384 
VAL HB   H  N N 385 
VAL HG11 H  N N 386 
VAL HG12 H  N N 387 
VAL HG13 H  N N 388 
VAL HG21 H  N N 389 
VAL HG22 H  N N 390 
VAL HG23 H  N N 391 
VAL HXT  H  N N 392 
# 
loop_
_chem_comp_bond.comp_id 
_chem_comp_bond.atom_id_1 
_chem_comp_bond.atom_id_2 
_chem_comp_bond.value_order 
_chem_comp_bond.pdbx_aromatic_flag 
_chem_comp_bond.pdbx_stereo_config 
_chem_comp_bond.pdbx_ordinal 
2CQ NAB CAH  sing N N 1   
2CQ NAC CAI  sing N N 2   
2CQ CAH CAI  doub Y N 3   
2CQ CAH CAE  sing Y N 4   
2CQ CAI CAF  sing Y N 5   
2CQ CAE CAG  doub Y N 6   
2CQ CAF CAJ  doub Y N 7   
2CQ CAG CAJ  sing Y N 8   
2CQ CAG CAA  sing N N 9   
2CQ CAJ CL   sing N N 10  
2CQ NAB H1   sing N N 11  
2CQ NAB H2   sing N N 12  
2CQ CAE H3   sing N N 13  
2CQ CAA H4   sing N N 14  
2CQ CAA H5   sing N N 15  
2CQ CAA H6   sing N N 16  
2CQ CAF H7   sing N N 17  
2CQ NAC H8   sing N N 18  
2CQ NAC H9   sing N N 19  
ALA N   CA   sing N N 20  
ALA N   H    sing N N 21  
ALA N   H2   sing N N 22  
ALA CA  C    sing N N 23  
ALA CA  CB   sing N N 24  
ALA CA  HA   sing N N 25  
ALA C   O    doub N N 26  
ALA C   OXT  sing N N 27  
ALA CB  HB1  sing N N 28  
ALA CB  HB2  sing N N 29  
ALA CB  HB3  sing N N 30  
ALA OXT HXT  sing N N 31  
ARG N   CA   sing N N 32  
ARG N   H    sing N N 33  
ARG N   H2   sing N N 34  
ARG CA  C    sing N N 35  
ARG CA  CB   sing N N 36  
ARG CA  HA   sing N N 37  
ARG C   O    doub N N 38  
ARG C   OXT  sing N N 39  
ARG CB  CG   sing N N 40  
ARG CB  HB2  sing N N 41  
ARG CB  HB3  sing N N 42  
ARG CG  CD   sing N N 43  
ARG CG  HG2  sing N N 44  
ARG CG  HG3  sing N N 45  
ARG CD  NE   sing N N 46  
ARG CD  HD2  sing N N 47  
ARG CD  HD3  sing N N 48  
ARG NE  CZ   sing N N 49  
ARG NE  HE   sing N N 50  
ARG CZ  NH1  sing N N 51  
ARG CZ  NH2  doub N N 52  
ARG NH1 HH11 sing N N 53  
ARG NH1 HH12 sing N N 54  
ARG NH2 HH21 sing N N 55  
ARG NH2 HH22 sing N N 56  
ARG OXT HXT  sing N N 57  
ASN N   CA   sing N N 58  
ASN N   H    sing N N 59  
ASN N   H2   sing N N 60  
ASN CA  C    sing N N 61  
ASN CA  CB   sing N N 62  
ASN CA  HA   sing N N 63  
ASN C   O    doub N N 64  
ASN C   OXT  sing N N 65  
ASN CB  CG   sing N N 66  
ASN CB  HB2  sing N N 67  
ASN CB  HB3  sing N N 68  
ASN CG  OD1  doub N N 69  
ASN CG  ND2  sing N N 70  
ASN ND2 HD21 sing N N 71  
ASN ND2 HD22 sing N N 72  
ASN OXT HXT  sing N N 73  
ASP N   CA   sing N N 74  
ASP N   H    sing N N 75  
ASP N   H2   sing N N 76  
ASP CA  C    sing N N 77  
ASP CA  CB   sing N N 78  
ASP CA  HA   sing N N 79  
ASP C   O    doub N N 80  
ASP C   OXT  sing N N 81  
ASP CB  CG   sing N N 82  
ASP CB  HB2  sing N N 83  
ASP CB  HB3  sing N N 84  
ASP CG  OD1  doub N N 85  
ASP CG  OD2  sing N N 86  
ASP OD2 HD2  sing N N 87  
ASP OXT HXT  sing N N 88  
CYS N   CA   sing N N 89  
CYS N   H    sing N N 90  
CYS N   H2   sing N N 91  
CYS CA  C    sing N N 92  
CYS CA  CB   sing N N 93  
CYS CA  HA   sing N N 94  
CYS C   O    doub N N 95  
CYS C   OXT  sing N N 96  
CYS CB  SG   sing N N 97  
CYS CB  HB2  sing N N 98  
CYS CB  HB3  sing N N 99  
CYS SG  HG   sing N N 100 
CYS OXT HXT  sing N N 101 
DMS S   O    doub N N 102 
DMS S   C1   sing N N 103 
DMS S   C2   sing N N 104 
DMS C1  H11  sing N N 105 
DMS C1  H12  sing N N 106 
DMS C1  H13  sing N N 107 
DMS C2  H21  sing N N 108 
DMS C2  H22  sing N N 109 
DMS C2  H23  sing N N 110 
GLN N   CA   sing N N 111 
GLN N   H    sing N N 112 
GLN N   H2   sing N N 113 
GLN CA  C    sing N N 114 
GLN CA  CB   sing N N 115 
GLN CA  HA   sing N N 116 
GLN C   O    doub N N 117 
GLN C   OXT  sing N N 118 
GLN CB  CG   sing N N 119 
GLN CB  HB2  sing N N 120 
GLN CB  HB3  sing N N 121 
GLN CG  CD   sing N N 122 
GLN CG  HG2  sing N N 123 
GLN CG  HG3  sing N N 124 
GLN CD  OE1  doub N N 125 
GLN CD  NE2  sing N N 126 
GLN NE2 HE21 sing N N 127 
GLN NE2 HE22 sing N N 128 
GLN OXT HXT  sing N N 129 
GLU N   CA   sing N N 130 
GLU N   H    sing N N 131 
GLU N   H2   sing N N 132 
GLU CA  C    sing N N 133 
GLU CA  CB   sing N N 134 
GLU CA  HA   sing N N 135 
GLU C   O    doub N N 136 
GLU C   OXT  sing N N 137 
GLU CB  CG   sing N N 138 
GLU CB  HB2  sing N N 139 
GLU CB  HB3  sing N N 140 
GLU CG  CD   sing N N 141 
GLU CG  HG2  sing N N 142 
GLU CG  HG3  sing N N 143 
GLU CD  OE1  doub N N 144 
GLU CD  OE2  sing N N 145 
GLU OE2 HE2  sing N N 146 
GLU OXT HXT  sing N N 147 
GLY N   CA   sing N N 148 
GLY N   H    sing N N 149 
GLY N   H2   sing N N 150 
GLY CA  C    sing N N 151 
GLY CA  HA2  sing N N 152 
GLY CA  HA3  sing N N 153 
GLY C   O    doub N N 154 
GLY C   OXT  sing N N 155 
GLY OXT HXT  sing N N 156 
HIS N   CA   sing N N 157 
HIS N   H    sing N N 158 
HIS N   H2   sing N N 159 
HIS CA  C    sing N N 160 
HIS CA  CB   sing N N 161 
HIS CA  HA   sing N N 162 
HIS C   O    doub N N 163 
HIS C   OXT  sing N N 164 
HIS CB  CG   sing N N 165 
HIS CB  HB2  sing N N 166 
HIS CB  HB3  sing N N 167 
HIS CG  ND1  sing Y N 168 
HIS CG  CD2  doub Y N 169 
HIS ND1 CE1  doub Y N 170 
HIS ND1 HD1  sing N N 171 
HIS CD2 NE2  sing Y N 172 
HIS CD2 HD2  sing N N 173 
HIS CE1 NE2  sing Y N 174 
HIS CE1 HE1  sing N N 175 
HIS NE2 HE2  sing N N 176 
HIS OXT HXT  sing N N 177 
HOH O   H1   sing N N 178 
HOH O   H2   sing N N 179 
ILE N   CA   sing N N 180 
ILE N   H    sing N N 181 
ILE N   H2   sing N N 182 
ILE CA  C    sing N N 183 
ILE CA  CB   sing N N 184 
ILE CA  HA   sing N N 185 
ILE C   O    doub N N 186 
ILE C   OXT  sing N N 187 
ILE CB  CG1  sing N N 188 
ILE CB  CG2  sing N N 189 
ILE CB  HB   sing N N 190 
ILE CG1 CD1  sing N N 191 
ILE CG1 HG12 sing N N 192 
ILE CG1 HG13 sing N N 193 
ILE CG2 HG21 sing N N 194 
ILE CG2 HG22 sing N N 195 
ILE CG2 HG23 sing N N 196 
ILE CD1 HD11 sing N N 197 
ILE CD1 HD12 sing N N 198 
ILE CD1 HD13 sing N N 199 
ILE OXT HXT  sing N N 200 
LEU N   CA   sing N N 201 
LEU N   H    sing N N 202 
LEU N   H2   sing N N 203 
LEU CA  C    sing N N 204 
LEU CA  CB   sing N N 205 
LEU CA  HA   sing N N 206 
LEU C   O    doub N N 207 
LEU C   OXT  sing N N 208 
LEU CB  CG   sing N N 209 
LEU CB  HB2  sing N N 210 
LEU CB  HB3  sing N N 211 
LEU CG  CD1  sing N N 212 
LEU CG  CD2  sing N N 213 
LEU CG  HG   sing N N 214 
LEU CD1 HD11 sing N N 215 
LEU CD1 HD12 sing N N 216 
LEU CD1 HD13 sing N N 217 
LEU CD2 HD21 sing N N 218 
LEU CD2 HD22 sing N N 219 
LEU CD2 HD23 sing N N 220 
LEU OXT HXT  sing N N 221 
LYS N   CA   sing N N 222 
LYS N   H    sing N N 223 
LYS N   H2   sing N N 224 
LYS CA  C    sing N N 225 
LYS CA  CB   sing N N 226 
LYS CA  HA   sing N N 227 
LYS C   O    doub N N 228 
LYS C   OXT  sing N N 229 
LYS CB  CG   sing N N 230 
LYS CB  HB2  sing N N 231 
LYS CB  HB3  sing N N 232 
LYS CG  CD   sing N N 233 
LYS CG  HG2  sing N N 234 
LYS CG  HG3  sing N N 235 
LYS CD  CE   sing N N 236 
LYS CD  HD2  sing N N 237 
LYS CD  HD3  sing N N 238 
LYS CE  NZ   sing N N 239 
LYS CE  HE2  sing N N 240 
LYS CE  HE3  sing N N 241 
LYS NZ  HZ1  sing N N 242 
LYS NZ  HZ2  sing N N 243 
LYS NZ  HZ3  sing N N 244 
LYS OXT HXT  sing N N 245 
MET N   CA   sing N N 246 
MET N   H    sing N N 247 
MET N   H2   sing N N 248 
MET CA  C    sing N N 249 
MET CA  CB   sing N N 250 
MET CA  HA   sing N N 251 
MET C   O    doub N N 252 
MET C   OXT  sing N N 253 
MET CB  CG   sing N N 254 
MET CB  HB2  sing N N 255 
MET CB  HB3  sing N N 256 
MET CG  SD   sing N N 257 
MET CG  HG2  sing N N 258 
MET CG  HG3  sing N N 259 
MET SD  CE   sing N N 260 
MET CE  HE1  sing N N 261 
MET CE  HE2  sing N N 262 
MET CE  HE3  sing N N 263 
MET OXT HXT  sing N N 264 
PHE N   CA   sing N N 265 
PHE N   H    sing N N 266 
PHE N   H2   sing N N 267 
PHE CA  C    sing N N 268 
PHE CA  CB   sing N N 269 
PHE CA  HA   sing N N 270 
PHE C   O    doub N N 271 
PHE C   OXT  sing N N 272 
PHE CB  CG   sing N N 273 
PHE CB  HB2  sing N N 274 
PHE CB  HB3  sing N N 275 
PHE CG  CD1  doub Y N 276 
PHE CG  CD2  sing Y N 277 
PHE CD1 CE1  sing Y N 278 
PHE CD1 HD1  sing N N 279 
PHE CD2 CE2  doub Y N 280 
PHE CD2 HD2  sing N N 281 
PHE CE1 CZ   doub Y N 282 
PHE CE1 HE1  sing N N 283 
PHE CE2 CZ   sing Y N 284 
PHE CE2 HE2  sing N N 285 
PHE CZ  HZ   sing N N 286 
PHE OXT HXT  sing N N 287 
PRO N   CA   sing N N 288 
PRO N   CD   sing N N 289 
PRO N   H    sing N N 290 
PRO CA  C    sing N N 291 
PRO CA  CB   sing N N 292 
PRO CA  HA   sing N N 293 
PRO C   O    doub N N 294 
PRO C   OXT  sing N N 295 
PRO CB  CG   sing N N 296 
PRO CB  HB2  sing N N 297 
PRO CB  HB3  sing N N 298 
PRO CG  CD   sing N N 299 
PRO CG  HG2  sing N N 300 
PRO CG  HG3  sing N N 301 
PRO CD  HD2  sing N N 302 
PRO CD  HD3  sing N N 303 
PRO OXT HXT  sing N N 304 
SER N   CA   sing N N 305 
SER N   H    sing N N 306 
SER N   H2   sing N N 307 
SER CA  C    sing N N 308 
SER CA  CB   sing N N 309 
SER CA  HA   sing N N 310 
SER C   O    doub N N 311 
SER C   OXT  sing N N 312 
SER CB  OG   sing N N 313 
SER CB  HB2  sing N N 314 
SER CB  HB3  sing N N 315 
SER OG  HG   sing N N 316 
SER OXT HXT  sing N N 317 
THR N   CA   sing N N 318 
THR N   H    sing N N 319 
THR N   H2   sing N N 320 
THR CA  C    sing N N 321 
THR CA  CB   sing N N 322 
THR CA  HA   sing N N 323 
THR C   O    doub N N 324 
THR C   OXT  sing N N 325 
THR CB  OG1  sing N N 326 
THR CB  CG2  sing N N 327 
THR CB  HB   sing N N 328 
THR OG1 HG1  sing N N 329 
THR CG2 HG21 sing N N 330 
THR CG2 HG22 sing N N 331 
THR CG2 HG23 sing N N 332 
THR OXT HXT  sing N N 333 
TYR N   CA   sing N N 334 
TYR N   H    sing N N 335 
TYR N   H2   sing N N 336 
TYR CA  C    sing N N 337 
TYR CA  CB   sing N N 338 
TYR CA  HA   sing N N 339 
TYR C   O    doub N N 340 
TYR C   OXT  sing N N 341 
TYR CB  CG   sing N N 342 
TYR CB  HB2  sing N N 343 
TYR CB  HB3  sing N N 344 
TYR CG  CD1  doub Y N 345 
TYR CG  CD2  sing Y N 346 
TYR CD1 CE1  sing Y N 347 
TYR CD1 HD1  sing N N 348 
TYR CD2 CE2  doub Y N 349 
TYR CD2 HD2  sing N N 350 
TYR CE1 CZ   doub Y N 351 
TYR CE1 HE1  sing N N 352 
TYR CE2 CZ   sing Y N 353 
TYR CE2 HE2  sing N N 354 
TYR CZ  OH   sing N N 355 
TYR OH  HH   sing N N 356 
TYR OXT HXT  sing N N 357 
VAL N   CA   sing N N 358 
VAL N   H    sing N N 359 
VAL N   H2   sing N N 360 
VAL CA  C    sing N N 361 
VAL CA  CB   sing N N 362 
VAL CA  HA   sing N N 363 
VAL C   O    doub N N 364 
VAL C   OXT  sing N N 365 
VAL CB  CG1  sing N N 366 
VAL CB  CG2  sing N N 367 
VAL CB  HB   sing N N 368 
VAL CG1 HG11 sing N N 369 
VAL CG1 HG12 sing N N 370 
VAL CG1 HG13 sing N N 371 
VAL CG2 HG21 sing N N 372 
VAL CG2 HG22 sing N N 373 
VAL CG2 HG23 sing N N 374 
VAL OXT HXT  sing N N 375 
# 
_pdbx_initial_refinement_model.id               1 
_pdbx_initial_refinement_model.entity_id_list   ? 
_pdbx_initial_refinement_model.type             'experimental model' 
_pdbx_initial_refinement_model.source_name      PDB 
_pdbx_initial_refinement_model.accession_code   2JCP 
_pdbx_initial_refinement_model.details          'pdb entry 2JCP' 
# 
_atom_sites.entry_id                    4MRH 
_atom_sites.fract_transf_matrix[1][1]   0.02135276 
_atom_sites.fract_transf_matrix[1][2]   0.00888981 
_atom_sites.fract_transf_matrix[1][3]   -0.02839155 
_atom_sites.fract_transf_matrix[2][1]   -0.00221320 
_atom_sites.fract_transf_matrix[2][2]   0.01185560 
_atom_sites.fract_transf_matrix[2][3]   0.00204766 
_atom_sites.fract_transf_matrix[3][1]   0.03426999 
_atom_sites.fract_transf_matrix[3][2]   0.00536230 
_atom_sites.fract_transf_matrix[3][3]   0.00599367 
_atom_sites.fract_transf_vector[1]      0.096488 
_atom_sites.fract_transf_vector[2]      -0.005927 
_atom_sites.fract_transf_vector[3]      0.072491 
# 
loop_
_atom_type.symbol 
C  
CL 
N  
O  
S  
# 
loop_
_atom_site.group_PDB 
_atom_site.id 
_atom_site.type_symbol 
_atom_site.label_atom_id 
_atom_site.label_alt_id 
_atom_site.label_comp_id 
_atom_site.label_asym_id 
_atom_site.label_entity_id 
_atom_site.label_seq_id 
_atom_site.pdbx_PDB_ins_code 
_atom_site.Cartn_x 
_atom_site.Cartn_y 
_atom_site.Cartn_z 
_atom_site.occupancy 
_atom_site.B_iso_or_equiv 
_atom_site.pdbx_formal_charge 
_atom_site.auth_seq_id 
_atom_site.auth_comp_id 
_atom_site.auth_asym_id 
_atom_site.auth_atom_id 
_atom_site.pdbx_PDB_model_num 
ATOM   1    N  N   . ASN A 1 1   ? 2.174   18.030  -12.391 1.00 24.46 ? 24  ASN A N   1 
ATOM   2    C  CA  . ASN A 1 1   ? 1.887   17.811  -10.931 1.00 22.48 ? 24  ASN A CA  1 
ATOM   3    C  C   . ASN A 1 1   ? 0.879   16.688  -10.684 1.00 20.75 ? 24  ASN A C   1 
ATOM   4    O  O   . ASN A 1 1   ? -0.306  16.931  -10.422 1.00 19.09 ? 24  ASN A O   1 
ATOM   5    C  CB  . ASN A 1 1   ? 1.430   19.097  -10.244 1.00 23.78 ? 24  ASN A CB  1 
ATOM   6    C  CG  . ASN A 1 1   ? 1.868   19.154  -8.805  1.00 25.61 ? 24  ASN A CG  1 
ATOM   7    O  OD1 . ASN A 1 1   ? 1.845   20.203  -8.181  1.00 28.19 ? 24  ASN A OD1 1 
ATOM   8    N  ND2 . ASN A 1 1   ? 2.290   18.014  -8.270  1.00 28.80 ? 24  ASN A ND2 1 
ATOM   9    N  N   . GLN A 1 2   ? 1.386   15.462  -10.790 1.00 18.69 ? 25  GLN A N   1 
ATOM   10   C  CA  . GLN A 1 2   ? 0.562   14.255  -10.819 1.00 16.89 ? 25  GLN A CA  1 
ATOM   11   C  C   . GLN A 1 2   ? 1.215   13.137  -10.030 1.00 15.52 ? 25  GLN A C   1 
ATOM   12   O  O   . GLN A 1 2   ? 2.434   12.945  -10.075 1.00 16.54 ? 25  GLN A O   1 
ATOM   13   C  CB  . GLN A 1 2   ? 0.307   13.783  -12.250 1.00 18.75 ? 25  GLN A CB  1 
ATOM   14   C  CG  . GLN A 1 2   ? -0.374  14.832  -13.118 1.00 22.84 ? 25  GLN A CG  1 
ATOM   15   C  CD  . GLN A 1 2   ? -1.657  14.336  -13.778 1.00 28.61 ? 25  GLN A CD  1 
ATOM   16   O  OE1 . GLN A 1 2   ? -2.299  13.383  -13.309 1.00 29.88 ? 25  GLN A OE1 1 
ATOM   17   N  NE2 . GLN A 1 2   ? -2.047  14.997  -14.872 1.00 30.77 ? 25  GLN A NE2 1 
ATOM   18   N  N   . ILE A 1 3   ? 0.388   12.429  -9.270  1.00 11.66 ? 26  ILE A N   1 
ATOM   19   C  CA  . ILE A 1 3   ? 0.801   11.227  -8.539  1.00 10.99 ? 26  ILE A CA  1 
ATOM   20   C  C   . ILE A 1 3   ? -0.197  10.145  -8.882  1.00 10.38 ? 26  ILE A C   1 
ATOM   21   O  O   . ILE A 1 3   ? -1.408  10.351  -8.782  1.00 10.95 ? 26  ILE A O   1 
ATOM   22   C  CB  . ILE A 1 3   ? 0.784   11.491  -7.037  1.00 11.24 ? 26  ILE A CB  1 
ATOM   23   C  CG1 . ILE A 1 3   ? 1.909   12.472  -6.655  1.00 12.30 ? 26  ILE A CG1 1 
ATOM   24   C  CG2 . ILE A 1 3   ? 0.934   10.176  -6.248  1.00 11.28 ? 26  ILE A CG2 1 
ATOM   25   C  CD1 . ILE A 1 3   ? 1.903   12.904  -5.204  1.00 16.10 ? 26  ILE A CD1 1 
ATOM   26   N  N   . ASP A 1 4   ? 0.300   8.998   -9.325  1.00 9.96  ? 27  ASP A N   1 
ATOM   27   C  CA  . ASP A 1 4   ? -0.525  7.795   -9.530  1.00 10.51 ? 27  ASP A CA  1 
ATOM   28   C  C   . ASP A 1 4   ? -0.271  6.783   -8.434  1.00 8.00  ? 27  ASP A C   1 
ATOM   29   O  O   . ASP A 1 4   ? 0.888   6.521   -8.063  1.00 9.54  ? 27  ASP A O   1 
ATOM   30   C  CB  . ASP A 1 4   ? -0.245  7.159   -10.869 1.00 12.56 ? 27  ASP A CB  1 
ATOM   31   C  CG  . ASP A 1 4   ? -0.877  7.943   -12.023 1.00 16.63 ? 27  ASP A CG  1 
ATOM   32   O  OD1 . ASP A 1 4   ? -1.125  9.171   -11.888 1.00 19.26 ? 27  ASP A OD1 1 
ATOM   33   O  OD2 . ASP A 1 4   ? -1.164  7.319   -13.063 1.00 21.86 ? 27  ASP A OD2 1 
ATOM   34   N  N   . LEU A 1 5   ? -1.361  6.212   -7.926  1.00 7.43  ? 28  LEU A N   1 
ATOM   35   C  CA  . LEU A 1 5   ? -1.306  5.250   -6.819  1.00 6.67  ? 28  LEU A CA  1 
ATOM   36   C  C   . LEU A 1 5   ? -1.981  3.964   -7.255  1.00 6.35  ? 28  LEU A C   1 
ATOM   37   O  O   . LEU A 1 5   ? -3.221  3.931   -7.409  1.00 7.69  ? 28  LEU A O   1 
ATOM   38   C  CB  . LEU A 1 5   ? -2.009  5.812   -5.586  1.00 7.77  ? 28  LEU A CB  1 
ATOM   39   C  CG  . LEU A 1 5   ? -1.467  7.144   -5.076  1.00 7.89  ? 28  LEU A CG  1 
ATOM   40   C  CD1 . LEU A 1 5   ? -2.409  7.650   -4.007  1.00 10.13 ? 28  LEU A CD1 1 
ATOM   41   C  CD2 . LEU A 1 5   ? -0.070  7.013   -4.515  1.00 9.13  ? 28  LEU A CD2 1 
ATOM   42   N  N   . ASN A 1 6   ? -1.199  2.919   -7.526  1.00 5.81  ? 29  ASN A N   1 
ATOM   43   C  CA  . ASN A 1 6   ? -1.749  1.628   -7.873  1.00 5.84  ? 29  ASN A CA  1 
ATOM   44   C  C   . ASN A 1 6   ? -2.073  0.893   -6.595  1.00 6.00  ? 29  ASN A C   1 
ATOM   45   O  O   . ASN A 1 6   ? -1.189  0.735   -5.741  1.00 7.21  ? 29  ASN A O   1 
ATOM   46   C  CB  . ASN A 1 6   ? -0.768  0.790   -8.683  1.00 7.07  ? 29  ASN A CB  1 
ATOM   47   C  CG  . ASN A 1 6   ? -0.880  1.022   -10.150 1.00 8.29  ? 29  ASN A CG  1 
ATOM   48   O  OD1 . ASN A 1 6   ? -1.676  0.337   -10.848 1.00 11.57 ? 29  ASN A OD1 1 
ATOM   49   N  ND2 . ASN A 1 6   ? -0.158  1.985   -10.642 1.00 9.51  ? 29  ASN A ND2 1 
ATOM   50   N  N   . VAL A 1 7   ? -3.314  0.432   -6.467  1.00 5.79  ? 30  VAL A N   1 
ATOM   51   C  CA  . VAL A 1 7   ? -3.800  -0.208  -5.261  1.00 6.46  ? 30  VAL A CA  1 
ATOM   52   C  C   . VAL A 1 7   ? -4.279  -1.625  -5.552  1.00 6.90  ? 30  VAL A C   1 
ATOM   53   O  O   . VAL A 1 7   ? -4.702  -1.944  -6.671  1.00 7.62  ? 30  VAL A O   1 
ATOM   54   C  CB  . VAL A 1 7   ? -4.907  0.621   -4.584  1.00 6.76  ? 30  VAL A CB  1 
ATOM   55   C  CG1 . VAL A 1 7   ? -4.414  2.016   -4.254  1.00 9.42  ? 30  VAL A CG1 1 
ATOM   56   C  CG2 . VAL A 1 7   ? -6.156  0.691   -5.433  1.00 8.47  ? 30  VAL A CG2 1 
ATOM   57   N  N   . THR A 1 8   ? -4.255  -2.475  -4.528  1.00 6.91  ? 31  THR A N   1 
ATOM   58   C  CA  . THR A 1 8   ? -4.722  -3.842  -4.624  1.00 6.89  ? 31  THR A CA  1 
ATOM   59   C  C   . THR A 1 8   ? -6.072  -4.056  -3.943  1.00 6.46  ? 31  THR A C   1 
ATOM   60   O  O   . THR A 1 8   ? -6.608  -3.196  -3.250  1.00 6.69  ? 31  THR A O   1 
ATOM   61   C  CB  . THR A 1 8   ? -3.715  -4.813  -3.953  1.00 6.87  ? 31  THR A CB  1 
ATOM   62   O  OG1 . THR A 1 8   ? -3.644  -4.538  -2.542  1.00 6.41  ? 31  THR A OG1 1 
ATOM   63   C  CG2 . THR A 1 8   ? -2.330  -4.687  -4.585  1.00 8.48  ? 31  THR A CG2 1 
ATOM   64   N  N   . CYS A 1 9   ? -6.589  -5.274  -4.132  1.00 6.83  ? 32  CYS A N   1 
ATOM   65   C  CA  . CYS A 1 9   ? -7.603  -5.838  -3.241  1.00 5.89  ? 32  CYS A CA  1 
ATOM   66   C  C   . CYS A 1 9   ? -7.180  -5.639  -1.805  1.00 5.82  ? 32  CYS A C   1 
ATOM   67   O  O   . CYS A 1 9   ? -5.967  -5.592  -1.465  1.00 6.33  ? 32  CYS A O   1 
ATOM   68   C  CB  . CYS A 1 9   ? -7.693  -7.359  -3.498  1.00 7.33  ? 32  CYS A CB  1 
ATOM   69   S  SG  . CYS A 1 9   ? -8.128  -7.921  -5.103  1.00 10.46 ? 32  CYS A SG  1 
ATOM   70   N  N   . ARG A 1 10  ? -8.170  -5.612  -0.918  1.00 5.73  ? 33  ARG A N   1 
ATOM   71   C  CA  . ARG A 1 10  ? -7.934  -5.618  0.528   1.00 6.01  ? 33  ARG A CA  1 
ATOM   72   C  C   . ARG A 1 10  ? -8.155  -7.016  1.072   1.00 6.17  ? 33  ARG A C   1 
ATOM   73   O  O   . ARG A 1 10  ? -9.089  -7.733  0.635   1.00 7.66  ? 33  ARG A O   1 
ATOM   74   C  CB  . ARG A 1 10  ? -8.879  -4.672  1.275   1.00 5.87  ? 33  ARG A CB  1 
ATOM   75   C  CG  . ARG A 1 10  ? -8.443  -3.200  1.257   1.00 7.26  ? 33  ARG A CG  1 
ATOM   76   C  CD  . ARG A 1 10  ? -8.499  -2.531  -0.131  1.00 6.21  ? 33  ARG A CD  1 
ATOM   77   N  NE  . ARG A 1 10  ? -9.899  -2.535  -0.603  1.00 6.51  ? 33  ARG A NE  1 
ATOM   78   C  CZ  . ARG A 1 10  ? -10.336 -2.701  -1.850  1.00 7.17  ? 33  ARG A CZ  1 
ATOM   79   N  NH1 . ARG A 1 10  ? -9.534  -2.878  -2.870  1.00 7.30  ? 33  ARG A NH1 1 
ATOM   80   N  NH2 . ARG A 1 10  ? -11.657 -2.673  -2.067  1.00 9.02  ? 33  ARG A NH2 1 
ATOM   81   N  N   . TYR A 1 11  ? -7.328  -7.425  2.027   1.00 5.33  ? 34  TYR A N   1 
ATOM   82   C  CA  . TYR A 1 11  ? -7.478  -8.713  2.703   1.00 5.65  ? 34  TYR A CA  1 
ATOM   83   C  C   . TYR A 1 11  ? -7.457  -8.414  4.165   1.00 4.83  ? 34  TYR A C   1 
ATOM   84   O  O   . TYR A 1 11  ? -6.445  -7.952  4.698   1.00 5.29  ? 34  TYR A O   1 
ATOM   85   C  CB  . TYR A 1 11  ? -6.307  -9.624  2.347   1.00 6.52  ? 34  TYR A CB  1 
ATOM   86   C  CG  . TYR A 1 11  ? -6.400  -10.131 0.947   1.00 8.83  ? 34  TYR A CG  1 
ATOM   87   C  CD1 . TYR A 1 11  ? -7.017  -11.349 0.712   1.00 10.86 ? 34  TYR A CD1 1 
ATOM   88   C  CD2 . TYR A 1 11  ? -5.918  -9.411  -0.125  1.00 10.77 ? 34  TYR A CD2 1 
ATOM   89   C  CE1 . TYR A 1 11  ? -7.165  -11.860 -0.546  1.00 14.21 ? 34  TYR A CE1 1 
ATOM   90   C  CE2 . TYR A 1 11  ? -6.033  -9.955  -1.460  1.00 12.49 ? 34  TYR A CE2 1 
ATOM   91   C  CZ  . TYR A 1 11  ? -6.683  -11.154 -1.610  1.00 12.49 ? 34  TYR A CZ  1 
ATOM   92   O  OH  . TYR A 1 11  ? -6.845  -11.721 -2.872  1.00 16.68 ? 34  TYR A OH  1 
ATOM   93   N  N   . ALA A 1 12  ? -8.572  -8.656  4.869   1.00 5.78  ? 35  ALA A N   1 
ATOM   94   C  CA  . ALA A 1 12  ? -8.675  -8.275  6.266   1.00 5.52  ? 35  ALA A CA  1 
ATOM   95   C  C   . ALA A 1 12  ? -8.221  -6.812  6.473   1.00 5.16  ? 35  ALA A C   1 
ATOM   96   O  O   . ALA A 1 12  ? -7.554  -6.495  7.441   1.00 5.51  ? 35  ALA A O   1 
ATOM   97   C  CB  . ALA A 1 12  ? -7.923  -9.233  7.158   1.00 6.50  ? 35  ALA A CB  1 
ATOM   98   N  N   . GLY A 1 13  ? -8.625  -5.959  5.544   1.00 5.30  ? 36  GLY A N   1 
ATOM   99   C  CA  . GLY A 1 13  ? -8.336  -4.537  5.598   1.00 6.04  ? 36  GLY A CA  1 
ATOM   100  C  C   . GLY A 1 13  ? -6.965  -4.102  5.093   1.00 4.44  ? 36  GLY A C   1 
ATOM   101  O  O   . GLY A 1 13  ? -6.743  -2.883  4.983   1.00 5.82  ? 36  GLY A O   1 
ATOM   102  N  N   . VAL A 1 14  ? -6.081  -5.037  4.800   1.00 4.47  ? 37  VAL A N   1 
ATOM   103  C  CA  . VAL A 1 14  ? -4.728  -4.690  4.370   1.00 4.91  ? 37  VAL A CA  1 
ATOM   104  C  C   . VAL A 1 14  ? -4.626  -4.676  2.862   1.00 4.92  ? 37  VAL A C   1 
ATOM   105  O  O   . VAL A 1 14  ? -5.142  -5.568  2.188   1.00 5.39  ? 37  VAL A O   1 
ATOM   106  C  CB  . VAL A 1 14  ? -3.700  -5.709  4.947   1.00 4.93  ? 37  VAL A CB  1 
ATOM   107  C  CG1 . VAL A 1 14  ? -2.277  -5.364  4.489   1.00 6.28  ? 37  VAL A CG1 1 
ATOM   108  C  CG2 . VAL A 1 14  ? -3.790  -5.719  6.472   1.00 6.03  ? 37  VAL A CG2 1 
ATOM   109  N  N   . PHE A 1 15  ? -3.962  -3.656  2.325   1.00 4.98  ? 38  PHE A N   1 
ATOM   110  C  CA  . PHE A 1 15  ? -3.744  -3.544  0.897   1.00 4.90  ? 38  PHE A CA  1 
ATOM   111  C  C   . PHE A 1 15  ? -2.395  -2.947  0.600   1.00 4.73  ? 38  PHE A C   1 
ATOM   112  O  O   . PHE A 1 15  ? -1.711  -2.395  1.486   1.00 5.21  ? 38  PHE A O   1 
ATOM   113  C  CB  . PHE A 1 15  ? -4.865  -2.742  0.196   1.00 5.94  ? 38  PHE A CB  1 
ATOM   114  C  CG  . PHE A 1 15  ? -5.059  -1.315  0.690   1.00 6.33  ? 38  PHE A CG  1 
ATOM   115  C  CD1 . PHE A 1 15  ? -4.725  -0.217  -0.139  1.00 8.07  ? 38  PHE A CD1 1 
ATOM   116  C  CD2 . PHE A 1 15  ? -5.630  -1.024  1.928   1.00 6.08  ? 38  PHE A CD2 1 
ATOM   117  C  CE1 . PHE A 1 15  ? -4.943  1.101   0.291   1.00 8.41  ? 38  PHE A CE1 1 
ATOM   118  C  CE2 . PHE A 1 15  ? -5.833  0.278   2.332   1.00 7.13  ? 38  PHE A CE2 1 
ATOM   119  C  CZ  . PHE A 1 15  ? -5.501  1.336   1.498   1.00 9.39  ? 38  PHE A CZ  1 
ATOM   120  N  N   . HIS A 1 16  ? -1.963  -3.070  -0.637  1.00 5.03  ? 39  HIS A N   1 
ATOM   121  C  CA  . HIS A 1 16  ? -0.671  -2.567  -1.124  1.00 5.08  ? 39  HIS A CA  1 
ATOM   122  C  C   . HIS A 1 16  ? -0.880  -1.335  -2.013  1.00 4.66  ? 39  HIS A C   1 
ATOM   123  O  O   . HIS A 1 16  ? -1.834  -1.294  -2.804  1.00 5.46  ? 39  HIS A O   1 
ATOM   124  C  CB  . HIS A 1 16  ? -0.010  -3.713  -1.885  1.00 5.47  ? 39  HIS A CB  1 
ATOM   125  C  CG  . HIS A 1 16  ? 1.190   -3.335  -2.682  1.00 5.99  ? 39  HIS A CG  1 
ATOM   126  N  ND1 . HIS A 1 16  ? 1.113   -3.187  -4.050  1.00 10.20 ? 39  HIS A ND1 1 
ATOM   127  C  CD2 . HIS A 1 16  ? 2.466   -3.044  -2.341  1.00 7.83  ? 39  HIS A CD2 1 
ATOM   128  C  CE1 . HIS A 1 16  ? 2.304   -2.852  -4.518  1.00 9.05  ? 39  HIS A CE1 1 
ATOM   129  N  NE2 . HIS A 1 16  ? 3.147   -2.778  -3.505  1.00 7.44  ? 39  HIS A NE2 1 
ATOM   130  N  N   . VAL A 1 17  ? 0.020   -0.355  -1.864  1.00 5.35  ? 40  VAL A N   1 
ATOM   131  C  CA  . VAL A 1 17  ? 0.001   0.855   -2.664  1.00 6.35  ? 40  VAL A CA  1 
ATOM   132  C  C   . VAL A 1 17  ? 1.396   1.070   -3.238  1.00 5.62  ? 40  VAL A C   1 
ATOM   133  O  O   . VAL A 1 17  ? 2.399   1.104   -2.506  1.00 6.29  ? 40  VAL A O   1 
ATOM   134  C  CB  . VAL A 1 17  ? -0.409  2.091   -1.828  1.00 6.44  ? 40  VAL A CB  1 
ATOM   135  C  CG1 . VAL A 1 17  ? -0.541  3.310   -2.746  1.00 8.96  ? 40  VAL A CG1 1 
ATOM   136  C  CG2 . VAL A 1 17  ? -1.702  1.863   -1.080  1.00 8.31  ? 40  VAL A CG2 1 
ATOM   137  N  N   . GLU A 1 18  ? 1.454   1.232   -4.562  1.00 6.52  ? 41  GLU A N   1 
ATOM   138  C  CA  . GLU A 1 18  ? 2.678   1.583   -5.268  1.00 7.01  ? 41  GLU A CA  1 
ATOM   139  C  C   . GLU A 1 18  ? 2.515   2.957   -5.897  1.00 6.66  ? 41  GLU A C   1 
ATOM   140  O  O   . GLU A 1 18  ? 1.502   3.220   -6.569  1.00 7.90  ? 41  GLU A O   1 
ATOM   141  C  CB  . GLU A 1 18  ? 2.956   0.519   -6.318  1.00 8.65  ? 41  GLU A CB  1 
ATOM   142  C  CG  . GLU A 1 18  ? 4.132   0.787   -7.218  1.00 11.22 ? 41  GLU A CG  1 
ATOM   143  C  CD  . GLU A 1 18  ? 4.400   -0.403  -8.116  1.00 13.58 ? 41  GLU A CD  1 
ATOM   144  O  OE1 . GLU A 1 18  ? 3.870   -1.514  -7.865  1.00 17.87 ? 41  GLU A OE1 1 
ATOM   145  O  OE2 . GLU A 1 18  ? 5.181   -0.220  -9.077  1.00 16.87 ? 41  GLU A OE2 1 
ATOM   146  N  N   . LYS A 1 19  ? 3.491   3.826   -5.692  1.00 7.30  ? 42  LYS A N   1 
ATOM   147  C  CA  . LYS A 1 19  ? 3.412   5.212   -6.182  1.00 8.33  ? 42  LYS A CA  1 
ATOM   148  C  C   . LYS A 1 19  ? 4.216   5.351   -7.447  1.00 8.36  ? 42  LYS A C   1 
ATOM   149  O  O   . LYS A 1 19  ? 5.422   5.007   -7.523  1.00 9.25  ? 42  LYS A O   1 
ATOM   150  C  CB  . LYS A 1 19  ? 3.953   6.149   -5.138  1.00 8.57  ? 42  LYS A CB  1 
ATOM   151  C  CG  . LYS A 1 19  ? 4.014   7.612   -5.584  1.00 9.63  ? 42  LYS A CG  1 
ATOM   152  C  CD  . LYS A 1 19  ? 4.670   8.479   -4.551  1.00 12.75 ? 42  LYS A CD  1 
ATOM   153  C  CE  . LYS A 1 19  ? 4.713   9.945   -4.995  1.00 13.38 ? 42  LYS A CE  1 
ATOM   154  N  NZ  . LYS A 1 19  ? 5.620   10.780  -4.146  1.00 15.10 ? 42  LYS A NZ  1 
ATOM   155  N  N   . ASN A 1 20  ? 3.554   5.869   -8.477  1.00 8.75  ? 43  ASN A N   1 
ATOM   156  C  CA  . ASN A 1 20  ? 4.252   6.212   -9.734  1.00 10.90 ? 43  ASN A CA  1 
ATOM   157  C  C   . ASN A 1 20  ? 5.005   5.076   -10.392 1.00 11.31 ? 43  ASN A C   1 
ATOM   158  O  O   . ASN A 1 20  ? 6.008   5.300   -11.126 1.00 13.03 ? 43  ASN A O   1 
ATOM   159  C  CB  . ASN A 1 20  ? 5.171   7.413   -9.556  1.00 11.85 ? 43  ASN A CB  1 
ATOM   160  C  CG  . ASN A 1 20  ? 4.408   8.692   -9.329  1.00 12.26 ? 43  ASN A CG  1 
ATOM   161  O  OD1 . ASN A 1 20  ? 3.231   8.806   -9.740  1.00 14.16 ? 43  ASN A OD1 1 
ATOM   162  N  ND2 . ASN A 1 20  ? 5.041   9.652   -8.674  1.00 15.09 ? 43  ASN A ND2 1 
ATOM   163  N  N   . GLY A 1 21  ? 4.532   3.871   -10.164 1.00 10.97 ? 44  GLY A N   1 
ATOM   164  C  CA  . GLY A 1 21  ? 5.048   2.726   -10.875 1.00 11.45 ? 44  GLY A CA  1 
ATOM   165  C  C   . GLY A 1 21  ? 6.453   2.281   -10.503 1.00 11.57 ? 44  GLY A C   1 
ATOM   166  O  O   . GLY A 1 21  ? 7.061   1.521   -11.269 1.00 13.47 ? 44  GLY A O   1 
ATOM   167  N  N   . ARG A 1 22  ? 6.975   2.712   -9.359  1.00 10.60 ? 45  ARG A N   1 
ATOM   168  C  CA  . ARG A 1 22  ? 8.312   2.326   -8.971  1.00 11.01 ? 45  ARG A CA  1 
ATOM   169  C  C   . ARG A 1 22  ? 8.425   2.465   -7.462  1.00 9.96  ? 45  ARG A C   1 
ATOM   170  O  O   . ARG A 1 22  ? 7.610   3.159   -6.847  1.00 10.21 ? 45  ARG A O   1 
ATOM   171  C  CB  . ARG A 1 22  ? 9.345   3.179   -9.689  1.00 13.32 ? 45  ARG A CB  1 
ATOM   172  C  CG  . ARG A 1 22  ? 9.246   4.611   -9.324  1.00 15.22 ? 45  ARG A CG  1 
ATOM   173  C  CD  . ARG A 1 22  ? 10.246  5.501   -10.073 1.00 22.84 ? 45  ARG A CD  1 
ATOM   174  N  NE  . ARG A 1 22  ? 9.941   6.916   -9.798  1.00 28.49 ? 45  ARG A NE  1 
ATOM   175  C  CZ  . ARG A 1 22  ? 10.480  7.634   -8.808  1.00 31.23 ? 45  ARG A CZ  1 
ATOM   176  N  NH1 . ARG A 1 22  ? 11.367  7.098   -7.974  1.00 33.00 ? 45  ARG A NH1 1 
ATOM   177  N  NH2 . ARG A 1 22  ? 10.129  8.904   -8.645  1.00 32.15 ? 45  ARG A NH2 1 
ATOM   178  N  N   . TYR A 1 23  ? 9.433   1.845   -6.867  1.00 8.68  ? 46  TYR A N   1 
ATOM   179  C  CA  . TYR A 1 23  ? 9.700   2.029   -5.435  1.00 8.94  ? 46  TYR A CA  1 
ATOM   180  C  C   . TYR A 1 23  ? 9.992   3.486   -5.181  1.00 8.49  ? 46  TYR A C   1 
ATOM   181  O  O   . TYR A 1 23  ? 11.012  4.025   -5.724  1.00 10.77 ? 46  TYR A O   1 
ATOM   182  C  CB  . TYR A 1 23  ? 10.891  1.163   -4.994  1.00 8.22  ? 46  TYR A CB  1 
ATOM   183  C  CG  . TYR A 1 23  ? 10.589  -0.320  -4.903  1.00 7.51  ? 46  TYR A CG  1 
ATOM   184  C  CD1 . TYR A 1 23  ? 9.554   -0.800  -4.080  1.00 7.10  ? 46  TYR A CD1 1 
ATOM   185  C  CD2 . TYR A 1 23  ? 11.362  -1.246  -5.611  1.00 8.72  ? 46  TYR A CD2 1 
ATOM   186  C  CE1 . TYR A 1 23  ? 9.329   -2.133  -3.965  1.00 6.70  ? 46  TYR A CE1 1 
ATOM   187  C  CE2 . TYR A 1 23  ? 11.113  -2.620  -5.501  1.00 8.75  ? 46  TYR A CE2 1 
ATOM   188  C  CZ  . TYR A 1 23  ? 10.088  -3.042  -4.652  1.00 7.16  ? 46  TYR A CZ  1 
ATOM   189  O  OH  . TYR A 1 23  ? 9.819   -4.390  -4.528  1.00 8.88  ? 46  TYR A OH  1 
ATOM   190  N  N   . SER A 1 24  ? 9.179   4.185   -4.427  1.00 8.34  ? 47  SER A N   1 
ATOM   191  C  CA  . SER A 1 24  ? 9.373   5.633   -4.380  1.00 8.95  ? 47  SER A CA  1 
ATOM   192  C  C   . SER A 1 24  ? 8.833   6.286   -3.131  1.00 8.03  ? 47  SER A C   1 
ATOM   193  O  O   . SER A 1 24  ? 8.731   7.518   -3.084  1.00 8.98  ? 47  SER A O   1 
ATOM   194  C  CB  . SER A 1 24  ? 8.786   6.317   -5.620  1.00 11.04 ? 47  SER A CB  1 
ATOM   195  O  OG  . SER A 1 24  ? 7.395   6.144   -5.686  1.00 13.54 ? 47  SER A OG  1 
ATOM   196  N  N   . ILE A 1 25  ? 8.483   5.502   -2.108  1.00 7.21  ? 48  ILE A N   1 
ATOM   197  C  CA  . ILE A 1 25  ? 7.834   6.019   -0.918  1.00 8.23  ? 48  ILE A CA  1 
ATOM   198  C  C   . ILE A 1 25  ? 8.794   5.915   0.266   1.00 7.64  ? 48  ILE A C   1 
ATOM   199  O  O   . ILE A 1 25  ? 9.332   4.858   0.505   1.00 7.59  ? 48  ILE A O   1 
ATOM   200  C  CB  . ILE A 1 25  ? 6.496   5.259   -0.661  1.00 6.86  ? 48  ILE A CB  1 
ATOM   201  C  CG1 . ILE A 1 25  ? 5.599   5.259   -1.889  1.00 8.59  ? 48  ILE A CG1 1 
ATOM   202  C  CG2 . ILE A 1 25  ? 5.790   5.868   0.541   1.00 10.84 ? 48  ILE A CG2 1 
ATOM   203  C  CD1 . ILE A 1 25  ? 4.330   4.395   -1.736  1.00 8.49  ? 48  ILE A CD1 1 
ATOM   204  N  N   . SER A 1 26  ? 9.035   7.015   0.964   1.00 8.60  ? 49  SER A N   1 
ATOM   205  C  CA  . SER A 1 26  ? 9.734   6.987   2.250   1.00 8.85  ? 49  SER A CA  1 
ATOM   206  C  C   . SER A 1 26  ? 8.849   6.529   3.396   1.00 8.86  ? 49  SER A C   1 
ATOM   207  O  O   . SER A 1 26  ? 7.630   6.546   3.257   1.00 8.25  ? 49  SER A O   1 
ATOM   208  C  CB  . SER A 1 26  ? 10.261  8.377   2.549   1.00 10.43 ? 49  SER A CB  1 
ATOM   209  O  OG  . SER A 1 26  ? 9.185   9.236   2.849   1.00 11.61 ? 49  SER A OG  1 
ATOM   210  N  N   . ARG A 1 27  ? 9.416   6.184   4.551   1.00 9.56  ? 50  ARG A N   1 
ATOM   211  C  CA  . ARG A 1 27  ? 8.566   5.785   5.665   1.00 10.16 ? 50  ARG A CA  1 
ATOM   212  C  C   . ARG A 1 27  ? 7.585   6.899   6.078   1.00 10.11 ? 50  ARG A C   1 
ATOM   213  O  O   . ARG A 1 27  ? 6.436   6.621   6.379   1.00 10.99 ? 50  ARG A O   1 
ATOM   214  C  CB  . ARG A 1 27  ? 9.354   5.291   6.895   1.00 11.96 ? 50  ARG A CB  1 
ATOM   215  C  CG  . ARG A 1 27  ? 8.406   4.890   8.057   1.00 14.66 ? 50  ARG A CG  1 
ATOM   216  C  CD  . ARG A 1 27  ? 9.049   4.152   9.195   1.00 13.96 ? 50  ARG A CD  1 
ATOM   217  N  NE  . ARG A 1 27  ? 9.320   2.748   8.879   1.00 12.97 ? 50  ARG A NE  1 
ATOM   218  C  CZ  . ARG A 1 27  ? 8.403   1.783   8.835   1.00 10.75 ? 50  ARG A CZ  1 
ATOM   219  N  NH1 . ARG A 1 27  ? 7.123   2.051   9.059   1.00 13.58 ? 50  ARG A NH1 1 
ATOM   220  N  NH2 . ARG A 1 27  ? 8.765   0.541   8.602   1.00 7.82  ? 50  ARG A NH2 1 
ATOM   221  N  N   . THR A 1 28  ? 8.051   8.148   6.121   1.00 10.54 ? 51  THR A N   1 
ATOM   222  C  CA  . THR A 1 28  ? 7.131   9.249   6.472   1.00 11.33 ? 51  THR A CA  1 
ATOM   223  C  C   . THR A 1 28  ? 6.050   9.466   5.430   1.00 10.25 ? 51  THR A C   1 
ATOM   224  O  O   . THR A 1 28  ? 4.900   9.670   5.802   1.00 11.00 ? 51  THR A O   1 
ATOM   225  C  CB  . THR A 1 28  ? 7.853   10.557  6.780   1.00 13.45 ? 51  THR A CB  1 
ATOM   226  O  OG1 . THR A 1 28  ? 8.664   10.921  5.671   1.00 15.03 ? 51  THR A OG1 1 
ATOM   227  C  CG2 . THR A 1 28  ? 8.687   10.404  8.013   1.00 16.44 ? 51  THR A CG2 1 
ATOM   228  N  N   . GLU A 1 29  ? 6.387   9.399   4.155   1.00 9.05  ? 52  GLU A N   1 
ATOM   229  C  CA  . GLU A 1 29  ? 5.368   9.504   3.140   1.00 8.66  ? 52  GLU A CA  1 
ATOM   230  C  C   . GLU A 1 29  ? 4.378   8.353   3.220   1.00 8.71  ? 52  GLU A C   1 
ATOM   231  O  O   . GLU A 1 29  ? 3.186   8.564   2.961   1.00 9.17  ? 52  GLU A O   1 
ATOM   232  C  CB  . GLU A 1 29  ? 5.961   9.609   1.734   1.00 10.03 ? 52  GLU A CB  1 
ATOM   233  C  CG  . GLU A 1 29  ? 4.885   9.828   0.685   1.00 11.37 ? 52  GLU A CG  1 
ATOM   234  C  CD  . GLU A 1 29  ? 5.359   10.337  -0.661  1.00 13.06 ? 52  GLU A CD  1 
ATOM   235  O  OE1 . GLU A 1 29  ? 6.514   10.796  -0.789  1.00 14.86 ? 52  GLU A OE1 1 
ATOM   236  O  OE2 . GLU A 1 29  ? 4.575   10.331  -1.616  1.00 13.55 ? 52  GLU A OE2 1 
ATOM   237  N  N   . ALA A 1 30  ? 4.852   7.142   3.540   1.00 8.66  ? 53  ALA A N   1 
ATOM   238  C  CA  . ALA A 1 30  ? 3.982   5.997   3.667   1.00 8.41  ? 53  ALA A CA  1 
ATOM   239  C  C   . ALA A 1 30  ? 2.894   6.224   4.694   1.00 7.74  ? 53  ALA A C   1 
ATOM   240  O  O   . ALA A 1 30  ? 1.713   5.947   4.442   1.00 8.01  ? 53  ALA A O   1 
ATOM   241  C  CB  . ALA A 1 30  ? 4.806   4.752   4.003   1.00 7.82  ? 53  ALA A CB  1 
ATOM   242  N  N   . ALA A 1 31  ? 3.287   6.714   5.867   1.00 8.22  ? 54  ALA A N   1 
ATOM   243  C  CA  . ALA A 1 31  ? 2.312   6.955   6.903   1.00 9.00  ? 54  ALA A CA  1 
ATOM   244  C  C   . ALA A 1 31  ? 1.279   7.988   6.451   1.00 9.03  ? 54  ALA A C   1 
ATOM   245  O  O   . ALA A 1 31  ? 0.086   7.860   6.714   1.00 9.06  ? 54  ALA A O   1 
ATOM   246  C  CB  . ALA A 1 31  ? 3.009   7.409   8.183   1.00 10.85 ? 54  ALA A CB  1 
ATOM   247  N  N   . ASP A 1 32  ? 1.736   9.021   5.750   1.00 8.90  ? 55  ASP A N   1 
ATOM   248  C  CA  . ASP A 1 32  ? 0.841   10.082  5.293   1.00 8.71  ? 55  ASP A CA  1 
ATOM   249  C  C   . ASP A 1 32  ? -0.088  9.575   4.206   1.00 7.99  ? 55  ASP A C   1 
ATOM   250  O  O   . ASP A 1 32  ? -1.267  9.937   4.173   1.00 8.37  ? 55  ASP A O   1 
ATOM   251  C  CB  . ASP A 1 32  ? 1.650   11.266  4.787   1.00 10.13 ? 55  ASP A CB  1 
ATOM   252  C  CG  . ASP A 1 32  ? 2.284   12.091  5.900   1.00 11.59 ? 55  ASP A CG  1 
ATOM   253  O  OD1 . ASP A 1 32  ? 1.966   11.899  7.075   1.00 15.34 ? 55  ASP A OD1 1 
ATOM   254  O  OD2 . ASP A 1 32  ? 3.130   12.948  5.557   1.00 13.60 ? 55  ASP A OD2 1 
ATOM   255  N  N   . LEU A 1 33  ? 0.416   8.690   3.356   1.00 7.55  ? 56  LEU A N   1 
ATOM   256  C  CA  . LEU A 1 33  ? -0.371  8.141   2.294   1.00 7.78  ? 56  LEU A CA  1 
ATOM   257  C  C   . LEU A 1 33  ? -1.461  7.254   2.860   1.00 6.97  ? 56  LEU A C   1 
ATOM   258  O  O   . LEU A 1 33  ? -2.629  7.355   2.476   1.00 7.80  ? 56  LEU A O   1 
ATOM   259  C  CB  . LEU A 1 33  ? 0.561   7.363   1.373   1.00 8.26  ? 56  LEU A CB  1 
ATOM   260  C  CG  . LEU A 1 33  ? -0.074  6.733   0.155   1.00 10.84 ? 56  LEU A CG  1 
ATOM   261  C  CD1 . LEU A 1 33  ? -0.930  7.751   -0.620  1.00 13.82 ? 56  LEU A CD1 1 
ATOM   262  C  CD2 . LEU A 1 33  ? 1.038   6.164   -0.718  1.00 12.67 ? 56  LEU A CD2 1 
ATOM   263  N  N   . CYS A 1 34  ? -1.112  6.394   3.815   1.00 7.17  ? 57  CYS A N   1 
ATOM   264  C  CA  . CYS A 1 34  ? -2.166  5.579   4.414   1.00 7.88  ? 57  CYS A CA  1 
ATOM   265  C  C   . CYS A 1 34  ? -3.224  6.458   5.089   1.00 7.87  ? 57  CYS A C   1 
ATOM   266  O  O   . CYS A 1 34  ? -4.409  6.173   4.965   1.00 7.31  ? 57  CYS A O   1 
ATOM   267  C  CB  . CYS A 1 34  ? -1.605  4.549   5.374   1.00 8.63  ? 57  CYS A CB  1 
ATOM   268  S  SG  . CYS A 1 34  ? -0.534  3.302   4.672   1.00 8.94  ? 57  CYS A SG  1 
ATOM   269  N  N   . GLN A 1 35  ? -2.779  7.513   5.795   1.00 8.48  ? 58  GLN A N   1 
ATOM   270  C  CA  . GLN A 1 35  ? -3.686  8.496   6.383   1.00 9.57  ? 58  GLN A CA  1 
ATOM   271  C  C   . GLN A 1 35  ? -4.741  8.993   5.364   1.00 8.67  ? 58  GLN A C   1 
ATOM   272  O  O   . GLN A 1 35  ? -5.934  9.156   5.730   1.00 9.55  ? 58  GLN A O   1 
ATOM   273  C  CB  . GLN A 1 35  ? -2.919  9.657   7.064   1.00 10.85 ? 58  GLN A CB  1 
ATOM   274  C  CG  . GLN A 1 35  ? -3.815  10.650  7.862   1.00 15.70 ? 58  GLN A CG  1 
ATOM   275  C  CD  . GLN A 1 35  ? -4.592  10.015  9.023   1.00 23.37 ? 58  GLN A CD  1 
ATOM   276  O  OE1 . GLN A 1 35  ? -4.081  9.145   9.717   1.00 28.39 ? 58  GLN A OE1 1 
ATOM   277  N  NE2 . GLN A 1 35  ? -5.826  10.477  9.251   1.00 29.10 ? 58  GLN A NE2 1 
ATOM   278  N  N   . ALA A 1 36  ? -4.334  9.233   4.126   1.00 8.15  ? 59  ALA A N   1 
ATOM   279  C  CA  . ALA A 1 36  ? -5.234  9.766   3.119   1.00 8.63  ? 59  ALA A CA  1 
ATOM   280  C  C   . ALA A 1 36  ? -6.304  8.748   2.730   1.00 8.53  ? 59  ALA A C   1 
ATOM   281  O  O   . ALA A 1 36  ? -7.378  9.124   2.253   1.00 8.80  ? 59  ALA A O   1 
ATOM   282  C  CB  . ALA A 1 36  ? -4.433  10.207  1.891   1.00 10.42 ? 59  ALA A CB  1 
ATOM   283  N  N   . PHE A 1 37  ? -6.010  7.443   2.920   1.00 8.16  ? 60  PHE A N   1 
ATOM   284  C  CA  . PHE A 1 37  ? -6.982  6.363   2.760   1.00 8.92  ? 60  PHE A CA  1 
ATOM   285  C  C   . PHE A 1 37  ? -7.730  6.042   4.073   1.00 9.33  ? 60  PHE A C   1 
ATOM   286  O  O   . PHE A 1 37  ? -8.321  4.941   4.182   1.00 9.83  ? 60  PHE A O   1 
ATOM   287  C  CB  . PHE A 1 37  ? -6.322  5.071   2.246   1.00 8.89  ? 60  PHE A CB  1 
ATOM   288  C  CG  . PHE A 1 37  ? -5.827  5.131   0.826   1.00 8.54  ? 60  PHE A CG  1 
ATOM   289  C  CD1 . PHE A 1 37  ? -6.683  4.912   -0.243  1.00 11.50 ? 60  PHE A CD1 1 
ATOM   290  C  CD2 . PHE A 1 37  ? -4.481  5.332   0.544   1.00 9.45  ? 60  PHE A CD2 1 
ATOM   291  C  CE1 . PHE A 1 37  ? -6.208  4.942   -1.578  1.00 12.23 ? 60  PHE A CE1 1 
ATOM   292  C  CE2 . PHE A 1 37  ? -3.997  5.359   -0.750  1.00 9.06  ? 60  PHE A CE2 1 
ATOM   293  C  CZ  . PHE A 1 37  ? -4.862  5.167   -1.819  1.00 10.63 ? 60  PHE A CZ  1 
ATOM   294  N  N   . ASN A 1 38  ? -7.692  6.938   5.062   1.00 9.25  ? 61  ASN A N   1 
ATOM   295  C  CA  . ASN A 1 38  ? -8.274  6.636   6.376   1.00 9.61  ? 61  ASN A CA  1 
ATOM   296  C  C   . ASN A 1 38  ? -7.738  5.310   6.929   1.00 8.59  ? 61  ASN A C   1 
ATOM   297  O  O   . ASN A 1 38  ? -8.475  4.535   7.571   1.00 10.30 ? 61  ASN A O   1 
ATOM   298  C  CB  . ASN A 1 38  ? -9.817  6.632   6.336   1.00 10.85 ? 61  ASN A CB  1 
ATOM   299  C  CG  . ASN A 1 38  ? -10.423 8.017   6.346   1.00 14.87 ? 61  ASN A CG  1 
ATOM   300  O  OD1 . ASN A 1 38  ? -9.894  8.942   6.962   1.00 19.44 ? 61  ASN A OD1 1 
ATOM   301  N  ND2 . ASN A 1 38  ? -11.552 8.160   5.656   1.00 20.45 ? 61  ASN A ND2 1 
ATOM   302  N  N   . SER A 1 39  ? -6.433  5.119   6.754   1.00 7.64  ? 62  SER A N   1 
ATOM   303  C  CA  . SER A 1 39  ? -5.772  3.870   7.052   1.00 7.74  ? 62  SER A CA  1 
ATOM   304  C  C   . SER A 1 39  ? -4.497  4.124   7.821   1.00 8.00  ? 62  SER A C   1 
ATOM   305  O  O   . SER A 1 39  ? -4.063  5.286   7.965   1.00 9.55  ? 62  SER A O   1 
ATOM   306  C  CB  . SER A 1 39  ? -5.484  3.156   5.735   1.00 7.39  ? 62  SER A CB  1 
ATOM   307  O  OG  . SER A 1 39  ? -6.658  2.720   5.082   1.00 8.81  ? 62  SER A OG  1 
ATOM   308  N  N   . THR A 1 40  ? -3.879  3.075   8.337   1.00 7.75  ? 63  THR A N   1 
ATOM   309  C  CA  . THR A 1 40  ? -2.617  3.160   9.055   1.00 8.09  ? 63  THR A CA  1 
ATOM   310  C  C   . THR A 1 40  ? -1.657  2.152   8.482   1.00 7.04  ? 63  THR A C   1 
ATOM   311  O  O   . THR A 1 40  ? -2.058  1.220   7.757   1.00 8.28  ? 63  THR A O   1 
ATOM   312  C  CB  . THR A 1 40  ? -2.833  2.813   10.551  1.00 8.40  ? 63  THR A CB  1 
ATOM   313  O  OG1 . THR A 1 40  ? -3.633  1.619   10.655  1.00 10.78 ? 63  THR A OG1 1 
ATOM   314  C  CG2 . THR A 1 40  ? -3.547  3.950   11.273  1.00 11.37 ? 63  THR A CG2 1 
ATOM   315  N  N   A LEU A 1 41  ? -0.386  2.273   8.820   0.50 6.53  ? 64  LEU A N   1 
ATOM   316  N  N   B LEU A 1 41  ? -0.375  2.288   8.775   0.50 6.76  ? 64  LEU A N   1 
ATOM   317  C  CA  A LEU A 1 41  ? 0.546   1.194   8.480   0.50 6.46  ? 64  LEU A CA  1 
ATOM   318  C  CA  B LEU A 1 41  ? 0.530   1.187   8.438   0.50 6.86  ? 64  LEU A CA  1 
ATOM   319  C  C   A LEU A 1 41  ? 0.213   -0.072  9.284   0.50 6.21  ? 64  LEU A C   1 
ATOM   320  C  C   B LEU A 1 41  ? 0.072   -0.040  9.227   0.50 6.20  ? 64  LEU A C   1 
ATOM   321  O  O   A LEU A 1 41  ? 0.147   -0.013  10.522  0.50 6.53  ? 64  LEU A O   1 
ATOM   322  O  O   B LEU A 1 41  ? -0.256  0.084   10.402  0.50 6.61  ? 64  LEU A O   1 
ATOM   323  C  CB  A LEU A 1 41  ? 1.974   1.620   8.787   0.50 6.62  ? 64  LEU A CB  1 
ATOM   324  C  CB  B LEU A 1 41  ? 1.970   1.532   8.809   0.50 7.29  ? 64  LEU A CB  1 
ATOM   325  C  CG  A LEU A 1 41  ? 2.509   2.812   8.007   0.50 6.71  ? 64  LEU A CG  1 
ATOM   326  C  CG  B LEU A 1 41  ? 2.691   2.500   7.873   0.50 8.85  ? 64  LEU A CG  1 
ATOM   327  C  CD1 A LEU A 1 41  ? 3.918   3.086   8.479   0.50 8.52  ? 64  LEU A CD1 1 
ATOM   328  C  CD1 B LEU A 1 41  ? 3.058   1.831   6.593   0.50 9.72  ? 64  LEU A CD1 1 
ATOM   329  C  CD2 A LEU A 1 41  ? 2.548   2.468   6.548   0.50 8.31  ? 64  LEU A CD2 1 
ATOM   330  C  CD2 B LEU A 1 41  ? 1.837   3.688   7.611   0.50 13.24 ? 64  LEU A CD2 1 
ATOM   331  N  N   . PRO A 1 42  ? 0.044   -1.227  8.604   1.00 6.73  ? 65  PRO A N   1 
ATOM   332  C  CA  . PRO A 1 42  ? -0.385  -2.421  9.329   1.00 6.26  ? 65  PRO A CA  1 
ATOM   333  C  C   . PRO A 1 42  ? 0.608   -2.811  10.403  1.00 6.10  ? 65  PRO A C   1 
ATOM   334  O  O   . PRO A 1 42  ? 1.835   -2.638  10.221  1.00 7.19  ? 65  PRO A O   1 
ATOM   335  C  CB  . PRO A 1 42  ? -0.428  -3.499  8.239   1.00 6.43  ? 65  PRO A CB  1 
ATOM   336  C  CG  . PRO A 1 42  ? -0.531  -2.744  6.955   1.00 7.45  ? 65  PRO A CG  1 
ATOM   337  C  CD  . PRO A 1 42  ? 0.241   -1.487  7.169   1.00 6.25  ? 65  PRO A CD  1 
ATOM   338  N  N   . THR A 1 43  ? 0.126   -3.393  11.490  1.00 6.98  ? 66  THR A N   1 
ATOM   339  C  CA  . THR A 1 43  ? 1.030   -4.115  12.364  1.00 7.35  ? 66  THR A CA  1 
ATOM   340  C  C   . THR A 1 43  ? 1.418   -5.456  11.719  1.00 6.64  ? 66  THR A C   1 
ATOM   341  O  O   . THR A 1 43  ? 0.747   -5.959  10.795  1.00 6.78  ? 66  THR A O   1 
ATOM   342  C  CB  . THR A 1 43  ? 0.384   -4.391  13.720  1.00 7.47  ? 66  THR A CB  1 
ATOM   343  O  OG1 . THR A 1 43  ? -0.711  -5.292  13.526  1.00 8.17  ? 66  THR A OG1 1 
ATOM   344  C  CG2 . THR A 1 43  ? -0.106  -3.080  14.377  1.00 10.44 ? 66  THR A CG2 1 
ATOM   345  N  N   . MET A 1 44  ? 2.479   -6.065  12.253  1.00 7.03  ? 67  MET A N   1 
ATOM   346  C  CA  . MET A 1 44  ? 2.840   -7.397  11.830  1.00 7.06  ? 67  MET A CA  1 
ATOM   347  C  C   . MET A 1 44  ? 1.689   -8.391  11.983  1.00 7.46  ? 67  MET A C   1 
ATOM   348  O  O   . MET A 1 44  ? 1.416   -9.171  11.078  1.00 7.86  ? 67  MET A O   1 
ATOM   349  C  CB  . MET A 1 44  ? 4.095   -7.895  12.541  1.00 8.76  ? 67  MET A CB  1 
ATOM   350  C  CG  . MET A 1 44  ? 4.516   -9.301  12.118  1.00 10.70 ? 67  MET A CG  1 
ATOM   351  S  SD  . MET A 1 44  ? 4.987   -9.430  10.403  1.00 14.28 ? 67  MET A SD  1 
ATOM   352  C  CE  . MET A 1 44  ? 6.586   -8.675  10.482  1.00 18.26 ? 67  MET A CE  1 
ATOM   353  N  N   . ASP A 1 45  ? 0.981   -8.329  13.096  1.00 7.43  ? 68  ASP A N   1 
ATOM   354  C  CA  . ASP A 1 45  ? -0.157  -9.242  13.296  1.00 8.28  ? 68  ASP A CA  1 
ATOM   355  C  C   . ASP A 1 45  ? -1.283  -9.012  12.289  1.00 6.95  ? 68  ASP A C   1 
ATOM   356  O  O   . ASP A 1 45  ? -1.877  -9.957  11.788  1.00 7.17  ? 68  ASP A O   1 
ATOM   357  C  CB  . ASP A 1 45  ? -0.695  -9.158  14.725  1.00 10.60 ? 68  ASP A CB  1 
ATOM   358  C  CG  . ASP A 1 45  ? 0.191   -9.870  15.742  1.00 14.99 ? 68  ASP A CG  1 
ATOM   359  O  OD1 . ASP A 1 45  ? 1.070   -10.664 15.364  1.00 18.23 ? 68  ASP A OD1 1 
ATOM   360  O  OD2 . ASP A 1 45  ? -0.050  -9.603  16.945  1.00 20.99 ? 68  ASP A OD2 1 
ATOM   361  N  N   . GLN A 1 46  ? -1.558  -7.748  11.953  1.00 6.75  ? 69  GLN A N   1 
ATOM   362  C  CA  . GLN A 1 46  ? -2.583  -7.459  10.951  1.00 6.05  ? 69  GLN A CA  1 
ATOM   363  C  C   . GLN A 1 46  ? -2.151  -8.010  9.609   1.00 5.55  ? 69  GLN A C   1 
ATOM   364  O  O   . GLN A 1 46  ? -2.972  -8.581  8.883   1.00 5.94  ? 69  GLN A O   1 
ATOM   365  C  CB  . GLN A 1 46  ? -2.815  -5.954  10.863  1.00 6.10  ? 69  GLN A CB  1 
ATOM   366  C  CG  . GLN A 1 46  ? -3.629  -5.395  12.039  1.00 6.78  ? 69  GLN A CG  1 
ATOM   367  C  CD  . GLN A 1 46  ? -3.591  -3.904  12.155  1.00 5.95  ? 69  GLN A CD  1 
ATOM   368  O  OE1 . GLN A 1 46  ? -2.735  -3.207  11.609  1.00 6.90  ? 69  GLN A OE1 1 
ATOM   369  N  NE2 . GLN A 1 46  ? -4.546  -3.383  12.902  1.00 6.63  ? 69  GLN A NE2 1 
ATOM   370  N  N   . MET A 1 47  ? -0.865  -7.875  9.265   1.00 5.91  ? 70  MET A N   1 
ATOM   371  C  CA  . MET A 1 47  ? -0.348  -8.409  8.028   1.00 6.09  ? 70  MET A CA  1 
ATOM   372  C  C   . MET A 1 47  ? -0.426  -9.924  7.994   1.00 6.15  ? 70  MET A C   1 
ATOM   373  O  O   . MET A 1 47  ? -0.755  -10.519 6.977   1.00 6.07  ? 70  MET A O   1 
ATOM   374  C  CB  . MET A 1 47  ? 1.077   -7.919  7.810   1.00 6.65  ? 70  MET A CB  1 
ATOM   375  C  CG  . MET A 1 47  ? 1.728   -8.462  6.556   1.00 7.33  ? 70  MET A CG  1 
ATOM   376  S  SD  . MET A 1 47  ? 0.896   -8.066  4.967   1.00 6.86  ? 70  MET A SD  1 
ATOM   377  C  CE  . MET A 1 47  ? 1.485   -6.407  4.769   1.00 9.83  ? 70  MET A CE  1 
ATOM   378  N  N   . LYS A 1 48  ? -0.086  -10.579 9.110   1.00 6.16  ? 71  LYS A N   1 
ATOM   379  C  CA  . LYS A 1 48  ? -0.159  -12.044 9.137   1.00 6.55  ? 71  LYS A CA  1 
ATOM   380  C  C   . LYS A 1 48  ? -1.600  -12.514 8.914   1.00 6.35  ? 71  LYS A C   1 
ATOM   381  O  O   . LYS A 1 48  ? -1.822  -13.496 8.215   1.00 6.72  ? 71  LYS A O   1 
ATOM   382  C  CB  . LYS A 1 48  ? 0.394   -12.569 10.454  1.00 7.43  ? 71  LYS A CB  1 
ATOM   383  C  CG  . LYS A 1 48  ? 1.897   -12.492 10.548  1.00 8.56  ? 71  LYS A CG  1 
ATOM   384  C  CD  . LYS A 1 48  ? 2.427   -12.972 11.879  1.00 11.62 ? 71  LYS A CD  1 
ATOM   385  C  CE  . LYS A 1 48  ? 3.941   -13.110 11.831  1.00 14.16 ? 71  LYS A CE  1 
ATOM   386  N  NZ  . LYS A 1 48  ? 4.564   -13.429 13.161  1.00 19.00 ? 71  LYS A NZ  1 
ATOM   387  N  N   . LEU A 1 49  ? -2.591  -11.822 9.481   1.00 6.15  ? 72  LEU A N   1 
ATOM   388  C  CA  . LEU A 1 49  ? -3.977  -12.226 9.256   1.00 6.77  ? 72  LEU A CA  1 
ATOM   389  C  C   . LEU A 1 49  ? -4.353  -12.019 7.798   1.00 6.03  ? 72  LEU A C   1 
ATOM   390  O  O   . LEU A 1 49  ? -4.996  -12.880 7.192   1.00 6.59  ? 72  LEU A O   1 
ATOM   391  C  CB  . LEU A 1 49  ? -4.923  -11.508 10.207  1.00 6.43  ? 72  LEU A CB  1 
ATOM   392  C  CG  . LEU A 1 49  ? -6.333  -12.137 10.186  1.00 7.79  ? 72  LEU A CG  1 
ATOM   393  C  CD1 . LEU A 1 49  ? -6.395  -13.537 10.778  1.00 11.08 ? 72  LEU A CD1 1 
ATOM   394  C  CD2 . LEU A 1 49  ? -7.365  -11.191 10.800  1.00 10.15 ? 72  LEU A CD2 1 
ATOM   395  N  N   . ALA A 1 50  ? -3.936  -10.893 7.212   1.00 5.39  ? 73  ALA A N   1 
ATOM   396  C  CA  . ALA A 1 50  ? -4.209  -10.653 5.795   1.00 6.09  ? 73  ALA A CA  1 
ATOM   397  C  C   . ALA A 1 50  ? -3.630  -11.765 4.929   1.00 5.93  ? 73  ALA A C   1 
ATOM   398  O  O   . ALA A 1 50  ? -4.292  -12.267 4.014   1.00 6.03  ? 73  ALA A O   1 
ATOM   399  C  CB  . ALA A 1 50  ? -3.634  -9.310  5.376   1.00 5.94  ? 73  ALA A CB  1 
ATOM   400  N  N   A LEU A 1 51  ? -2.368  -12.127 5.196   0.50 5.88  ? 74  LEU A N   1 
ATOM   401  N  N   B LEU A 1 51  ? -2.386  -12.148 5.174   0.50 6.22  ? 74  LEU A N   1 
ATOM   402  C  CA  A LEU A 1 51  ? -1.696  -13.263 4.541   0.50 6.54  ? 74  LEU A CA  1 
ATOM   403  C  CA  B LEU A 1 51  ? -1.784  -13.230 4.405   0.50 7.34  ? 74  LEU A CA  1 
ATOM   404  C  C   A LEU A 1 51  ? -2.592  -14.495 4.566   0.50 7.15  ? 74  LEU A C   1 
ATOM   405  C  C   B LEU A 1 51  ? -2.581  -14.532 4.561   0.50 7.55  ? 74  LEU A C   1 
ATOM   406  O  O   A LEU A 1 51  ? -2.878  -15.131 3.529   0.50 7.18  ? 74  LEU A O   1 
ATOM   407  O  O   B LEU A 1 51  ? -2.785  -15.269 3.596   0.50 7.57  ? 74  LEU A O   1 
ATOM   408  C  CB  A LEU A 1 51  ? -0.359  -13.512 5.238   0.50 5.86  ? 74  LEU A CB  1 
ATOM   409  C  CB  B LEU A 1 51  ? -0.335  -13.355 4.828   0.50 6.73  ? 74  LEU A CB  1 
ATOM   410  C  CG  A LEU A 1 51  ? 0.420   -14.701 4.698   0.50 6.15  ? 74  LEU A CG  1 
ATOM   411  C  CG  B LEU A 1 51  ? 0.512   -14.308 4.010   0.50 9.27  ? 74  LEU A CG  1 
ATOM   412  C  CD1 A LEU A 1 51  ? 0.959   -14.444 3.306   0.50 10.47 ? 74  LEU A CD1 1 
ATOM   413  C  CD1 B LEU A 1 51  ? 1.955   -14.017 4.332   0.50 11.68 ? 74  LEU A CD1 1 
ATOM   414  C  CD2 A LEU A 1 51  ? 1.557   -15.042 5.670   0.50 8.03  ? 74  LEU A CD2 1 
ATOM   415  C  CD2 B LEU A 1 51  ? 0.133   -15.705 4.330   0.50 12.07 ? 74  LEU A CD2 1 
ATOM   416  N  N   . SER A 1 52  ? -3.091  -14.792 5.757   1.00 7.32  ? 75  SER A N   1 
ATOM   417  C  CA  . SER A 1 52  ? -3.904  -16.003 5.965   1.00 8.50  ? 75  SER A CA  1 
ATOM   418  C  C   . SER A 1 52  ? -5.201  -15.984 5.176   1.00 8.60  ? 75  SER A C   1 
ATOM   419  O  O   . SER A 1 52  ? -5.769  -17.074 4.915   1.00 10.41 ? 75  SER A O   1 
ATOM   420  C  CB  . SER A 1 52  ? -4.160  -16.227 7.460   1.00 9.51  ? 75  SER A CB  1 
ATOM   421  O  OG  . SER A 1 52  ? -5.237  -15.443 7.915   1.00 10.33 ? 75  SER A OG  1 
ATOM   422  N  N   . LYS A 1 53  ? -5.694  -14.805 4.810   1.00 8.32  ? 76  LYS A N   1 
ATOM   423  C  CA  . LYS A 1 53  ? -6.907  -14.667 4.005   1.00 8.59  ? 76  LYS A CA  1 
ATOM   424  C  C   . LYS A 1 53  ? -6.636  -14.642 2.513   1.00 8.43  ? 76  LYS A C   1 
ATOM   425  O  O   . LYS A 1 53  ? -7.577  -14.550 1.725   1.00 10.35 ? 76  LYS A O   1 
ATOM   426  C  CB  . LYS A 1 53  ? -7.662  -13.388 4.361   1.00 9.84  ? 76  LYS A CB  1 
ATOM   427  C  CG  . LYS A 1 53  ? -8.087  -13.214 5.817   1.00 11.71 ? 76  LYS A CG  1 
ATOM   428  C  CD  . LYS A 1 53  ? -8.934  -14.339 6.315   1.00 13.52 ? 76  LYS A CD  1 
ATOM   429  C  CE  . LYS A 1 53  ? -9.338  -14.033 7.754   1.00 17.08 ? 76  LYS A CE  1 
ATOM   430  N  NZ  . LYS A 1 53  ? -10.207 -15.090 8.262   1.00 18.84 ? 76  LYS A NZ  1 
ATOM   431  N  N   . GLY A 1 54  ? -5.375  -14.718 2.098   1.00 7.89  ? 77  GLY A N   1 
ATOM   432  C  CA  . GLY A 1 54  ? -5.087  -14.792 0.668   1.00 8.64  ? 77  GLY A CA  1 
ATOM   433  C  C   . GLY A 1 54  ? -4.197  -13.689 0.106   1.00 6.77  ? 77  GLY A C   1 
ATOM   434  O  O   . GLY A 1 54  ? -4.009  -13.636 -1.102  1.00 8.78  ? 77  GLY A O   1 
ATOM   435  N  N   . PHE A 1 55  ? -3.667  -12.811 0.953   1.00 6.79  ? 78  PHE A N   1 
ATOM   436  C  CA  . PHE A 1 55  ? -2.859  -11.682 0.474   1.00 5.86  ? 78  PHE A CA  1 
ATOM   437  C  C   . PHE A 1 55  ? -1.431  -12.085 0.170   1.00 6.04  ? 78  PHE A C   1 
ATOM   438  O  O   . PHE A 1 55  ? -0.717  -12.551 1.041   1.00 6.41  ? 78  PHE A O   1 
ATOM   439  C  CB  . PHE A 1 55  ? -2.829  -10.591 1.523   1.00 6.23  ? 78  PHE A CB  1 
ATOM   440  C  CG  . PHE A 1 55  ? -2.263  -9.266  1.077   1.00 6.15  ? 78  PHE A CG  1 
ATOM   441  C  CD1 . PHE A 1 55  ? -2.513  -8.731  -0.176  1.00 8.48  ? 78  PHE A CD1 1 
ATOM   442  C  CD2 . PHE A 1 55  ? -1.494  -8.528  1.945   1.00 6.33  ? 78  PHE A CD2 1 
ATOM   443  C  CE1 . PHE A 1 55  ? -2.052  -7.428  -0.523  1.00 8.45  ? 78  PHE A CE1 1 
ATOM   444  C  CE2 . PHE A 1 55  ? -1.018  -7.295  1.601   1.00 6.48  ? 78  PHE A CE2 1 
ATOM   445  C  CZ  . PHE A 1 55  ? -1.326  -6.716  0.379   1.00 7.64  ? 78  PHE A CZ  1 
ATOM   446  N  N   . GLU A 1 56  ? -0.983  -11.818 -1.057  1.00 6.66  ? 79  GLU A N   1 
ATOM   447  C  CA  . GLU A 1 56  ? 0.434   -11.879 -1.385  1.00 7.00  ? 79  GLU A CA  1 
ATOM   448  C  C   . GLU A 1 56  ? 0.759   -10.841 -2.436  1.00 5.96  ? 79  GLU A C   1 
ATOM   449  O  O   . GLU A 1 56  ? -0.104  -10.488 -3.229  1.00 6.48  ? 79  GLU A O   1 
ATOM   450  C  CB  . GLU A 1 56  ? 0.898   -13.281 -1.783  1.00 8.23  ? 79  GLU A CB  1 
ATOM   451  C  CG  . GLU A 1 56  ? 0.359   -13.773 -3.081  1.00 10.21 ? 79  GLU A CG  1 
ATOM   452  C  CD  . GLU A 1 56  ? 0.859   -15.157 -3.459  1.00 10.49 ? 79  GLU A CD  1 
ATOM   453  O  OE1 . GLU A 1 56  ? 1.882   -15.658 -2.931  1.00 10.53 ? 79  GLU A OE1 1 
ATOM   454  O  OE2 . GLU A 1 56  ? 0.208   -15.773 -4.327  1.00 9.46  ? 79  GLU A OE2 1 
ATOM   455  N  N   . THR A 1 57  ? 1.997   -10.356 -2.402  1.00 6.21  ? 80  THR A N   1 
ATOM   456  C  CA  . THR A 1 57  ? 2.523   -9.466  -3.433  1.00 6.46  ? 80  THR A CA  1 
ATOM   457  C  C   . THR A 1 57  ? 3.925   -9.922  -3.806  1.00 6.31  ? 80  THR A C   1 
ATOM   458  O  O   . THR A 1 57  ? 4.499   -10.796 -3.181  1.00 6.85  ? 80  THR A O   1 
ATOM   459  C  CB  . THR A 1 57  ? 2.581   -7.991  -2.988  1.00 7.15  ? 80  THR A CB  1 
ATOM   460  O  OG1 . THR A 1 57  ? 3.739   -7.843  -2.187  1.00 7.59  ? 80  THR A OG1 1 
ATOM   461  C  CG2 . THR A 1 57  ? 1.327   -7.532  -2.262  1.00 8.18  ? 80  THR A CG2 1 
ATOM   462  N  N   . CYS A 1 58  ? 4.509   -9.252  -4.789  1.00 6.97  ? 81  CYS A N   1 
ATOM   463  C  CA  . CYS A 1 58  ? 5.914   -9.438  -5.092  1.00 7.47  ? 81  CYS A CA  1 
ATOM   464  C  C   . CYS A 1 58  ? 6.676   -8.131  -4.927  1.00 7.09  ? 81  CYS A C   1 
ATOM   465  O  O   . CYS A 1 58  ? 7.624   -7.849  -5.700  1.00 9.59  ? 81  CYS A O   1 
ATOM   466  C  CB  . CYS A 1 58  ? 6.104   -10.006 -6.487  1.00 9.54  ? 81  CYS A CB  1 
ATOM   467  S  SG  . CYS A 1 58  ? 7.737   -10.669 -6.868  1.00 13.90 ? 81  CYS A SG  1 
ATOM   468  N  N   . ARG A 1 59  ? 6.297   -7.319  -3.932  1.00 7.14  ? 82  ARG A N   1 
ATOM   469  C  CA  . ARG A 1 59  ? 6.902   -6.009  -3.763  1.00 7.39  ? 82  ARG A CA  1 
ATOM   470  C  C   . ARG A 1 59  ? 7.185   -5.693  -2.309  1.00 6.60  ? 82  ARG A C   1 
ATOM   471  O  O   . ARG A 1 59  ? 6.313   -5.945  -1.435  1.00 7.67  ? 82  ARG A O   1 
ATOM   472  C  CB  . ARG A 1 59  ? 5.900   -4.938  -4.235  1.00 9.22  ? 82  ARG A CB  1 
ATOM   473  C  CG  . ARG A 1 59  ? 5.476   -5.004  -5.662  1.00 10.78 ? 82  ARG A CG  1 
ATOM   474  C  CD  . ARG A 1 59  ? 6.591   -4.464  -6.567  1.00 12.40 ? 82  ARG A CD  1 
ATOM   475  N  NE  . ARG A 1 59  ? 6.736   -2.983  -6.449  1.00 11.55 ? 82  ARG A NE  1 
ATOM   476  C  CZ  . ARG A 1 59  ? 7.625   -2.240  -7.113  1.00 9.78  ? 82  ARG A CZ  1 
ATOM   477  N  NH1 . ARG A 1 59  ? 7.722   -0.930  -6.879  1.00 10.05 ? 82  ARG A NH1 1 
ATOM   478  N  NH2 . ARG A 1 59  ? 8.402   -2.810  -8.027  1.00 12.82 ? 82  ARG A NH2 1 
ATOM   479  N  N   . TYR A 1 60  ? 8.368   -5.135  -2.025  1.00 6.29  ? 83  TYR A N   1 
ATOM   480  C  CA  . TYR A 1 60  ? 8.647   -4.656  -0.680  1.00 6.49  ? 83  TYR A CA  1 
ATOM   481  C  C   . TYR A 1 60  ? 7.773   -3.463  -0.325  1.00 5.85  ? 83  TYR A C   1 
ATOM   482  O  O   . TYR A 1 60  ? 7.637   -2.532  -1.128  1.00 6.94  ? 83  TYR A O   1 
ATOM   483  C  CB  . TYR A 1 60  ? 10.087  -4.178  -0.614  1.00 6.87  ? 83  TYR A CB  1 
ATOM   484  C  CG  . TYR A 1 60  ? 11.093  -5.260  -0.717  1.00 8.32  ? 83  TYR A CG  1 
ATOM   485  C  CD1 . TYR A 1 60  ? 11.246  -6.174  0.334   1.00 8.71  ? 83  TYR A CD1 1 
ATOM   486  C  CD2 . TYR A 1 60  ? 11.923  -5.364  -1.827  1.00 10.74 ? 83  TYR A CD2 1 
ATOM   487  C  CE1 . TYR A 1 60  ? 12.172  -7.203  0.274   1.00 12.99 ? 83  TYR A CE1 1 
ATOM   488  C  CE2 . TYR A 1 60  ? 12.887  -6.385  -1.901  1.00 17.55 ? 83  TYR A CE2 1 
ATOM   489  C  CZ  . TYR A 1 60  ? 12.991  -7.283  -0.844  1.00 14.32 ? 83  TYR A CZ  1 
ATOM   490  O  OH  . TYR A 1 60  ? 13.939  -8.288  -0.930  1.00 22.51 ? 83  TYR A OH  1 
ATOM   491  N  N   . GLY A 1 61  ? 7.239   -3.466  0.887   1.00 5.93  ? 84  GLY A N   1 
ATOM   492  C  CA  . GLY A 1 61  ? 6.538   -2.305  1.381   1.00 5.76  ? 84  GLY A CA  1 
ATOM   493  C  C   . GLY A 1 61  ? 6.575   -2.171  2.873   1.00 5.33  ? 84  GLY A C   1 
ATOM   494  O  O   . GLY A 1 61  ? 6.697   -3.141  3.592   1.00 5.68  ? 84  GLY A O   1 
ATOM   495  N  N   . PHE A 1 62  ? 6.404   -0.930  3.324   1.00 5.60  ? 85  PHE A N   1 
ATOM   496  C  CA  . PHE A 1 62  ? 6.387   -0.641  4.764   1.00 6.14  ? 85  PHE A CA  1 
ATOM   497  C  C   . PHE A 1 62  ? 5.172   -1.254  5.436   1.00 5.08  ? 85  PHE A C   1 
ATOM   498  O  O   . PHE A 1 62  ? 4.035   -1.177  4.927   1.00 6.00  ? 85  PHE A O   1 
ATOM   499  C  CB  . PHE A 1 62  ? 6.320   0.858   5.029   1.00 6.34  ? 85  PHE A CB  1 
ATOM   500  C  CG  . PHE A 1 62  ? 7.445   1.608   4.472   1.00 7.02  ? 85  PHE A CG  1 
ATOM   501  C  CD1 . PHE A 1 62  ? 8.647   1.645   5.072   1.00 7.86  ? 85  PHE A CD1 1 
ATOM   502  C  CD2 . PHE A 1 62  ? 7.241   2.313   3.288   1.00 9.33  ? 85  PHE A CD2 1 
ATOM   503  C  CE1 . PHE A 1 62  ? 9.684   2.399   4.453   1.00 9.61  ? 85  PHE A CE1 1 
ATOM   504  C  CE2 . PHE A 1 62  ? 8.215   3.007   2.681   1.00 10.01 ? 85  PHE A CE2 1 
ATOM   505  C  CZ  . PHE A 1 62  ? 9.421   3.063   3.264   1.00 7.19  ? 85  PHE A CZ  1 
ATOM   506  N  N   . ILE A 1 63  ? 5.411   -1.793  6.619   1.00 5.66  ? 86  ILE A N   1 
ATOM   507  C  CA  . ILE A 1 63  ? 4.419   -1.955  7.653   1.00 5.85  ? 86  ILE A CA  1 
ATOM   508  C  C   . ILE A 1 63  ? 4.944   -1.202  8.881   1.00 6.14  ? 86  ILE A C   1 
ATOM   509  O  O   . ILE A 1 63  ? 5.998   -0.534  8.792   1.00 7.65  ? 86  ILE A O   1 
ATOM   510  C  CB  . ILE A 1 63  ? 4.098   -3.425  7.992   1.00 5.73  ? 86  ILE A CB  1 
ATOM   511  C  CG1 . ILE A 1 63  ? 5.332   -4.154  8.546   1.00 6.65  ? 86  ILE A CG1 1 
ATOM   512  C  CG2 . ILE A 1 63  ? 3.512   -4.121  6.798   1.00 7.02  ? 86  ILE A CG2 1 
ATOM   513  C  CD1 . ILE A 1 63  ? 4.999   -5.508  9.164   1.00 8.32  ? 86  ILE A CD1 1 
ATOM   514  N  N   . GLU A 1 64  ? 4.246   -1.230  9.988   1.00 6.21  ? 87  GLU A N   1 
ATOM   515  C  CA  . GLU A 1 64  ? 4.778   -0.626  11.213  1.00 8.21  ? 87  GLU A CA  1 
ATOM   516  C  C   . GLU A 1 64  ? 6.004   -1.394  11.648  1.00 8.80  ? 87  GLU A C   1 
ATOM   517  O  O   . GLU A 1 64  ? 5.919   -2.594  11.915  1.00 10.61 ? 87  GLU A O   1 
ATOM   518  C  CB  . GLU A 1 64  ? 3.735   -0.617  12.305  1.00 9.77  ? 87  GLU A CB  1 
ATOM   519  C  CG  . GLU A 1 64  ? 4.174   0.227   13.480  1.00 14.62 ? 87  GLU A CG  1 
ATOM   520  C  CD  . GLU A 1 64  ? 4.176   1.739   13.206  1.00 18.54 ? 87  GLU A CD  1 
ATOM   521  O  OE1 . GLU A 1 64  ? 3.314   2.257   12.460  1.00 21.73 ? 87  GLU A OE1 1 
ATOM   522  O  OE2 . GLU A 1 64  ? 5.069   2.437   13.737  1.00 27.61 ? 87  GLU A OE2 1 
ATOM   523  N  N   . GLY A 1 65  ? 7.153   -0.742  11.625  1.00 8.53  ? 88  GLY A N   1 
ATOM   524  C  CA  . GLY A 1 65  ? 8.351   -1.382  12.111  1.00 7.84  ? 88  GLY A CA  1 
ATOM   525  C  C   . GLY A 1 65  ? 9.278   -2.060  11.118  1.00 7.52  ? 88  GLY A C   1 
ATOM   526  O  O   . GLY A 1 65  ? 10.444  -2.147  11.392  1.00 8.18  ? 88  GLY A O   1 
ATOM   527  N  N   . ASN A 1 66  ? 8.785   -2.551  9.982   1.00 6.59  ? 89  ASN A N   1 
ATOM   528  C  CA  . ASN A 1 66  ? 9.603   -3.300  9.079   1.00 6.26  ? 89  ASN A CA  1 
ATOM   529  C  C   . ASN A 1 66  ? 9.173   -3.031  7.666   1.00 5.71  ? 89  ASN A C   1 
ATOM   530  O  O   . ASN A 1 66  ? 8.143   -2.370  7.448   1.00 6.50  ? 89  ASN A O   1 
ATOM   531  C  CB  . ASN A 1 66  ? 9.490   -4.803  9.395   1.00 6.46  ? 89  ASN A CB  1 
ATOM   532  C  CG  . ASN A 1 66  ? 10.292  -5.217  10.615  1.00 7.62  ? 89  ASN A CG  1 
ATOM   533  O  OD1 . ASN A 1 66  ? 11.558  -5.303  10.546  1.00 9.56  ? 89  ASN A OD1 1 
ATOM   534  N  ND2 . ASN A 1 66  ? 9.602   -5.490  11.721  1.00 6.43  ? 89  ASN A ND2 1 
ATOM   535  N  N   . VAL A 1 67  ? 9.941   -3.567  6.743   1.00 6.00  ? 90  VAL A N   1 
ATOM   536  C  CA  . VAL A 1 67  ? 9.628   -3.605  5.323   1.00 5.52  ? 90  VAL A CA  1 
ATOM   537  C  C   . VAL A 1 67  ? 9.489   -5.077  4.946   1.00 5.59  ? 90  VAL A C   1 
ATOM   538  O  O   . VAL A 1 67  ? 10.361  -5.886  5.294   1.00 6.52  ? 90  VAL A O   1 
ATOM   539  C  CB  . VAL A 1 67  ? 10.766  -2.938  4.511   1.00 5.61  ? 90  VAL A CB  1 
ATOM   540  C  CG1 . VAL A 1 67  ? 10.577  -3.134  3.011   1.00 7.30  ? 90  VAL A CG1 1 
ATOM   541  C  CG2 . VAL A 1 67  ? 10.860  -1.442  4.858   1.00 8.36  ? 90  VAL A CG2 1 
ATOM   542  N  N   . VAL A 1 68  ? 8.383   -5.448  4.274   1.00 5.25  ? 91  VAL A N   1 
ATOM   543  C  CA  . VAL A 1 68  ? 8.026   -6.845  4.121   1.00 5.62  ? 91  VAL A CA  1 
ATOM   544  C  C   . VAL A 1 68  ? 7.463   -7.150  2.762   1.00 5.73  ? 91  VAL A C   1 
ATOM   545  O  O   . VAL A 1 68  ? 7.073   -6.249  1.999   1.00 5.72  ? 91  VAL A O   1 
ATOM   546  C  CB  . VAL A 1 68  ? 6.983   -7.297  5.222   1.00 5.78  ? 91  VAL A CB  1 
ATOM   547  C  CG1 . VAL A 1 68  ? 7.491   -7.026  6.639   1.00 7.23  ? 91  VAL A CG1 1 
ATOM   548  C  CG2 . VAL A 1 68  ? 5.635   -6.679  4.965   1.00 6.84  ? 91  VAL A CG2 1 
ATOM   549  N  N   . ILE A 1 69  ? 7.380   -8.446  2.476   1.00 6.04  ? 92  ILE A N   1 
ATOM   550  C  CA  . ILE A 1 69  ? 6.628   -8.984  1.328   1.00 6.36  ? 92  ILE A CA  1 
ATOM   551  C  C   . ILE A 1 69  ? 5.796   -10.159 1.826   1.00 6.18  ? 92  ILE A C   1 
ATOM   552  O  O   . ILE A 1 69  ? 6.385   -11.156 2.256   1.00 6.68  ? 92  ILE A O   1 
ATOM   553  C  CB  . ILE A 1 69  ? 7.516   -9.480  0.162   1.00 6.79  ? 92  ILE A CB  1 
ATOM   554  C  CG1 . ILE A 1 69  ? 8.531   -8.398  -0.267  1.00 8.02  ? 92  ILE A CG1 1 
ATOM   555  C  CG2 . ILE A 1 69  ? 6.630   -9.916  -0.963  1.00 7.99  ? 92  ILE A CG2 1 
ATOM   556  C  CD1 . ILE A 1 69  ? 9.466   -8.819  -1.435  1.00 10.24 ? 92  ILE A CD1 1 
ATOM   557  N  N   . PRO A 1 70  ? 4.445   -10.094 1.783   1.00 6.20  ? 93  PRO A N   1 
ATOM   558  C  CA  . PRO A 1 70  ? 3.652   -11.272 2.124   1.00 6.11  ? 93  PRO A CA  1 
ATOM   559  C  C   . PRO A 1 70  ? 3.682   -12.250 0.951   1.00 5.93  ? 93  PRO A C   1 
ATOM   560  O  O   . PRO A 1 70  ? 3.427   -11.881 -0.182  1.00 6.34  ? 93  PRO A O   1 
ATOM   561  C  CB  . PRO A 1 70  ? 2.248   -10.691 2.373   1.00 6.63  ? 93  PRO A CB  1 
ATOM   562  C  CG  . PRO A 1 70  ? 2.209   -9.480  1.458   1.00 7.50  ? 93  PRO A CG  1 
ATOM   563  C  CD  . PRO A 1 70  ? 3.617   -8.954  1.374   1.00 6.78  ? 93  PRO A CD  1 
ATOM   564  N  N   . ARG A 1 71  ? 3.973   -13.517 1.271   1.00 6.58  ? 94  ARG A N   1 
ATOM   565  C  CA  . ARG A 1 71  ? 4.068   -14.566 0.254   1.00 7.42  ? 94  ARG A CA  1 
ATOM   566  C  C   . ARG A 1 71  ? 3.278   -15.805 0.665   1.00 7.88  ? 94  ARG A C   1 
ATOM   567  O  O   . ARG A 1 71  ? 3.453   -16.332 1.758   1.00 8.54  ? 94  ARG A O   1 
ATOM   568  C  CB  . ARG A 1 71  ? 5.522   -15.007 0.031   1.00 8.00  ? 94  ARG A CB  1 
ATOM   569  C  CG  . ARG A 1 71  ? 6.427   -13.968 -0.575  1.00 8.99  ? 94  ARG A CG  1 
ATOM   570  C  CD  . ARG A 1 71  ? 5.942   -13.470 -1.914  1.00 8.73  ? 94  ARG A CD  1 
ATOM   571  N  NE  . ARG A 1 71  ? 5.781   -14.570 -2.872  1.00 9.63  ? 94  ARG A NE  1 
ATOM   572  C  CZ  . ARG A 1 71  ? 5.050   -14.478 -3.957  1.00 10.42 ? 94  ARG A CZ  1 
ATOM   573  N  NH1 . ARG A 1 71  ? 4.414   -13.335 -4.260  1.00 12.83 ? 94  ARG A NH1 1 
ATOM   574  N  NH2 . ARG A 1 71  ? 4.981   -15.532 -4.790  1.00 14.30 ? 94  ARG A NH2 1 
ATOM   575  N  N   . ILE A 1 72  ? 2.443   -16.257 -0.241  1.00 7.71  ? 95  ILE A N   1 
ATOM   576  C  CA  . ILE A 1 72  ? 1.731   -17.517 -0.064  1.00 8.89  ? 95  ILE A CA  1 
ATOM   577  C  C   . ILE A 1 72  ? 2.431   -18.627 -0.853  1.00 9.88  ? 95  ILE A C   1 
ATOM   578  O  O   . ILE A 1 72  ? 2.734   -19.694 -0.296  1.00 11.06 ? 95  ILE A O   1 
ATOM   579  C  CB  . ILE A 1 72  ? 0.253   -17.382 -0.447  1.00 8.69  ? 95  ILE A CB  1 
ATOM   580  C  CG1 . ILE A 1 72  ? -0.426  -16.411 0.539   1.00 10.21 ? 95  ILE A CG1 1 
ATOM   581  C  CG2 . ILE A 1 72  ? -0.450  -18.753 -0.477  1.00 9.85  ? 95  ILE A CG2 1 
ATOM   582  C  CD1 . ILE A 1 72  ? -1.776  -15.966 0.134   1.00 11.65 ? 95  ILE A CD1 1 
ATOM   583  N  N   . HIS A 1 73  ? 2.646   -18.402 -2.144  1.00 10.39 ? 96  HIS A N   1 
ATOM   584  C  CA  . HIS A 1 73  ? 3.231   -19.396 -3.050  1.00 13.48 ? 96  HIS A CA  1 
ATOM   585  C  C   . HIS A 1 73  ? 4.720   -19.122 -3.237  1.00 14.19 ? 96  HIS A C   1 
ATOM   586  O  O   . HIS A 1 73  ? 5.130   -17.974 -3.492  1.00 16.07 ? 96  HIS A O   1 
ATOM   587  C  CB  . HIS A 1 73  ? 2.499   -19.371 -4.391  1.00 15.09 ? 96  HIS A CB  1 
ATOM   588  C  CG  . HIS A 1 73  ? 1.033   -19.574 -4.254  1.00 16.73 ? 96  HIS A CG  1 
ATOM   589  N  ND1 . HIS A 1 73  ? 0.130   -18.534 -4.288  1.00 17.21 ? 96  HIS A ND1 1 
ATOM   590  C  CD2 . HIS A 1 73  ? 0.311   -20.690 -3.987  1.00 17.43 ? 96  HIS A CD2 1 
ATOM   591  C  CE1 . HIS A 1 73  ? -1.088  -19.001 -4.081  1.00 18.38 ? 96  HIS A CE1 1 
ATOM   592  N  NE2 . HIS A 1 73  ? -1.006  -20.309 -3.896  1.00 16.84 ? 96  HIS A NE2 1 
ATOM   593  N  N   . PRO A 1 74  ? 5.575   -20.139 -3.070  1.00 13.40 ? 97  PRO A N   1 
ATOM   594  C  CA  . PRO A 1 74  ? 6.994   -19.885 -3.292  1.00 15.11 ? 97  PRO A CA  1 
ATOM   595  C  C   . PRO A 1 74  ? 7.262   -19.485 -4.743  1.00 15.44 ? 97  PRO A C   1 
ATOM   596  O  O   . PRO A 1 74  ? 6.728   -20.105 -5.685  1.00 17.43 ? 97  PRO A O   1 
ATOM   597  C  CB  . PRO A 1 74  ? 7.658   -21.236 -2.983  1.00 16.19 ? 97  PRO A CB  1 
ATOM   598  C  CG  . PRO A 1 74  ? 6.664   -22.107 -2.505  1.00 14.94 ? 97  PRO A CG  1 
ATOM   599  C  CD  . PRO A 1 74  ? 5.303   -21.518 -2.622  1.00 13.79 ? 97  PRO A CD  1 
ATOM   600  N  N   . ASN A 1 75  ? 8.010   -18.406 -4.935  1.00 15.98 ? 98  ASN A N   1 
ATOM   601  C  CA  . ASN A 1 75  ? 8.411   -17.967 -6.273  1.00 16.90 ? 98  ASN A CA  1 
ATOM   602  C  C   . ASN A 1 75  ? 9.841   -17.476 -6.161  1.00 17.26 ? 98  ASN A C   1 
ATOM   603  O  O   . ASN A 1 75  ? 10.148  -16.638 -5.302  1.00 16.87 ? 98  ASN A O   1 
ATOM   604  C  CB  . ASN A 1 75  ? 7.449   -16.862 -6.757  1.00 18.02 ? 98  ASN A CB  1 
ATOM   605  C  CG  . ASN A 1 75  ? 7.748   -16.372 -8.166  1.00 20.71 ? 98  ASN A CG  1 
ATOM   606  O  OD1 . ASN A 1 75  ? 8.893   -16.298 -8.581  1.00 26.07 ? 98  ASN A OD1 1 
ATOM   607  N  ND2 . ASN A 1 75  ? 6.709   -16.011 -8.895  1.00 24.53 ? 98  ASN A ND2 1 
ATOM   608  N  N   . ALA A 1 76  ? 10.720  -17.981 -7.029  1.00 18.35 ? 99  ALA A N   1 
ATOM   609  C  CA  . ALA A 1 76  ? 12.155  -17.721 -6.889  1.00 19.27 ? 99  ALA A CA  1 
ATOM   610  C  C   . ALA A 1 76  ? 12.535  -16.245 -7.027  1.00 19.03 ? 99  ALA A C   1 
ATOM   611  O  O   . ALA A 1 76  ? 13.550  -15.825 -6.469  1.00 21.24 ? 99  ALA A O   1 
ATOM   612  C  CB  . ALA A 1 76  ? 12.960  -18.578 -7.861  1.00 19.58 ? 99  ALA A CB  1 
ATOM   613  N  N   . ILE A 1 77  ? 11.723  -15.492 -7.757  1.00 19.05 ? 100 ILE A N   1 
ATOM   614  C  CA  . ILE A 1 77  ? 11.940  -14.043 -7.951  1.00 18.89 ? 100 ILE A CA  1 
ATOM   615  C  C   . ILE A 1 77  ? 11.119  -13.138 -7.003  1.00 17.96 ? 100 ILE A C   1 
ATOM   616  O  O   . ILE A 1 77  ? 11.129  -11.921 -7.148  1.00 18.49 ? 100 ILE A O   1 
ATOM   617  C  CB  . ILE A 1 77  ? 11.728  -13.598 -9.445  1.00 19.61 ? 100 ILE A CB  1 
ATOM   618  C  CG1 . ILE A 1 77  ? 10.255  -13.680 -9.855  1.00 21.34 ? 100 ILE A CG1 1 
ATOM   619  C  CG2 . ILE A 1 77  ? 12.638  -14.398 -10.389 1.00 20.41 ? 100 ILE A CG2 1 
ATOM   620  C  CD1 . ILE A 1 77  ? 9.943   -13.085 -11.220 1.00 26.19 ? 100 ILE A CD1 1 
ATOM   621  N  N   . CYS A 1 78  ? 10.410  -13.713 -6.029  1.00 16.09 ? 101 CYS A N   1 
ATOM   622  C  CA  . CYS A 1 78  ? 9.663   -12.916 -5.046  1.00 15.12 ? 101 CYS A CA  1 
ATOM   623  C  C   . CYS A 1 78  ? 10.117  -13.353 -3.664  1.00 15.00 ? 101 CYS A C   1 
ATOM   624  O  O   . CYS A 1 78  ? 9.836   -14.492 -3.245  1.00 15.72 ? 101 CYS A O   1 
ATOM   625  C  CB  . CYS A 1 78  ? 8.153   -13.136 -5.192  1.00 15.16 ? 101 CYS A CB  1 
ATOM   626  S  SG  . CYS A 1 78  ? 7.523   -12.703 -6.814  1.00 15.53 ? 101 CYS A SG  1 
ATOM   627  N  N   . ALA A 1 79  ? 10.852  -12.497 -2.962  1.00 15.58 ? 102 ALA A N   1 
ATOM   628  C  CA  . ALA A 1 79  ? 11.302  -12.778 -1.606  1.00 16.42 ? 102 ALA A CA  1 
ATOM   629  C  C   . ALA A 1 79  ? 12.122  -14.066 -1.525  1.00 17.99 ? 102 ALA A C   1 
ATOM   630  O  O   . ALA A 1 79  ? 12.000  -14.841 -0.582  1.00 19.33 ? 102 ALA A O   1 
ATOM   631  C  CB  . ALA A 1 79  ? 10.104  -12.813 -0.624  1.00 15.78 ? 102 ALA A CB  1 
ATOM   632  N  N   . ALA A 1 80  ? 12.956  -14.280 -2.546  1.00 19.13 ? 103 ALA A N   1 
ATOM   633  C  CA  . ALA A 1 80  ? 13.921  -15.387 -2.594  1.00 19.43 ? 103 ALA A CA  1 
ATOM   634  C  C   . ALA A 1 80  ? 13.258  -16.723 -2.265  1.00 19.10 ? 103 ALA A C   1 
ATOM   635  O  O   . ALA A 1 80  ? 13.781  -17.511 -1.477  1.00 19.63 ? 103 ALA A O   1 
ATOM   636  C  CB  . ALA A 1 80  ? 15.095  -15.120 -1.655  1.00 20.60 ? 103 ALA A CB  1 
ATOM   637  N  N   . ASN A 1 81  ? 12.092  -16.948 -2.870  1.00 18.06 ? 104 ASN A N   1 
ATOM   638  C  CA  . ASN A 1 81  ? 11.344  -18.198 -2.728  1.00 17.04 ? 104 ASN A CA  1 
ATOM   639  C  C   . ASN A 1 81  ? 10.712  -18.503 -1.338  1.00 16.50 ? 104 ASN A C   1 
ATOM   640  O  O   . ASN A 1 81  ? 10.219  -19.624 -1.082  1.00 17.27 ? 104 ASN A O   1 
ATOM   641  C  CB  . ASN A 1 81  ? 12.190  -19.385 -3.229  1.00 18.32 ? 104 ASN A CB  1 
ATOM   642  C  CG  . ASN A 1 81  ? 11.353  -20.454 -3.845  1.00 16.30 ? 104 ASN A CG  1 
ATOM   643  O  OD1 . ASN A 1 81  ? 10.510  -20.206 -4.707  1.00 19.99 ? 104 ASN A OD1 1 
ATOM   644  N  ND2 . ASN A 1 81  ? 11.599  -21.694 -3.418  1.00 23.57 ? 104 ASN A ND2 1 
ATOM   645  N  N   . HIS A 1 82  ? 10.682  -17.509 -0.456  1.00 15.07 ? 105 HIS A N   1 
ATOM   646  C  CA  . HIS A 1 82  ? 10.132  -17.720 0.862   1.00 13.70 ? 105 HIS A CA  1 
ATOM   647  C  C   . HIS A 1 82  ? 8.607   -17.641 0.855   1.00 11.62 ? 105 HIS A C   1 
ATOM   648  O  O   . HIS A 1 82  ? 7.998   -17.111 -0.082  1.00 11.99 ? 105 HIS A O   1 
ATOM   649  C  CB  . HIS A 1 82  ? 10.672  -16.663 1.834   1.00 14.86 ? 105 HIS A CB  1 
ATOM   650  C  CG  . HIS A 1 82  ? 12.093  -16.894 2.255   1.00 17.61 ? 105 HIS A CG  1 
ATOM   651  N  ND1 . HIS A 1 82  ? 13.174  -16.426 1.536   1.00 22.11 ? 105 HIS A ND1 1 
ATOM   652  C  CD2 . HIS A 1 82  ? 12.608  -17.544 3.324   1.00 21.70 ? 105 HIS A CD2 1 
ATOM   653  C  CE1 . HIS A 1 82  ? 14.292  -16.778 2.145   1.00 21.79 ? 105 HIS A CE1 1 
ATOM   654  N  NE2 . HIS A 1 82  ? 13.978  -17.455 3.233   1.00 24.60 ? 105 HIS A NE2 1 
ATOM   655  N  N   . THR A 1 83  ? 8.010   -18.211 1.893   1.00 10.98 ? 106 THR A N   1 
ATOM   656  C  CA  . THR A 1 83  ? 6.585   -18.030 2.169   1.00 11.14 ? 106 THR A CA  1 
ATOM   657  C  C   . THR A 1 83  ? 6.435   -17.400 3.536   1.00 10.18 ? 106 THR A C   1 
ATOM   658  O  O   . THR A 1 83  ? 7.390   -17.344 4.334   1.00 12.21 ? 106 THR A O   1 
ATOM   659  C  CB  . THR A 1 83  ? 5.772   -19.357 2.115   1.00 12.06 ? 106 THR A CB  1 
ATOM   660  O  OG1 . THR A 1 83  ? 6.127   -20.169 3.246   1.00 14.02 ? 106 THR A OG1 1 
ATOM   661  C  CG2 . THR A 1 83  ? 5.959   -20.108 0.781   1.00 14.49 ? 106 THR A CG2 1 
ATOM   662  N  N   . GLY A 1 84  ? 5.243   -16.882 3.840   1.00 8.98  ? 107 GLY A N   1 
ATOM   663  C  CA  . GLY A 1 84  ? 4.999   -16.135 5.065   1.00 8.44  ? 107 GLY A CA  1 
ATOM   664  C  C   . GLY A 1 84  ? 5.201   -14.648 4.842   1.00 7.46  ? 107 GLY A C   1 
ATOM   665  O  O   . GLY A 1 84  ? 5.335   -14.186 3.700   1.00 8.26  ? 107 GLY A O   1 
ATOM   666  N  N   . VAL A 1 85  ? 5.211   -13.892 5.927   1.00 7.75  ? 108 VAL A N   1 
ATOM   667  C  CA  . VAL A 1 85  ? 5.536   -12.488 5.835   1.00 7.37  ? 108 VAL A CA  1 
ATOM   668  C  C   . VAL A 1 85  ? 7.058   -12.380 5.833   1.00 7.61  ? 108 VAL A C   1 
ATOM   669  O  O   . VAL A 1 85  ? 7.703   -12.464 6.894   1.00 10.42 ? 108 VAL A O   1 
ATOM   670  C  CB  . VAL A 1 85  ? 4.925   -11.687 7.009   1.00 8.03  ? 108 VAL A CB  1 
ATOM   671  C  CG1 . VAL A 1 85  ? 5.332   -10.244 6.925   1.00 8.99  ? 108 VAL A CG1 1 
ATOM   672  C  CG2 . VAL A 1 85  ? 3.391   -11.832 7.035   1.00 9.62  ? 108 VAL A CG2 1 
ATOM   673  N  N   . TYR A 1 86  ? 7.631   -12.199 4.659   1.00 7.28  ? 109 TYR A N   1 
ATOM   674  C  CA  . TYR A 1 86  ? 9.082   -12.131 4.525   1.00 7.28  ? 109 TYR A CA  1 
ATOM   675  C  C   . TYR A 1 86  ? 9.562   -10.757 4.948   1.00 7.00  ? 109 TYR A C   1 
ATOM   676  O  O   . TYR A 1 86  ? 9.050   -9.727  4.441   1.00 7.72  ? 109 TYR A O   1 
ATOM   677  C  CB  . TYR A 1 86  ? 9.462   -12.384 3.088   1.00 8.52  ? 109 TYR A CB  1 
ATOM   678  C  CG  . TYR A 1 86  ? 10.940  -12.226 2.840   1.00 10.03 ? 109 TYR A CG  1 
ATOM   679  C  CD1 . TYR A 1 86  ? 11.839  -13.222 3.234   1.00 12.75 ? 109 TYR A CD1 1 
ATOM   680  C  CD2 . TYR A 1 86  ? 11.445  -11.081 2.233   1.00 13.48 ? 109 TYR A CD2 1 
ATOM   681  C  CE1 . TYR A 1 86  ? 13.231  -13.050 3.043   1.00 18.21 ? 109 TYR A CE1 1 
ATOM   682  C  CE2 . TYR A 1 86  ? 12.813  -10.902 2.026   1.00 17.78 ? 109 TYR A CE2 1 
ATOM   683  C  CZ  . TYR A 1 86  ? 13.692  -11.896 2.429   1.00 18.46 ? 109 TYR A CZ  1 
ATOM   684  O  OH  . TYR A 1 86  ? 15.045  -11.724 2.212   1.00 23.19 ? 109 TYR A OH  1 
ATOM   685  N  N   . ILE A 1 87  ? 10.511  -10.707 5.862   1.00 7.02  ? 110 ILE A N   1 
ATOM   686  C  CA  . ILE A 1 87  ? 11.014  -9.449  6.357   1.00 7.54  ? 110 ILE A CA  1 
ATOM   687  C  C   . ILE A 1 87  ? 12.331  -9.082  5.723   1.00 7.34  ? 110 ILE A C   1 
ATOM   688  O  O   . ILE A 1 87  ? 13.296  -9.875  5.753   1.00 8.04  ? 110 ILE A O   1 
ATOM   689  C  CB  . ILE A 1 87  ? 11.176  -9.534  7.893   1.00 8.15  ? 110 ILE A CB  1 
ATOM   690  C  CG1 . ILE A 1 87  ? 9.855   -9.856  8.599   1.00 9.40  ? 110 ILE A CG1 1 
ATOM   691  C  CG2 . ILE A 1 87  ? 11.753  -8.247  8.457   1.00 10.18 ? 110 ILE A CG2 1 
ATOM   692  C  CD1 . ILE A 1 87  ? 10.002  -10.189 10.056  1.00 11.93 ? 110 ILE A CD1 1 
ATOM   693  N  N   . LEU A 1 88  ? 12.398  -7.896  5.116   1.00 6.85  ? 111 LEU A N   1 
ATOM   694  C  CA  . LEU A 1 88  ? 13.667  -7.394  4.596   1.00 6.91  ? 111 LEU A CA  1 
ATOM   695  C  C   . LEU A 1 88  ? 14.636  -7.155  5.730   1.00 6.97  ? 111 LEU A C   1 
ATOM   696  O  O   . LEU A 1 88  ? 14.331  -6.456  6.687   1.00 8.26  ? 111 LEU A O   1 
ATOM   697  C  CB  . LEU A 1 88  ? 13.414  -6.087  3.820   1.00 7.89  ? 111 LEU A CB  1 
ATOM   698  C  CG  . LEU A 1 88  ? 14.653  -5.412  3.227   1.00 8.24  ? 111 LEU A CG  1 
ATOM   699  C  CD1 . LEU A 1 88  ? 15.368  -6.264  2.240   1.00 9.99  ? 111 LEU A CD1 1 
ATOM   700  C  CD2 . LEU A 1 88  ? 14.173  -4.123  2.576   1.00 11.81 ? 111 LEU A CD2 1 
ATOM   701  N  N   . VAL A 1 89  ? 15.824  -7.751  5.613   1.00 7.16  ? 112 VAL A N   1 
ATOM   702  C  CA  . VAL A 1 89  ? 16.844  -7.621  6.639   1.00 7.37  ? 112 VAL A CA  1 
ATOM   703  C  C   . VAL A 1 89  ? 17.891  -6.588  6.277   1.00 6.34  ? 112 VAL A C   1 
ATOM   704  O  O   . VAL A 1 89  ? 18.182  -5.709  7.054   1.00 8.29  ? 112 VAL A O   1 
ATOM   705  C  CB  . VAL A 1 89  ? 17.481  -8.974  7.013   1.00 7.76  ? 112 VAL A CB  1 
ATOM   706  C  CG1 . VAL A 1 89  ? 18.595  -8.792  8.049   1.00 9.28  ? 112 VAL A CG1 1 
ATOM   707  C  CG2 . VAL A 1 89  ? 16.409  -9.927  7.542   1.00 9.75  ? 112 VAL A CG2 1 
ATOM   708  N  N   . THR A 1 90  ? 18.467  -6.714  5.091   1.00 6.67  ? 113 THR A N   1 
ATOM   709  C  CA  . THR A 1 90  ? 19.613  -5.897  4.717   1.00 7.54  ? 113 THR A CA  1 
ATOM   710  C  C   . THR A 1 90  ? 19.354  -5.168  3.421   1.00 6.57  ? 113 THR A C   1 
ATOM   711  O  O   . THR A 1 90  ? 19.132  -5.790  2.391   1.00 7.43  ? 113 THR A O   1 
ATOM   712  C  CB  . THR A 1 90  ? 20.870  -6.765  4.547   1.00 9.54  ? 113 THR A CB  1 
ATOM   713  O  OG1 . THR A 1 90  ? 21.098  -7.511  5.750   1.00 12.37 ? 113 THR A OG1 1 
ATOM   714  C  CG2 . THR A 1 90  ? 22.084  -5.927  4.184   1.00 10.82 ? 113 THR A CG2 1 
ATOM   715  N  N   . SER A 1 91  ? 19.385  -3.843  3.469   1.00 6.13  ? 114 SER A N   1 
ATOM   716  C  CA  . SER A 1 91  ? 19.253  -3.029  2.269   1.00 5.55  ? 114 SER A CA  1 
ATOM   717  C  C   . SER A 1 91  ? 20.017  -1.734  2.478   1.00 5.41  ? 114 SER A C   1 
ATOM   718  O  O   . SER A 1 91  ? 20.067  -1.214  3.590   1.00 6.83  ? 114 SER A O   1 
ATOM   719  C  CB  . SER A 1 91  ? 17.780  -2.712  2.018   1.00 6.69  ? 114 SER A CB  1 
ATOM   720  O  OG  . SER A 1 91  ? 17.670  -1.820  0.908   1.00 6.63  ? 114 SER A OG  1 
ATOM   721  N  N   . ASN A 1 92  ? 20.588  -1.190  1.416   1.00 5.49  ? 115 ASN A N   1 
ATOM   722  C  CA  . ASN A 1 92  ? 21.214  0.131   1.512   1.00 5.27  ? 115 ASN A CA  1 
ATOM   723  C  C   . ASN A 1 92  ? 20.203  1.262   1.561   1.00 5.67  ? 115 ASN A C   1 
ATOM   724  O  O   . ASN A 1 92  ? 20.577  2.352   2.002   1.00 6.28  ? 115 ASN A O   1 
ATOM   725  C  CB  . ASN A 1 92  ? 22.091  0.410   0.284   1.00 5.94  ? 115 ASN A CB  1 
ATOM   726  C  CG  . ASN A 1 92  ? 23.420  -0.330  0.247   1.00 5.31  ? 115 ASN A CG  1 
ATOM   727  O  OD1 . ASN A 1 92  ? 23.945  -0.808  1.270   1.00 6.49  ? 115 ASN A OD1 1 
ATOM   728  N  ND2 . ASN A 1 92  ? 24.020  -0.337  -0.943  1.00 5.68  ? 115 ASN A ND2 1 
ATOM   729  N  N   . THR A 1 93  ? 19.017  1.053   0.979   1.00 5.67  ? 116 THR A N   1 
ATOM   730  C  CA  . THR A 1 93  ? 18.157  2.149   0.502   1.00 6.43  ? 116 THR A CA  1 
ATOM   731  C  C   . THR A 1 93  ? 16.882  2.255   1.323   1.00 5.76  ? 116 THR A C   1 
ATOM   732  O  O   . THR A 1 93  ? 16.548  1.356   2.129   1.00 5.91  ? 116 THR A O   1 
ATOM   733  C  CB  . THR A 1 93  ? 17.807  1.902   -0.989  1.00 6.54  ? 116 THR A CB  1 
ATOM   734  O  OG1 . THR A 1 93  ? 17.214  0.617   -1.081  1.00 7.74  ? 116 THR A OG1 1 
ATOM   735  C  CG2 . THR A 1 93  ? 19.041  1.968   -1.903  1.00 7.96  ? 116 THR A CG2 1 
ATOM   736  N  N   . SER A 1 94  ? 16.171  3.383   1.138   1.00 5.29  ? 117 SER A N   1 
ATOM   737  C  CA  . SER A 1 94  ? 15.125  3.778   2.069   1.00 6.26  ? 117 SER A CA  1 
ATOM   738  C  C   . SER A 1 94  ? 13.727  3.879   1.491   1.00 6.26  ? 117 SER A C   1 
ATOM   739  O  O   . SER A 1 94  ? 12.782  4.169   2.246   1.00 7.62  ? 117 SER A O   1 
ATOM   740  C  CB  . SER A 1 94  ? 15.488  5.131   2.669   1.00 7.25  ? 117 SER A CB  1 
ATOM   741  O  OG  . SER A 1 94  ? 15.524  6.089   1.637   1.00 8.57  ? 117 SER A OG  1 
ATOM   742  N  N   . HIS A 1 95  ? 13.575  3.695   0.191   1.00 5.97  ? 118 HIS A N   1 
ATOM   743  C  CA  . HIS A 1 95  ? 12.296  3.947   -0.484  1.00 6.53  ? 118 HIS A CA  1 
ATOM   744  C  C   . HIS A 1 95  ? 11.694  2.666   -1.005  1.00 5.89  ? 118 HIS A C   1 
ATOM   745  O  O   . HIS A 1 95  ? 12.312  1.906   -1.739  1.00 6.83  ? 118 HIS A O   1 
ATOM   746  C  CB  . HIS A 1 95  ? 12.492  4.944   -1.606  1.00 7.65  ? 118 HIS A CB  1 
ATOM   747  C  CG  . HIS A 1 95  ? 12.563  6.362   -1.123  1.00 7.98  ? 118 HIS A CG  1 
ATOM   748  N  ND1 . HIS A 1 95  ? 13.348  6.763   -0.067  1.00 10.88 ? 118 HIS A ND1 1 
ATOM   749  C  CD2 . HIS A 1 95  ? 11.958  7.483   -1.576  1.00 14.16 ? 118 HIS A CD2 1 
ATOM   750  C  CE1 . HIS A 1 95  ? 13.210  8.063   0.127   1.00 10.69 ? 118 HIS A CE1 1 
ATOM   751  N  NE2 . HIS A 1 95  ? 12.369  8.519   -0.769  1.00 12.37 ? 118 HIS A NE2 1 
ATOM   752  N  N   . TYR A 1 96  ? 10.420  2.431   -0.648  1.00 5.45  ? 119 TYR A N   1 
ATOM   753  C  CA  . TYR A 1 96  ? 9.745   1.172   -0.972  1.00 5.94  ? 119 TYR A CA  1 
ATOM   754  C  C   . TYR A 1 96  ? 8.340   1.498   -1.448  1.00 5.58  ? 119 TYR A C   1 
ATOM   755  O  O   . TYR A 1 96  ? 8.020   2.661   -1.727  1.00 6.52  ? 119 TYR A O   1 
ATOM   756  C  CB  . TYR A 1 96  ? 9.785   0.185   0.204   1.00 5.94  ? 119 TYR A CB  1 
ATOM   757  C  CG  . TYR A 1 96  ? 11.211  -0.146  0.612   1.00 5.86  ? 119 TYR A CG  1 
ATOM   758  C  CD1 . TYR A 1 96  ? 11.952  -1.081  -0.087  1.00 5.63  ? 119 TYR A CD1 1 
ATOM   759  C  CD2 . TYR A 1 96  ? 11.818  0.492   1.675   1.00 5.61  ? 119 TYR A CD2 1 
ATOM   760  C  CE1 . TYR A 1 96  ? 13.268  -1.382  0.252   1.00 5.16  ? 119 TYR A CE1 1 
ATOM   761  C  CE2 . TYR A 1 96  ? 13.162  0.215   2.026   1.00 6.63  ? 119 TYR A CE2 1 
ATOM   762  C  CZ  . TYR A 1 96  ? 13.841  -0.744  1.305   1.00 5.47  ? 119 TYR A CZ  1 
ATOM   763  O  OH  . TYR A 1 96  ? 15.136  -1.062  1.661   1.00 6.66  ? 119 TYR A OH  1 
ATOM   764  N  N   . ASP A 1 97  ? 7.480   0.490   -1.580  1.00 5.20  ? 120 ASP A N   1 
ATOM   765  C  CA  . ASP A 1 97  ? 6.036   0.730   -1.654  1.00 5.59  ? 120 ASP A CA  1 
ATOM   766  C  C   . ASP A 1 97  ? 5.527   0.798   -0.211  1.00 4.74  ? 120 ASP A C   1 
ATOM   767  O  O   . ASP A 1 97  ? 6.313   0.792   0.725   1.00 5.55  ? 120 ASP A O   1 
ATOM   768  C  CB  . ASP A 1 97  ? 5.328   -0.411  -2.397  1.00 5.46  ? 120 ASP A CB  1 
ATOM   769  C  CG  . ASP A 1 97  ? 5.775   -0.570  -3.858  1.00 6.08  ? 120 ASP A CG  1 
ATOM   770  O  OD1 . ASP A 1 97  ? 6.423   0.334   -4.457  1.00 6.72  ? 120 ASP A OD1 1 
ATOM   771  O  OD2 . ASP A 1 97  ? 5.441   -1.639  -4.416  1.00 7.69  ? 120 ASP A OD2 1 
ATOM   772  N  N   . THR A 1 98  ? 4.198   0.855   -0.025  1.00 5.36  ? 121 THR A N   1 
ATOM   773  C  CA  . THR A 1 98  ? 3.654   0.743   1.297   1.00 5.61  ? 121 THR A CA  1 
ATOM   774  C  C   . THR A 1 98  ? 2.502   -0.216  1.350   1.00 4.71  ? 121 THR A C   1 
ATOM   775  O  O   . THR A 1 98  ? 1.792   -0.437  0.359   1.00 5.89  ? 121 THR A O   1 
ATOM   776  C  CB  . THR A 1 98  ? 3.264   2.098   1.934   1.00 6.79  ? 121 THR A CB  1 
ATOM   777  O  OG1 . THR A 1 98  ? 3.128   1.958   3.355   1.00 6.72  ? 121 THR A OG1 1 
ATOM   778  C  CG2 . THR A 1 98  ? 2.024   2.722   1.316   1.00 7.59  ? 121 THR A CG2 1 
ATOM   779  N  N   . TYR A 1 99  ? 2.292   -0.791  2.525   1.00 4.58  ? 122 TYR A N   1 
ATOM   780  C  CA  . TYR A 1 99  ? 1.005   -1.417  2.862   1.00 4.64  ? 122 TYR A CA  1 
ATOM   781  C  C   . TYR A 1 99  ? 0.233   -0.472  3.741   1.00 4.69  ? 122 TYR A C   1 
ATOM   782  O  O   . TYR A 1 99  ? 0.802   0.401   4.419   1.00 5.99  ? 122 TYR A O   1 
ATOM   783  C  CB  . TYR A 1 99  ? 1.226   -2.772  3.571   1.00 5.14  ? 122 TYR A CB  1 
ATOM   784  C  CG  . TYR A 1 99  ? 1.986   -3.695  2.678   1.00 5.04  ? 122 TYR A CG  1 
ATOM   785  C  CD1 . TYR A 1 99  ? 1.328   -4.401  1.675   1.00 5.45  ? 122 TYR A CD1 1 
ATOM   786  C  CD2 . TYR A 1 99  ? 3.384   -3.836  2.796   1.00 5.76  ? 122 TYR A CD2 1 
ATOM   787  C  CE1 . TYR A 1 99  ? 2.040   -5.214  0.807   1.00 6.19  ? 122 TYR A CE1 1 
ATOM   788  C  CE2 . TYR A 1 99  ? 4.095   -4.662  1.908   1.00 6.12  ? 122 TYR A CE2 1 
ATOM   789  C  CZ  . TYR A 1 99  ? 3.411   -5.309  0.921   1.00 5.53  ? 122 TYR A CZ  1 
ATOM   790  O  OH  . TYR A 1 99  ? 4.040   -6.104  -0.032  1.00 6.92  ? 122 TYR A OH  1 
ATOM   791  N  N   . CYS A 1 100 ? -1.085  -0.593  3.709   1.00 5.40  ? 123 CYS A N   1 
ATOM   792  C  CA  . CYS A 1 100 ? -2.012  0.210   4.522   1.00 5.64  ? 123 CYS A CA  1 
ATOM   793  C  C   . CYS A 1 100 ? -3.097  -0.721  5.048   1.00 5.19  ? 123 CYS A C   1 
ATOM   794  O  O   . CYS A 1 100 ? -3.399  -1.769  4.473   1.00 5.66  ? 123 CYS A O   1 
ATOM   795  C  CB  . CYS A 1 100 ? -2.653  1.326   3.671   1.00 6.19  ? 123 CYS A CB  1 
ATOM   796  S  SG  . CYS A 1 100 ? -1.572  2.542   2.988   1.00 8.49  ? 123 CYS A SG  1 
ATOM   797  N  N   . PHE A 1 101 ? -3.686  -0.326  6.177   1.00 5.16  ? 124 PHE A N   1 
ATOM   798  C  CA  . PHE A 1 101 ? -4.716  -1.074  6.853   1.00 5.46  ? 124 PHE A CA  1 
ATOM   799  C  C   . PHE A 1 101 ? -5.921  -0.170  7.148   1.00 4.91  ? 124 PHE A C   1 
ATOM   800  O  O   . PHE A 1 101 ? -5.773  0.843   7.819   1.00 5.75  ? 124 PHE A O   1 
ATOM   801  C  CB  . PHE A 1 101 ? -4.183  -1.646  8.192   1.00 6.15  ? 124 PHE A CB  1 
ATOM   802  C  CG  . PHE A 1 101 ? -5.272  -2.177  9.038   1.00 6.08  ? 124 PHE A CG  1 
ATOM   803  C  CD1 . PHE A 1 101 ? -5.993  -3.302  8.641   1.00 6.33  ? 124 PHE A CD1 1 
ATOM   804  C  CD2 . PHE A 1 101 ? -5.691  -1.508  10.159  1.00 6.13  ? 124 PHE A CD2 1 
ATOM   805  C  CE1 . PHE A 1 101 ? -7.095  -3.742  9.394   1.00 6.98  ? 124 PHE A CE1 1 
ATOM   806  C  CE2 . PHE A 1 101 ? -6.780  -1.947  10.912  1.00 7.40  ? 124 PHE A CE2 1 
ATOM   807  C  CZ  . PHE A 1 101 ? -7.476  -3.085  10.523  1.00 7.50  ? 124 PHE A CZ  1 
ATOM   808  N  N   . ASN A 1 102 ? -7.065  -0.564  6.590   1.00 5.36  ? 125 ASN A N   1 
ATOM   809  C  CA  . ASN A 1 102 ? -8.312  0.138   6.822   1.00 6.22  ? 125 ASN A CA  1 
ATOM   810  C  C   . ASN A 1 102 ? -9.260  -0.739  7.635   1.00 6.48  ? 125 ASN A C   1 
ATOM   811  O  O   . ASN A 1 102 ? -9.729  -1.754  7.175   1.00 6.27  ? 125 ASN A O   1 
ATOM   812  C  CB  . ASN A 1 102 ? -8.965  0.489   5.501   1.00 7.81  ? 125 ASN A CB  1 
ATOM   813  C  CG  . ASN A 1 102 ? -10.134 1.470   5.709   1.00 9.34  ? 125 ASN A CG  1 
ATOM   814  O  OD1 . ASN A 1 102 ? -10.941 1.301   6.614   1.00 11.35 ? 125 ASN A OD1 1 
ATOM   815  N  ND2 . ASN A 1 102 ? -10.178 2.563   4.946   1.00 13.65 ? 125 ASN A ND2 1 
ATOM   816  N  N   . ALA A 1 103 ? -9.465  -0.354  8.883   1.00 7.06  ? 126 ALA A N   1 
ATOM   817  C  CA  . ALA A 1 103 ? -10.295 -1.114  9.807   1.00 8.56  ? 126 ALA A CA  1 
ATOM   818  C  C   . ALA A 1 103 ? -11.738 -1.279  9.361   1.00 8.77  ? 126 ALA A C   1 
ATOM   819  O  O   . ALA A 1 103 ? -12.403 -2.223  9.849   1.00 10.38 ? 126 ALA A O   1 
ATOM   820  C  CB  . ALA A 1 103 ? -10.231 -0.525  11.229  1.00 9.91  ? 126 ALA A CB  1 
ATOM   821  N  N   A SER A 1 104 ? -12.234 -0.409  8.484   0.50 8.58  ? 127 SER A N   1 
ATOM   822  N  N   B SER A 1 104 ? -12.247 -0.431  8.473   0.50 8.48  ? 127 SER A N   1 
ATOM   823  C  CA  A SER A 1 104 ? -13.620 -0.463  8.026   0.50 9.84  ? 127 SER A CA  1 
ATOM   824  C  CA  B SER A 1 104 ? -13.644 -0.522  8.064   0.50 9.83  ? 127 SER A CA  1 
ATOM   825  C  C   A SER A 1 104 ? -13.849 -1.379  6.836   0.50 8.97  ? 127 SER A C   1 
ATOM   826  C  C   B SER A 1 104 ? -13.849 -1.356  6.805   0.50 8.98  ? 127 SER A C   1 
ATOM   827  O  O   A SER A 1 104 ? -14.996 -1.570  6.429   0.50 9.66  ? 127 SER A O   1 
ATOM   828  O  O   B SER A 1 104 ? -14.976 -1.460  6.310   0.50 9.76  ? 127 SER A O   1 
ATOM   829  C  CB  A SER A 1 104 ? -14.156 0.943   7.740   0.50 11.01 ? 127 SER A CB  1 
ATOM   830  C  CB  B SER A 1 104 ? -14.238 0.871   7.884   0.50 10.71 ? 127 SER A CB  1 
ATOM   831  O  OG  A SER A 1 104 ? -14.101 1.733   8.911   0.50 12.66 ? 127 SER A OG  1 
ATOM   832  O  OG  B SER A 1 104 ? -13.817 1.395   6.644   0.50 12.64 ? 127 SER A OG  1 
ATOM   833  N  N   . ALA A 1 105 ? -12.781 -1.960  6.285   1.00 8.39  ? 128 ALA A N   1 
ATOM   834  C  CA  . ALA A 1 105 ? -12.880 -2.826  5.161   1.00 7.79  ? 128 ALA A CA  1 
ATOM   835  C  C   . ALA A 1 105 ? -13.520 -4.151  5.589   1.00 8.50  ? 128 ALA A C   1 
ATOM   836  O  O   . ALA A 1 105 ? -13.600 -4.444  6.772   1.00 8.21  ? 128 ALA A O   1 
ATOM   837  C  CB  . ALA A 1 105 ? -11.488 -3.051  4.555   1.00 8.95  ? 128 ALA A CB  1 
ATOM   838  N  N   . PRO A 1 106 ? -13.932 -4.993  4.629   1.00 8.63  ? 129 PRO A N   1 
ATOM   839  C  CA  . PRO A 1 106 ? -14.482 -6.304  4.991   1.00 8.62  ? 129 PRO A CA  1 
ATOM   840  C  C   . PRO A 1 106 ? -13.440 -7.224  5.674   1.00 7.85  ? 129 PRO A C   1 
ATOM   841  O  O   . PRO A 1 106 ? -12.223 -7.020  5.515   1.00 7.67  ? 129 PRO A O   1 
ATOM   842  C  CB  . PRO A 1 106 ? -14.925 -6.886  3.639   1.00 9.08  ? 129 PRO A CB  1 
ATOM   843  C  CG  . PRO A 1 106 ? -15.143 -5.687  2.777   1.00 10.03 ? 129 PRO A CG  1 
ATOM   844  C  CD  . PRO A 1 106 ? -14.037 -4.747  3.173   1.00 9.50  ? 129 PRO A CD  1 
ATOM   845  N  N   . PRO A 1 107 ? -13.896 -8.257  6.370   1.00 7.52  ? 130 PRO A N   1 
ATOM   846  C  CA  . PRO A 1 107 ? -12.953 -9.070  7.156   1.00 7.71  ? 130 PRO A CA  1 
ATOM   847  C  C   . PRO A 1 107 ? -12.079 -10.008 6.335   1.00 6.41  ? 130 PRO A C   1 
ATOM   848  O  O   . PRO A 1 107 ? -11.022 -10.415 6.831   1.00 7.54  ? 130 PRO A O   1 
ATOM   849  C  CB  . PRO A 1 107 ? -13.890 -9.885  8.070   1.00 7.21  ? 130 PRO A CB  1 
ATOM   850  C  CG  . PRO A 1 107 ? -15.192 -9.939  7.330   1.00 8.58  ? 130 PRO A CG  1 
ATOM   851  C  CD  . PRO A 1 107 ? -15.302 -8.569  6.694   1.00 8.30  ? 130 PRO A CD  1 
ATOM   852  N  N   . GLU A 1 108 ? -12.495 -10.379 5.120   1.00 7.05  ? 131 GLU A N   1 
ATOM   853  C  CA  . GLU A 1 108 ? -11.733 -11.337 4.345   1.00 8.47  ? 131 GLU A CA  1 
ATOM   854  C  C   . GLU A 1 108 ? -11.260 -10.697 3.052   1.00 6.61  ? 131 GLU A C   1 
ATOM   855  O  O   . GLU A 1 108 ? -10.749 -9.566  3.071   1.00 7.53  ? 131 GLU A O   1 
ATOM   856  C  CB  . GLU A 1 108 ? -12.486 -12.674 4.234   1.00 8.90  ? 131 GLU A CB  1 
ATOM   857  C  CG  . GLU A 1 108 ? -12.843 -13.174 5.654   1.00 12.64 ? 131 GLU A CG  1 
ATOM   858  C  CD  . GLU A 1 108 ? -13.300 -14.576 5.690   1.00 19.43 ? 131 GLU A CD  1 
ATOM   859  O  OE1 . GLU A 1 108 ? -12.532 -15.416 6.242   1.00 22.76 ? 131 GLU A OE1 1 
ATOM   860  O  OE2 . GLU A 1 108 ? -14.412 -14.810 5.171   1.00 22.38 ? 131 GLU A OE2 1 
ATOM   861  N  N   . GLU A 1 109 ? -11.423 -11.336 1.909   1.00 8.19  ? 132 GLU A N   1 
ATOM   862  C  CA  . GLU A 1 109 ? -10.945 -10.774 0.655   1.00 9.39  ? 132 GLU A CA  1 
ATOM   863  C  C   . GLU A 1 109 ? -11.946 -9.798  0.098   1.00 8.28  ? 132 GLU A C   1 
ATOM   864  O  O   . GLU A 1 109 ? -13.141 -10.157 -0.040  1.00 10.57 ? 132 GLU A O   1 
ATOM   865  C  CB  . GLU A 1 109 ? -10.743 -11.906 -0.350  1.00 11.43 ? 132 GLU A CB  1 
ATOM   866  C  CG  . GLU A 1 109 ? -10.321 -11.449 -1.731  1.00 13.57 ? 132 GLU A CG  1 
ATOM   867  C  CD  . GLU A 1 109 ? -10.270 -12.607 -2.703  1.00 18.36 ? 132 GLU A CD  1 
ATOM   868  O  OE1 . GLU A 1 109 ? -9.161  -12.980 -3.108  1.00 23.62 ? 132 GLU A OE1 1 
ATOM   869  O  OE2 . GLU A 1 109 ? -11.338 -13.159 -3.053  1.00 23.57 ? 132 GLU A OE2 1 
ATOM   870  N  N   . ASP A 1 110 ? -11.511 -8.589  -0.239  1.00 7.95  ? 133 ASP A N   1 
ATOM   871  C  CA  . ASP A 1 110 ? -12.363 -7.609  -0.894  1.00 8.54  ? 133 ASP A CA  1 
ATOM   872  C  C   . ASP A 1 110 ? -11.651 -7.160  -2.159  1.00 8.45  ? 133 ASP A C   1 
ATOM   873  O  O   . ASP A 1 110 ? -10.716 -6.291  -2.139  1.00 8.04  ? 133 ASP A O   1 
ATOM   874  C  CB  . ASP A 1 110 ? -12.607 -6.424  0.033   1.00 8.59  ? 133 ASP A CB  1 
ATOM   875  C  CG  . ASP A 1 110 ? -13.404 -5.336  -0.635  1.00 9.41  ? 133 ASP A CG  1 
ATOM   876  O  OD1 . ASP A 1 110 ? -13.997 -5.593  -1.721  1.00 9.92  ? 133 ASP A OD1 1 
ATOM   877  O  OD2 . ASP A 1 110 ? -13.515 -4.229  -0.085  1.00 10.13 ? 133 ASP A OD2 1 
ATOM   878  N  N   . CYS A 1 111 ? -12.067 -7.743  -3.284  1.00 9.15  ? 134 CYS A N   1 
ATOM   879  C  CA  . CYS A 1 111 ? -11.460 -7.397  -4.555  1.00 11.35 ? 134 CYS A CA  1 
ATOM   880  C  C   . CYS A 1 111 ? -12.338 -6.469  -5.358  1.00 10.19 ? 134 CYS A C   1 
ATOM   881  O  O   . CYS A 1 111 ? -12.244 -6.471  -6.597  1.00 11.55 ? 134 CYS A O   1 
ATOM   882  C  CB  . CYS A 1 111 ? -11.083 -8.646  -5.355  1.00 12.58 ? 134 CYS A CB  1 
ATOM   883  S  SG  . CYS A 1 111 ? -9.538  -9.391  -4.733  1.00 13.95 ? 134 CYS A SG  1 
ATOM   884  N  N   . THR A 1 112 ? -13.125 -5.628  -4.697  1.00 9.68  ? 135 THR A N   1 
ATOM   885  C  CA  . THR A 1 112 ? -13.772 -4.531  -5.382  1.00 9.01  ? 135 THR A CA  1 
ATOM   886  C  C   . THR A 1 112 ? -12.753 -3.427  -5.566  1.00 7.78  ? 135 THR A C   1 
ATOM   887  O  O   . THR A 1 112 ? -11.679 -3.397  -4.899  1.00 9.66  ? 135 THR A O   1 
ATOM   888  C  CB  . THR A 1 112 ? -15.005 -4.014  -4.599  1.00 9.55  ? 135 THR A CB  1 
ATOM   889  O  OG1 . THR A 1 112 ? -14.570 -3.514  -3.319  1.00 10.16 ? 135 THR A OG1 1 
ATOM   890  C  CG2 . THR A 1 112 ? -16.060 -5.106  -4.427  1.00 11.35 ? 135 THR A CG2 1 
ATOM   891  N  N   . SER A 1 113 ? -13.051 -2.499  -6.443  1.00 8.77  ? 136 SER A N   1 
ATOM   892  C  CA  . SER A 1 113 ? -12.145 -1.395  -6.718  1.00 9.43  ? 136 SER A CA  1 
ATOM   893  C  C   . SER A 1 113 ? -12.247 -0.308  -5.654  1.00 9.03  ? 136 SER A C   1 
ATOM   894  O  O   . SER A 1 113 ? -13.295 -0.132  -4.979  1.00 10.98 ? 136 SER A O   1 
ATOM   895  C  CB  . SER A 1 113 ? -12.397 -0.871  -8.137  1.00 10.42 ? 136 SER A CB  1 
ATOM   896  O  OG  . SER A 1 113 ? -13.775 -0.599  -8.283  1.00 12.75 ? 136 SER A OG  1 
ATOM   897  N  N   . VAL A 1 114 ? -11.160 0.465   -5.539  1.00 8.88  ? 137 VAL A N   1 
ATOM   898  C  CA  . VAL A 1 114 ? -11.092 1.640   -4.674  1.00 10.16 ? 137 VAL A CA  1 
ATOM   899  C  C   . VAL A 1 114 ? -11.521 2.843   -5.510  1.00 10.89 ? 137 VAL A C   1 
ATOM   900  O  O   . VAL A 1 114 ? -10.994 3.089   -6.605  1.00 12.30 ? 137 VAL A O   1 
ATOM   901  C  CB  . VAL A 1 114 ? -9.660  1.827   -4.130  1.00 10.34 ? 137 VAL A CB  1 
ATOM   902  C  CG1 . VAL A 1 114 ? -9.524  3.102   -3.317  1.00 11.50 ? 137 VAL A CG1 1 
ATOM   903  C  CG2 . VAL A 1 114 ? -9.236  0.629   -3.309  1.00 11.31 ? 137 VAL A CG2 1 
ATOM   904  N  N   . THR A 1 115 ? -12.516 3.572   -5.012  1.00 12.77 ? 138 THR A N   1 
ATOM   905  C  CA  . THR A 1 115 ? -13.169 4.619   -5.793  1.00 15.55 ? 138 THR A CA  1 
ATOM   906  C  C   . THR A 1 115 ? -13.148 5.986   -5.100  1.00 16.07 ? 138 THR A C   1 
ATOM   907  O  O   . THR A 1 115 ? -13.940 6.880   -5.452  1.00 18.32 ? 138 THR A O   1 
ATOM   908  C  CB  . THR A 1 115 ? -14.660 4.264   -6.041  1.00 16.84 ? 138 THR A CB  1 
ATOM   909  O  OG1 . THR A 1 115 ? -15.317 4.046   -4.781  1.00 19.58 ? 138 THR A OG1 1 
ATOM   910  C  CG2 . THR A 1 115 ? -14.821 3.024   -6.933  1.00 19.39 ? 138 THR A CG2 1 
ATOM   911  N  N   . ASP A 1 116 ? -12.281 6.156   -4.114  1.00 16.46 ? 139 ASP A N   1 
ATOM   912  C  CA  . ASP A 1 116 ? -12.238 7.396   -3.349  1.00 17.40 ? 139 ASP A CA  1 
ATOM   913  C  C   . ASP A 1 116 ? -10.907 7.473   -2.617  1.00 16.06 ? 139 ASP A C   1 
ATOM   914  O  O   . ASP A 1 116 ? -10.244 6.450   -2.371  1.00 15.96 ? 139 ASP A O   1 
ATOM   915  C  CB  . ASP A 1 116 ? -13.400 7.444   -2.338  1.00 19.20 ? 139 ASP A CB  1 
ATOM   916  C  CG  . ASP A 1 116 ? -13.455 8.755   -1.562  1.00 23.26 ? 139 ASP A CG  1 
ATOM   917  O  OD1 . ASP A 1 116 ? -13.019 9.810   -2.095  1.00 26.77 ? 139 ASP A OD1 1 
ATOM   918  O  OD2 . ASP A 1 116 ? -13.934 8.714   -0.401  1.00 28.67 ? 139 ASP A OD2 1 
ATOM   919  N  N   . LEU A 1 117 ? -10.523 8.699   -2.259  1.00 15.84 ? 140 LEU A N   1 
ATOM   920  C  CA  . LEU A 1 117 ? -9.351  8.948   -1.461  1.00 14.70 ? 140 LEU A CA  1 
ATOM   921  C  C   . LEU A 1 117 ? -9.829  9.869   -0.342  1.00 14.90 ? 140 LEU A C   1 
ATOM   922  O  O   . LEU A 1 117 ? -9.665  11.109  -0.430  1.00 15.57 ? 140 LEU A O   1 
ATOM   923  C  CB  . LEU A 1 117 ? -8.271  9.612   -2.304  1.00 15.31 ? 140 LEU A CB  1 
ATOM   924  C  CG  . LEU A 1 117 ? -6.929  9.820   -1.606  1.00 15.21 ? 140 LEU A CG  1 
ATOM   925  C  CD1 . LEU A 1 117 ? -6.277  8.479   -1.209  1.00 17.47 ? 140 LEU A CD1 1 
ATOM   926  C  CD2 . LEU A 1 117 ? -5.950  10.647  -2.410  1.00 17.34 ? 140 LEU A CD2 1 
ATOM   927  N  N   . PRO A 1 118 ? -10.450 9.303   0.703   1.00 13.74 ? 141 PRO A N   1 
ATOM   928  C  CA  . PRO A 1 118 ? -11.403 10.083  1.501   1.00 14.14 ? 141 PRO A CA  1 
ATOM   929  C  C   . PRO A 1 118 ? -10.788 11.139  2.384   1.00 13.37 ? 141 PRO A C   1 
ATOM   930  O  O   . PRO A 1 118 ? -11.495 12.074  2.807   1.00 15.33 ? 141 PRO A O   1 
ATOM   931  C  CB  . PRO A 1 118 ? -12.079 9.014   2.362   1.00 14.95 ? 141 PRO A CB  1 
ATOM   932  C  CG  . PRO A 1 118 ? -11.114 7.869   2.360   1.00 15.55 ? 141 PRO A CG  1 
ATOM   933  C  CD  . PRO A 1 118 ? -10.489 7.863   1.044   1.00 14.14 ? 141 PRO A CD  1 
ATOM   934  N  N   . ASN A 1 119 ? -9.516  11.019  2.694   1.00 11.87 ? 142 ASN A N   1 
ATOM   935  C  CA  . ASN A 1 119 ? -8.933  11.890  3.662   1.00 12.27 ? 142 ASN A CA  1 
ATOM   936  C  C   . ASN A 1 119 ? -7.752  12.682  3.118   1.00 12.07 ? 142 ASN A C   1 
ATOM   937  O  O   . ASN A 1 119 ? -6.914  13.115  3.874   1.00 13.41 ? 142 ASN A O   1 
ATOM   938  C  CB  . ASN A 1 119 ? -8.534  11.069  4.877   1.00 13.30 ? 142 ASN A CB  1 
ATOM   939  C  CG  . ASN A 1 119 ? -8.362  11.896  6.100   1.00 14.48 ? 142 ASN A CG  1 
ATOM   940  O  OD1 . ASN A 1 119 ? -9.105  12.890  6.316   1.00 17.96 ? 142 ASN A OD1 1 
ATOM   941  N  ND2 . ASN A 1 119 ? -7.404  11.527  6.926   1.00 16.86 ? 142 ASN A ND2 1 
ATOM   942  N  N   . SER A 1 120 ? -7.692  12.852  1.804   1.00 11.12 ? 143 SER A N   1 
ATOM   943  C  CA  . SER A 1 120 ? -6.746  13.769  1.166   1.00 11.14 ? 143 SER A CA  1 
ATOM   944  C  C   . SER A 1 120 ? -7.063  15.202  1.608   1.00 10.40 ? 143 SER A C   1 
ATOM   945  O  O   . SER A 1 120 ? -8.211  15.523  1.943   1.00 10.80 ? 143 SER A O   1 
ATOM   946  C  CB  . SER A 1 120 ? -6.926  13.660  -0.386  1.00 11.00 ? 143 SER A CB  1 
ATOM   947  O  OG  . SER A 1 120 ? -8.191  14.004  -0.816  1.00 16.90 ? 143 SER A OG  1 
ATOM   948  N  N   . PHE A 1 121 ? -6.057  16.048  1.605   1.00 9.19  ? 144 PHE A N   1 
ATOM   949  C  CA  . PHE A 1 121 ? -6.260  17.452  1.956   1.00 8.95  ? 144 PHE A CA  1 
ATOM   950  C  C   . PHE A 1 121 ? -6.201  18.332  0.725   1.00 9.93  ? 144 PHE A C   1 
ATOM   951  O  O   . PHE A 1 121 ? -5.908  17.864  -0.396  1.00 11.00 ? 144 PHE A O   1 
ATOM   952  C  CB  . PHE A 1 121 ? -5.474  17.908  3.195   1.00 12.90 ? 144 PHE A CB  1 
ATOM   953  C  CG  . PHE A 1 121 ? -4.003  17.684  3.161   1.00 14.52 ? 144 PHE A CG  1 
ATOM   954  C  CD1 . PHE A 1 121 ? -3.160  18.598  2.509   1.00 15.97 ? 144 PHE A CD1 1 
ATOM   955  C  CD2 . PHE A 1 121 ? -3.415  16.640  3.881   1.00 16.57 ? 144 PHE A CD2 1 
ATOM   956  C  CE1 . PHE A 1 121 ? -1.745  18.426  2.517   1.00 16.60 ? 144 PHE A CE1 1 
ATOM   957  C  CE2 . PHE A 1 121 ? -2.017  16.469  3.886   1.00 18.16 ? 144 PHE A CE2 1 
ATOM   958  C  CZ  . PHE A 1 121 ? -1.194  17.353  3.197   1.00 19.71 ? 144 PHE A CZ  1 
ATOM   959  N  N   . ASP A 1 122 ? -6.588  19.602  0.903   1.00 10.15 ? 145 ASP A N   1 
ATOM   960  C  CA  . ASP A 1 122 ? -6.520  20.539  -0.215  1.00 9.75  ? 145 ASP A CA  1 
ATOM   961  C  C   . ASP A 1 122 ? -5.106  20.619  -0.753  1.00 10.18 ? 145 ASP A C   1 
ATOM   962  O  O   . ASP A 1 122 ? -4.146  20.647  0.004   1.00 11.43 ? 145 ASP A O   1 
ATOM   963  C  CB  . ASP A 1 122 ? -6.953  21.922  0.267   1.00 10.32 ? 145 ASP A CB  1 
ATOM   964  C  CG  . ASP A 1 122 ? -6.948  22.944  -0.821  1.00 11.81 ? 145 ASP A CG  1 
ATOM   965  O  OD1 . ASP A 1 122 ? -7.936  22.993  -1.577  1.00 12.70 ? 145 ASP A OD1 1 
ATOM   966  O  OD2 . ASP A 1 122 ? -5.943  23.693  -0.898  1.00 13.10 ? 145 ASP A OD2 1 
ATOM   967  N  N   . GLY A 1 123 ? -4.986  20.695  -2.064  1.00 10.19 ? 146 GLY A N   1 
ATOM   968  C  CA  . GLY A 1 123 ? -3.673  20.863  -2.643  1.00 11.84 ? 146 GLY A CA  1 
ATOM   969  C  C   . GLY A 1 123 ? -3.716  20.850  -4.150  1.00 11.69 ? 146 GLY A C   1 
ATOM   970  O  O   . GLY A 1 123 ? -4.762  20.694  -4.734  1.00 12.35 ? 146 GLY A O   1 
ATOM   971  N  N   . PRO A 1 124 ? -2.538  20.975  -4.777  1.00 12.49 ? 147 PRO A N   1 
ATOM   972  C  CA  . PRO A 1 124 ? -2.440  21.220  -6.205  1.00 13.32 ? 147 PRO A CA  1 
ATOM   973  C  C   . PRO A 1 124 ? -2.182  19.983  -7.067  1.00 13.13 ? 147 PRO A C   1 
ATOM   974  O  O   . PRO A 1 124 ? -2.133  20.098  -8.299  1.00 13.59 ? 147 PRO A O   1 
ATOM   975  C  CB  . PRO A 1 124 ? -1.216  22.148  -6.286  1.00 14.69 ? 147 PRO A CB  1 
ATOM   976  C  CG  . PRO A 1 124 ? -0.319  21.639  -5.235  1.00 15.49 ? 147 PRO A CG  1 
ATOM   977  C  CD  . PRO A 1 124 ? -1.248  21.199  -4.100  1.00 13.66 ? 147 PRO A CD  1 
ATOM   978  N  N   . VAL A 1 125 ? -2.017  18.808  -6.455  1.00 12.09 ? 148 VAL A N   1 
ATOM   979  C  CA  . VAL A 1 125 ? -1.613  17.601  -7.189  1.00 12.07 ? 148 VAL A CA  1 
ATOM   980  C  C   . VAL A 1 125 ? -2.819  16.854  -7.731  1.00 11.05 ? 148 VAL A C   1 
ATOM   981  O  O   . VAL A 1 125 ? -3.767  16.628  -7.018  1.00 11.45 ? 148 VAL A O   1 
ATOM   982  C  CB  . VAL A 1 125 ? -0.766  16.665  -6.277  1.00 12.55 ? 148 VAL A CB  1 
ATOM   983  C  CG1 . VAL A 1 125 ? -0.227  15.475  -7.056  1.00 12.28 ? 148 VAL A CG1 1 
ATOM   984  C  CG2 . VAL A 1 125 ? 0.379   17.443  -5.633  1.00 15.42 ? 148 VAL A CG2 1 
ATOM   985  N  N   . THR A 1 126 ? -2.772  16.438  -8.985  1.00 10.96 ? 149 THR A N   1 
ATOM   986  C  CA  . THR A 1 126 ? -3.778  15.498  -9.476  1.00 11.86 ? 149 THR A CA  1 
ATOM   987  C  C   . THR A 1 126 ? -3.356  14.088  -9.025  1.00 10.09 ? 149 THR A C   1 
ATOM   988  O  O   . THR A 1 126 ? -2.330  13.569  -9.478  1.00 10.69 ? 149 THR A O   1 
ATOM   989  C  CB  . THR A 1 126 ? -3.865  15.529  -10.998 1.00 12.55 ? 149 THR A CB  1 
ATOM   990  O  OG1 . THR A 1 126 ? -4.256  16.846  -11.421 1.00 16.06 ? 149 THR A OG1 1 
ATOM   991  C  CG2 . THR A 1 126 ? -4.919  14.527  -11.520 1.00 14.28 ? 149 THR A CG2 1 
ATOM   992  N  N   . ILE A 1 127 ? -4.126  13.527  -8.119  1.00 9.17  ? 150 ILE A N   1 
ATOM   993  C  CA  . ILE A 1 127 ? -3.855  12.196  -7.572  1.00 8.80  ? 150 ILE A CA  1 
ATOM   994  C  C   . ILE A 1 127 ? -4.807  11.213  -8.211  1.00 9.15  ? 150 ILE A C   1 
ATOM   995  O  O   . ILE A 1 127 ? -6.038  11.392  -8.144  1.00 9.75  ? 150 ILE A O   1 
ATOM   996  C  CB  . ILE A 1 127 ? -4.024  12.189  -6.062  1.00 9.27  ? 150 ILE A CB  1 
ATOM   997  C  CG1 . ILE A 1 127 ? -3.150  13.264  -5.414  1.00 11.09 ? 150 ILE A CG1 1 
ATOM   998  C  CG2 . ILE A 1 127 ? -3.708  10.806  -5.493  1.00 9.61  ? 150 ILE A CG2 1 
ATOM   999  C  CD1 . ILE A 1 127 ? -3.581  13.547  -3.963  1.00 12.68 ? 150 ILE A CD1 1 
ATOM   1000 N  N   . THR A 1 128 ? -4.260  10.176  -8.844  1.00 7.81  ? 151 THR A N   1 
ATOM   1001 C  CA  . THR A 1 128 ? -5.115  9.170   -9.495  1.00 8.28  ? 151 THR A CA  1 
ATOM   1002 C  C   . THR A 1 128 ? -4.927  7.813   -8.856  1.00 7.89  ? 151 THR A C   1 
ATOM   1003 O  O   . THR A 1 128 ? -3.792  7.335   -8.793  1.00 8.83  ? 151 THR A O   1 
ATOM   1004 C  CB  . THR A 1 128 ? -4.760  9.078   -10.979 1.00 9.09  ? 151 THR A CB  1 
ATOM   1005 O  OG1 . THR A 1 128 ? -4.985  10.365  -11.576 1.00 10.95 ? 151 THR A OG1 1 
ATOM   1006 C  CG2 . THR A 1 128 ? -5.615  8.066   -11.706 1.00 11.79 ? 151 THR A CG2 1 
ATOM   1007 N  N   . ILE A 1 129 ? -6.013  7.242   -8.388  1.00 7.43  ? 152 ILE A N   1 
ATOM   1008 C  CA  A ILE A 1 129 ? -6.044  5.878   -7.899  0.50 7.35  ? 152 ILE A CA  1 
ATOM   1009 C  CA  B ILE A 1 129 ? -6.014  5.873   -7.902  0.50 7.29  ? 152 ILE A CA  1 
ATOM   1010 C  C   . ILE A 1 129 ? -6.249  4.966   -9.091  1.00 6.10  ? 152 ILE A C   1 
ATOM   1011 O  O   . ILE A 1 129 ? -7.218  5.158   -9.849  1.00 7.42  ? 152 ILE A O   1 
ATOM   1012 C  CB  A ILE A 1 129 ? -7.205  5.678   -6.925  0.50 8.22  ? 152 ILE A CB  1 
ATOM   1013 C  CB  B ILE A 1 129 ? -7.094  5.644   -6.840  0.50 8.30  ? 152 ILE A CB  1 
ATOM   1014 C  CG1 A ILE A 1 129 ? -7.175  6.731   -5.809  0.50 9.64  ? 152 ILE A CG1 1 
ATOM   1015 C  CG1 B ILE A 1 129 ? -6.714  6.338   -5.524  0.50 9.80  ? 152 ILE A CG1 1 
ATOM   1016 C  CG2 A ILE A 1 129 ? -7.142  4.282   -6.324  0.50 9.91  ? 152 ILE A CG2 1 
ATOM   1017 C  CG2 B ILE A 1 129 ? -7.306  4.120   -6.617  0.50 8.79  ? 152 ILE A CG2 1 
ATOM   1018 C  CD1 A ILE A 1 129 ? -5.838  6.848   -5.135  0.50 11.86 ? 152 ILE A CD1 1 
ATOM   1019 C  CD1 B ILE A 1 129 ? -7.876  6.532   -4.600  0.50 12.35 ? 152 ILE A CD1 1 
ATOM   1020 N  N   . VAL A 1 130 ? -5.340  4.007   -9.276  1.00 6.37  ? 153 VAL A N   1 
ATOM   1021 C  CA  . VAL A 1 130 ? -5.414  3.061   -10.355 1.00 6.15  ? 153 VAL A CA  1 
ATOM   1022 C  C   . VAL A 1 130 ? -5.635  1.683   -9.781  1.00 5.57  ? 153 VAL A C   1 
ATOM   1023 O  O   . VAL A 1 130 ? -4.790  1.175   -9.037  1.00 6.75  ? 153 VAL A O   1 
ATOM   1024 C  CB  . VAL A 1 130 ? -4.119  3.078   -11.197 1.00 6.44  ? 153 VAL A CB  1 
ATOM   1025 C  CG1 . VAL A 1 130 ? -4.280  2.177   -12.411 1.00 8.07  ? 153 VAL A CG1 1 
ATOM   1026 C  CG2 . VAL A 1 130 ? -3.786  4.516   -11.638 1.00 7.80  ? 153 VAL A CG2 1 
ATOM   1027 N  N   . ASN A 1 131 ? -6.748  1.050   -10.114 1.00 6.01  ? 154 ASN A N   1 
ATOM   1028 C  CA  . ASN A 1 131 ? -7.034  -0.303  -9.670  1.00 6.29  ? 154 ASN A CA  1 
ATOM   1029 C  C   . ASN A 1 131 ? -6.411  -1.312  -10.610 1.00 5.99  ? 154 ASN A C   1 
ATOM   1030 O  O   . ASN A 1 131 ? -6.054  -0.975  -11.738 1.00 6.78  ? 154 ASN A O   1 
ATOM   1031 C  CB  . ASN A 1 131 ? -8.541  -0.467  -9.586  1.00 6.96  ? 154 ASN A CB  1 
ATOM   1032 C  CG  . ASN A 1 131 ? -9.103  0.307   -8.433  1.00 6.76  ? 154 ASN A CG  1 
ATOM   1033 O  OD1 . ASN A 1 131 ? -9.043  -0.160  -7.281  1.00 7.48  ? 154 ASN A OD1 1 
ATOM   1034 N  ND2 . ASN A 1 131 ? -9.658  1.467   -8.702  1.00 7.35  ? 154 ASN A ND2 1 
ATOM   1035 N  N   A ARG A 1 132 ? -6.320  -2.552  -10.146 0.50 6.61  ? 155 ARG A N   1 
ATOM   1036 N  N   B ARG A 1 132 ? -6.298  -2.567  -10.186 0.50 6.32  ? 155 ARG A N   1 
ATOM   1037 C  CA  A ARG A 1 132 ? -5.688  -3.605  -10.935 0.50 7.43  ? 155 ARG A CA  1 
ATOM   1038 C  CA  B ARG A 1 132 ? -5.647  -3.560  -11.056 0.50 6.63  ? 155 ARG A CA  1 
ATOM   1039 C  C   A ARG A 1 132 ? -6.469  -3.874  -12.232 0.50 6.32  ? 155 ARG A C   1 
ATOM   1040 C  C   B ARG A 1 132 ? -6.473  -3.856  -12.300 0.50 6.02  ? 155 ARG A C   1 
ATOM   1041 O  O   A ARG A 1 132 ? -5.877  -4.163  -13.259 0.50 6.48  ? 155 ARG A O   1 
ATOM   1042 O  O   B ARG A 1 132 ? -5.931  -4.193  -13.349 0.50 6.20  ? 155 ARG A O   1 
ATOM   1043 C  CB  A ARG A 1 132 ? -5.506  -4.854  -10.058 0.50 8.55  ? 155 ARG A CB  1 
ATOM   1044 C  CB  B ARG A 1 132 ? -5.357  -4.841  -10.296 0.50 6.82  ? 155 ARG A CB  1 
ATOM   1045 C  CG  A ARG A 1 132 ? -4.714  -6.025  -10.639 0.50 9.61  ? 155 ARG A CG  1 
ATOM   1046 C  CG  B ARG A 1 132 ? -4.544  -5.875  -11.050 0.50 7.20  ? 155 ARG A CG  1 
ATOM   1047 C  CD  A ARG A 1 132 ? -3.365  -5.668  -11.193 0.50 14.76 ? 155 ARG A CD  1 
ATOM   1048 C  CD  B ARG A 1 132 ? -4.694  -7.200  -10.337 0.50 10.76 ? 155 ARG A CD  1 
ATOM   1049 N  NE  A ARG A 1 132 ? -3.534  -4.941  -12.430 0.50 18.29 ? 155 ARG A NE  1 
ATOM   1050 N  NE  B ARG A 1 132 ? -3.847  -8.269  -10.819 0.50 15.56 ? 155 ARG A NE  1 
ATOM   1051 C  CZ  A ARG A 1 132 ? -2.552  -4.625  -13.250 0.50 18.50 ? 155 ARG A CZ  1 
ATOM   1052 C  CZ  B ARG A 1 132 ? -3.742  -9.442  -10.203 0.50 14.48 ? 155 ARG A CZ  1 
ATOM   1053 N  NH1 A ARG A 1 132 ? -1.303  -4.988  -12.976 0.50 20.98 ? 155 ARG A NH1 1 
ATOM   1054 N  NH1 B ARG A 1 132 ? -2.952  -10.380 -10.705 0.50 15.84 ? 155 ARG A NH1 1 
ATOM   1055 N  NH2 A ARG A 1 132 ? -2.844  -3.964  -14.345 0.50 16.84 ? 155 ARG A NH2 1 
ATOM   1056 N  NH2 B ARG A 1 132 ? -4.442  -9.685  -9.095  0.50 12.35 ? 155 ARG A NH2 1 
ATOM   1057 N  N   . ASP A 1 133 ? -7.801  -3.689  -12.196 1.00 6.45  ? 156 ASP A N   1 
ATOM   1058 C  CA  . ASP A 1 133 ? -8.668  -3.829  -13.390 1.00 6.45  ? 156 ASP A CA  1 
ATOM   1059 C  C   . ASP A 1 133 ? -8.691  -2.576  -14.262 1.00 6.79  ? 156 ASP A C   1 
ATOM   1060 O  O   . ASP A 1 133 ? -9.448  -2.555  -15.218 1.00 7.36  ? 156 ASP A O   1 
ATOM   1061 C  CB  . ASP A 1 133 ? -10.091 -4.230  -13.006 1.00 7.13  ? 156 ASP A CB  1 
ATOM   1062 C  CG  . ASP A 1 133 ? -10.882 -3.127  -12.281 1.00 7.58  ? 156 ASP A CG  1 
ATOM   1063 O  OD1 . ASP A 1 133 ? -10.386 -2.003  -12.107 1.00 7.72  ? 156 ASP A OD1 1 
ATOM   1064 O  OD2 . ASP A 1 133 ? -12.031 -3.461  -11.888 1.00 8.37  ? 156 ASP A OD2 1 
ATOM   1065 N  N   . GLY A 1 134 ? -7.846  -1.601  -13.953 1.00 6.90  ? 157 GLY A N   1 
ATOM   1066 C  CA  . GLY A 1 134 ? -7.700  -0.418  -14.766 1.00 6.99  ? 157 GLY A CA  1 
ATOM   1067 C  C   . GLY A 1 134 ? -8.613  0.735   -14.394 1.00 7.14  ? 157 GLY A C   1 
ATOM   1068 O  O   . GLY A 1 134 ? -8.401  1.874   -14.847 1.00 8.13  ? 157 GLY A O   1 
ATOM   1069 N  N   . THR A 1 135 ? -9.632  0.476   -13.605 1.00 6.48  ? 158 THR A N   1 
ATOM   1070 C  CA  . THR A 1 135 ? -10.533 1.568   -13.266 1.00 7.52  ? 158 THR A CA  1 
ATOM   1071 C  C   . THR A 1 135 ? -9.822  2.598   -12.428 1.00 6.58  ? 158 THR A C   1 
ATOM   1072 O  O   . THR A 1 135 ? -8.976  2.275   -11.575 1.00 6.85  ? 158 THR A O   1 
ATOM   1073 C  CB  . THR A 1 135 ? -11.783 1.102   -12.654 1.00 9.30  ? 158 THR A CB  1 
ATOM   1074 O  OG1 . THR A 1 135 ? -11.482 0.452   -11.456 1.00 9.40  ? 158 THR A OG1 1 
ATOM   1075 C  CG2 . THR A 1 135 ? -12.515 0.160   -13.642 1.00 10.79 ? 158 THR A CG2 1 
ATOM   1076 N  N   A ARG A 1 136 ? -10.143 3.860   -12.695 0.50 7.17  ? 159 ARG A N   1 
ATOM   1077 N  N   B ARG A 1 136 ? -10.159 3.850   -12.685 0.50 7.00  ? 159 ARG A N   1 
ATOM   1078 C  CA  A ARG A 1 136 ? -9.418  5.010   -12.130 0.50 8.17  ? 159 ARG A CA  1 
ATOM   1079 C  CA  B ARG A 1 136 ? -9.472  4.959   -12.053 0.50 7.96  ? 159 ARG A CA  1 
ATOM   1080 C  C   A ARG A 1 136 ? -10.335 6.012   -11.477 0.50 8.36  ? 159 ARG A C   1 
ATOM   1081 C  C   B ARG A 1 136 ? -10.427 5.888   -11.328 0.50 8.01  ? 159 ARG A C   1 
ATOM   1082 O  O   A ARG A 1 136 ? -11.428 6.281   -11.998 0.50 8.85  ? 159 ARG A O   1 
ATOM   1083 O  O   B ARG A 1 136 ? -11.641 5.946   -11.604 0.50 8.80  ? 159 ARG A O   1 
ATOM   1084 C  CB  A ARG A 1 136 ? -8.676  5.756   -13.225 0.50 8.90  ? 159 ARG A CB  1 
ATOM   1085 C  CB  B ARG A 1 136 ? -8.659  5.742   -13.076 0.50 8.24  ? 159 ARG A CB  1 
ATOM   1086 C  CG  A ARG A 1 136 ? -7.467  5.013   -13.731 0.50 9.96  ? 159 ARG A CG  1 
ATOM   1087 C  CG  B ARG A 1 136 ? -7.410  4.999   -13.548 0.50 8.70  ? 159 ARG A CG  1 
ATOM   1088 C  CD  A ARG A 1 136 ? -6.682  5.819   -14.779 0.50 10.85 ? 159 ARG A CD  1 
ATOM   1089 C  CD  B ARG A 1 136 ? -6.833  5.620   -14.830 0.50 7.80  ? 159 ARG A CD  1 
ATOM   1090 N  NE  A ARG A 1 136 ? -5.533  5.041   -15.218 0.50 11.31 ? 159 ARG A NE  1 
ATOM   1091 N  NE  B ARG A 1 136 ? -5.416  5.321   -15.071 0.50 7.42  ? 159 ARG A NE  1 
ATOM   1092 C  CZ  A ARG A 1 136 ? -4.285  5.476   -15.280 0.50 12.19 ? 159 ARG A CZ  1 
ATOM   1093 C  CZ  B ARG A 1 136 ? -4.967  4.172   -15.558 0.50 5.93  ? 159 ARG A CZ  1 
ATOM   1094 N  NH1 A ARG A 1 136 ? -3.948  6.742   -14.999 0.50 14.15 ? 159 ARG A NH1 1 
ATOM   1095 N  NH1 B ARG A 1 136 ? -5.800  3.182   -15.840 0.50 6.52  ? 159 ARG A NH1 1 
ATOM   1096 N  NH2 A ARG A 1 136 ? -3.360  4.619   -15.663 0.50 11.49 ? 159 ARG A NH2 1 
ATOM   1097 N  NH2 B ARG A 1 136 ? -3.664  4.023   -15.771 0.50 7.26  ? 159 ARG A NH2 1 
ATOM   1098 N  N   . TYR A 1 137 ? -9.853  6.612   -10.391 1.00 8.73  ? 160 TYR A N   1 
ATOM   1099 C  CA  . TYR A 1 137 ? -10.530 7.709   -9.683  1.00 9.68  ? 160 TYR A CA  1 
ATOM   1100 C  C   . TYR A 1 137 ? -9.476  8.792   -9.474  1.00 9.81  ? 160 TYR A C   1 
ATOM   1101 O  O   . TYR A 1 137 ? -8.380  8.499   -8.962  1.00 10.89 ? 160 TYR A O   1 
ATOM   1102 C  CB  . TYR A 1 137 ? -11.073 7.232   -8.335  1.00 11.04 ? 160 TYR A CB  1 
ATOM   1103 C  CG  . TYR A 1 137 ? -11.475 8.406   -7.460  1.00 12.74 ? 160 TYR A CG  1 
ATOM   1104 C  CD1 . TYR A 1 137 ? -12.690 9.055   -7.685  1.00 15.54 ? 160 TYR A CD1 1 
ATOM   1105 C  CD2 . TYR A 1 137 ? -10.633 8.900   -6.447  1.00 14.55 ? 160 TYR A CD2 1 
ATOM   1106 C  CE1 . TYR A 1 137 ? -13.078 10.171  -6.909  1.00 16.40 ? 160 TYR A CE1 1 
ATOM   1107 C  CE2 . TYR A 1 137 ? -11.022 10.020  -5.658  1.00 16.58 ? 160 TYR A CE2 1 
ATOM   1108 C  CZ  . TYR A 1 137 ? -12.246 10.636  -5.909  1.00 17.18 ? 160 TYR A CZ  1 
ATOM   1109 O  OH  . TYR A 1 137 ? -12.662 11.725  -5.179  1.00 20.45 ? 160 TYR A OH  1 
ATOM   1110 N  N   A SER A 1 138 ? -9.829  10.026  -9.802  0.50 10.02 ? 161 SER A N   1 
ATOM   1111 N  N   B SER A 1 138 ? -9.780  10.037  -9.807  0.50 10.51 ? 161 SER A N   1 
ATOM   1112 C  CA  A SER A 1 138 ? -8.904  11.135  -9.729  0.50 10.08 ? 161 SER A CA  1 
ATOM   1113 C  CA  B SER A 1 138 ? -8.788  11.089  -9.630  0.50 11.11 ? 161 SER A CA  1 
ATOM   1114 C  C   A SER A 1 138 ? -9.482  12.223  -8.827  0.50 10.34 ? 161 SER A C   1 
ATOM   1115 C  C   B SER A 1 138 ? -9.374  12.337  -9.035  0.50 11.50 ? 161 SER A C   1 
ATOM   1116 O  O   A SER A 1 138 ? -10.716 12.396  -8.741  0.50 8.26  ? 161 SER A O   1 
ATOM   1117 O  O   B SER A 1 138 ? -10.497 12.719  -9.344  0.50 10.60 ? 161 SER A O   1 
ATOM   1118 C  CB  A SER A 1 138 ? -8.631  11.692  -11.137 0.50 11.52 ? 161 SER A CB  1 
ATOM   1119 C  CB  B SER A 1 138 ? -8.098  11.424  -10.942 0.50 11.89 ? 161 SER A CB  1 
ATOM   1120 O  OG  A SER A 1 138 ? -7.727  10.853  -11.869 0.50 12.81 ? 161 SER A OG  1 
ATOM   1121 O  OG  B SER A 1 138 ? -7.259  12.546  -10.842 0.50 16.67 ? 161 SER A OG  1 
ATOM   1122 N  N   . LYS A 1 139 ? -8.586  12.957  -8.175  1.00 10.29 ? 162 LYS A N   1 
ATOM   1123 C  CA  . LYS A 1 139 ? -8.970  14.191  -7.494  1.00 13.09 ? 162 LYS A CA  1 
ATOM   1124 C  C   . LYS A 1 139 ? -7.753  15.060  -7.314  1.00 13.29 ? 162 LYS A C   1 
ATOM   1125 O  O   . LYS A 1 139 ? -6.608  14.565  -7.289  1.00 14.20 ? 162 LYS A O   1 
ATOM   1126 C  CB  . LYS A 1 139 ? -9.586  13.901  -6.144  1.00 14.79 ? 162 LYS A CB  1 
ATOM   1127 C  CG  . LYS A 1 139 ? -8.610  13.393  -5.102  1.00 16.35 ? 162 LYS A CG  1 
ATOM   1128 C  CD  . LYS A 1 139 ? -9.334  12.827  -3.874  1.00 19.46 ? 162 LYS A CD  1 
ATOM   1129 C  CE  . LYS A 1 139 ? -10.139 13.877  -3.066  1.00 19.58 ? 162 LYS A CE  1 
ATOM   1130 N  NZ  . LYS A 1 139 ? -10.689 13.384  -1.742  1.00 21.19 ? 162 LYS A NZ  1 
ATOM   1131 N  N   . LYS A 1 140 ? -8.000  16.353  -7.142  1.00 12.33 ? 163 LYS A N   1 
ATOM   1132 C  CA  . LYS A 1 140 ? -6.944  17.293  -6.873  1.00 12.72 ? 163 LYS A CA  1 
ATOM   1133 C  C   . LYS A 1 140 ? -6.741  17.390  -5.371  1.00 11.74 ? 163 LYS A C   1 
ATOM   1134 O  O   . LYS A 1 140 ? -7.706  17.509  -4.618  1.00 13.44 ? 163 LYS A O   1 
ATOM   1135 C  CB  . LYS A 1 140 ? -7.318  18.658  -7.456  1.00 14.75 ? 163 LYS A CB  1 
ATOM   1136 C  CG  . LYS A 1 140 ? -6.207  19.674  -7.430  1.00 19.27 ? 163 LYS A CG  1 
ATOM   1137 C  CD  . LYS A 1 140 ? -6.651  21.047  -7.969  1.00 24.44 ? 163 LYS A CD  1 
ATOM   1138 C  CE  . LYS A 1 140 ? -7.661  21.765  -7.037  1.00 26.38 ? 163 LYS A CE  1 
ATOM   1139 N  NZ  . LYS A 1 140 ? -7.136  22.189  -5.678  1.00 26.12 ? 163 LYS A NZ  1 
ATOM   1140 N  N   . GLY A 1 141 ? -5.504  17.282  -4.911  1.00 10.30 ? 164 GLY A N   1 
ATOM   1141 C  CA  . GLY A 1 141 ? -5.260  17.389  -3.485  1.00 10.64 ? 164 GLY A CA  1 
ATOM   1142 C  C   . GLY A 1 141 ? -3.806  17.234  -3.104  1.00 9.62  ? 164 GLY A C   1 
ATOM   1143 O  O   . GLY A 1 141 ? -2.915  17.500  -3.927  1.00 10.82 ? 164 GLY A O   1 
ATOM   1144 N  N   . GLU A 1 142 ? -3.572  16.851  -1.857  1.00 9.52  ? 165 GLU A N   1 
ATOM   1145 C  CA  . GLU A 1 142 ? -2.222  16.583  -1.358  1.00 9.96  ? 165 GLU A CA  1 
ATOM   1146 C  C   . GLU A 1 142 ? -2.403  15.641  -0.191  1.00 9.50  ? 165 GLU A C   1 
ATOM   1147 O  O   . GLU A 1 142 ? -3.492  15.585  0.400   1.00 10.12 ? 165 GLU A O   1 
ATOM   1148 C  CB  . GLU A 1 142 ? -1.540  17.908  -0.966  1.00 10.62 ? 165 GLU A CB  1 
ATOM   1149 C  CG  . GLU A 1 142 ? -0.147  17.765  -0.328  1.00 13.33 ? 165 GLU A CG  1 
ATOM   1150 C  CD  . GLU A 1 142 ? 0.818   17.046  -1.232  1.00 13.66 ? 165 GLU A CD  1 
ATOM   1151 O  OE1 . GLU A 1 142 ? 1.420   17.724  -2.106  1.00 14.90 ? 165 GLU A OE1 1 
ATOM   1152 O  OE2 . GLU A 1 142 ? 0.992   15.783  -1.106  1.00 12.97 ? 165 GLU A OE2 1 
ATOM   1153 N  N   . TYR A 1 143 ? -1.366  14.875  0.132   1.00 10.65 ? 166 TYR A N   1 
ATOM   1154 C  CA  . TYR A 1 143 ? -1.388  14.023  1.333   1.00 10.45 ? 166 TYR A CA  1 
ATOM   1155 C  C   . TYR A 1 143 ? -0.083  14.102  2.140   1.00 10.84 ? 166 TYR A C   1 
ATOM   1156 O  O   . TYR A 1 143 ? -0.053  13.672  3.274   1.00 10.53 ? 166 TYR A O   1 
ATOM   1157 C  CB  . TYR A 1 143 ? -1.742  12.551  1.044   1.00 10.25 ? 166 TYR A CB  1 
ATOM   1158 C  CG  . TYR A 1 143 ? -0.752  11.923  0.120   1.00 10.38 ? 166 TYR A CG  1 
ATOM   1159 C  CD1 . TYR A 1 143 ? 0.421   11.341  0.608   1.00 11.09 ? 166 TYR A CD1 1 
ATOM   1160 C  CD2 . TYR A 1 143 ? -0.960  11.926  -1.251  1.00 12.16 ? 166 TYR A CD2 1 
ATOM   1161 C  CE1 . TYR A 1 143 ? 1.349   10.784  -0.246  1.00 11.33 ? 166 TYR A CE1 1 
ATOM   1162 C  CE2 . TYR A 1 143 ? -0.027  11.380  -2.122  1.00 12.68 ? 166 TYR A CE2 1 
ATOM   1163 C  CZ  . TYR A 1 143 ? 1.126   10.805  -1.605  1.00 11.62 ? 166 TYR A CZ  1 
ATOM   1164 O  OH  . TYR A 1 143 ? 2.055   10.257  -2.456  1.00 15.16 ? 166 TYR A OH  1 
ATOM   1165 N  N   . ARG A 1 144 ? 0.966   14.692  1.556   1.00 11.28 ? 167 ARG A N   1 
ATOM   1166 C  CA  . ARG A 1 144 ? 2.312   14.702  2.178   1.00 12.51 ? 167 ARG A CA  1 
ATOM   1167 C  C   . ARG A 1 144 ? 2.408   15.833  3.179   1.00 14.03 ? 167 ARG A C   1 
ATOM   1168 O  O   . ARG A 1 144 ? 2.124   16.988  2.835   1.00 16.17 ? 167 ARG A O   1 
ATOM   1169 C  CB  . ARG A 1 144 ? 3.385   14.866  1.099   1.00 12.41 ? 167 ARG A CB  1 
ATOM   1170 C  CG  . ARG A 1 144 ? 3.459   13.659  0.191   1.00 13.58 ? 167 ARG A CG  1 
ATOM   1171 C  CD  . ARG A 1 144 ? 4.203   13.915  -1.069  1.00 14.07 ? 167 ARG A CD  1 
ATOM   1172 N  NE  . ARG A 1 144 ? 3.545   14.919  -1.905  1.00 13.75 ? 167 ARG A NE  1 
ATOM   1173 C  CZ  . ARG A 1 144 ? 4.049   15.382  -3.042  1.00 16.24 ? 167 ARG A CZ  1 
ATOM   1174 N  NH1 . ARG A 1 144 ? 5.199   14.911  -3.517  1.00 17.27 ? 167 ARG A NH1 1 
ATOM   1175 N  NH2 . ARG A 1 144 ? 3.374   16.295  -3.721  1.00 17.29 ? 167 ARG A NH2 1 
ATOM   1176 N  N   . THR A 1 145 ? 2.798   15.530  4.401   1.00 14.75 ? 168 THR A N   1 
ATOM   1177 C  CA  . THR A 1 145 ? 2.893   16.547  5.453   1.00 16.51 ? 168 THR A CA  1 
ATOM   1178 C  C   . THR A 1 145 ? 4.349   16.888  5.782   1.00 17.42 ? 168 THR A C   1 
ATOM   1179 O  O   . THR A 1 145 ? 4.592   17.814  6.559   1.00 18.74 ? 168 THR A O   1 
ATOM   1180 C  CB  . THR A 1 145 ? 2.187   16.112  6.747   1.00 16.05 ? 168 THR A CB  1 
ATOM   1181 O  OG1 . THR A 1 145 ? 2.956   15.077  7.381   1.00 17.05 ? 168 THR A OG1 1 
ATOM   1182 C  CG2 . THR A 1 145 ? 0.744   15.659  6.450   1.00 16.78 ? 168 THR A CG2 1 
ATOM   1183 N  N   . HIS A 1 146 ? 5.309   16.193  5.170   1.00 17.63 ? 169 HIS A N   1 
ATOM   1184 C  CA  . HIS A 1 146 ? 6.725   16.421  5.464   1.00 19.37 ? 169 HIS A CA  1 
ATOM   1185 C  C   . HIS A 1 146 ? 7.372   17.062  4.258   1.00 20.52 ? 169 HIS A C   1 
ATOM   1186 O  O   . HIS A 1 146 ? 7.320   16.519  3.159   1.00 20.50 ? 169 HIS A O   1 
ATOM   1187 C  CB  . HIS A 1 146 ? 7.438   15.114  5.817   1.00 19.58 ? 169 HIS A CB  1 
ATOM   1188 C  CG  . HIS A 1 146 ? 6.964   14.503  7.098   1.00 19.24 ? 169 HIS A CG  1 
ATOM   1189 N  ND1 . HIS A 1 146 ? 7.520   14.810  8.322   1.00 21.83 ? 169 HIS A ND1 1 
ATOM   1190 C  CD2 . HIS A 1 146 ? 5.973   13.613  7.349   1.00 19.40 ? 169 HIS A CD2 1 
ATOM   1191 C  CE1 . HIS A 1 146 ? 6.896   14.135  9.269   1.00 22.39 ? 169 HIS A CE1 1 
ATOM   1192 N  NE2 . HIS A 1 146 ? 5.956   13.395  8.705   1.00 20.57 ? 169 HIS A NE2 1 
ATOM   1193 N  N   . GLN A 1 147 ? 7.972   18.238  4.469   1.00 22.98 ? 170 GLN A N   1 
ATOM   1194 C  CA  . GLN A 1 147 ? 8.681   18.971  3.410   1.00 25.01 ? 170 GLN A CA  1 
ATOM   1195 C  C   . GLN A 1 147 ? 9.678   18.117  2.624   1.00 25.26 ? 170 GLN A C   1 
ATOM   1196 O  O   . GLN A 1 147 ? 9.718   18.198  1.394   1.00 25.78 ? 170 GLN A O   1 
ATOM   1197 C  CB  . GLN A 1 147 ? 9.384   20.222  3.983   1.00 25.64 ? 170 GLN A CB  1 
ATOM   1198 C  CG  . GLN A 1 147 ? 9.835   21.257  2.928   1.00 29.06 ? 170 GLN A CG  1 
ATOM   1199 C  CD  . GLN A 1 147 ? 8.737   21.624  1.924   1.00 32.21 ? 170 GLN A CD  1 
ATOM   1200 O  OE1 . GLN A 1 147 ? 8.897   21.426  0.716   1.00 34.34 ? 170 GLN A OE1 1 
ATOM   1201 N  NE2 . GLN A 1 147 ? 7.617   22.150  2.423   1.00 34.02 ? 170 GLN A NE2 1 
ATOM   1202 N  N   . GLU A 1 148 ? 10.450  17.289  3.332   1.00 25.77 ? 171 GLU A N   1 
ATOM   1203 C  CA  . GLU A 1 148 ? 11.474  16.467  2.680   1.00 26.52 ? 171 GLU A CA  1 
ATOM   1204 C  C   . GLU A 1 148 ? 10.898  15.435  1.707   1.00 25.58 ? 171 GLU A C   1 
ATOM   1205 O  O   . GLU A 1 148 ? 11.624  14.914  0.868   1.00 26.57 ? 171 GLU A O   1 
ATOM   1206 C  CB  . GLU A 1 148 ? 12.436  15.821  3.689   1.00 27.44 ? 171 GLU A CB  1 
ATOM   1207 C  CG  . GLU A 1 148 ? 11.838  14.749  4.589   1.00 31.10 ? 171 GLU A CG  1 
ATOM   1208 C  CD  . GLU A 1 148 ? 11.184  15.295  5.857   1.00 35.44 ? 171 GLU A CD  1 
ATOM   1209 O  OE1 . GLU A 1 148 ? 10.959  14.477  6.781   1.00 37.99 ? 171 GLU A OE1 1 
ATOM   1210 O  OE2 . GLU A 1 148 ? 10.902  16.522  5.942   1.00 36.98 ? 171 GLU A OE2 1 
ATOM   1211 N  N   . ASP A 1 149 ? 9.596   15.146  1.814   1.00 23.97 ? 172 ASP A N   1 
ATOM   1212 C  CA  . ASP A 1 149 ? 8.932   14.269  0.843   1.00 23.13 ? 172 ASP A CA  1 
ATOM   1213 C  C   . ASP A 1 149 ? 8.378   15.016  -0.371  1.00 24.33 ? 172 ASP A C   1 
ATOM   1214 O  O   . ASP A 1 149 ? 8.056   14.394  -1.375  1.00 25.65 ? 172 ASP A O   1 
ATOM   1215 C  CB  . ASP A 1 149 ? 7.814   13.437  1.494   1.00 20.69 ? 172 ASP A CB  1 
ATOM   1216 C  CG  . ASP A 1 149 ? 8.328   12.502  2.575   1.00 17.35 ? 172 ASP A CG  1 
ATOM   1217 O  OD1 . ASP A 1 149 ? 9.416   11.903  2.393   1.00 18.04 ? 172 ASP A OD1 1 
ATOM   1218 O  OD2 . ASP A 1 149 ? 7.642   12.346  3.594   1.00 15.44 ? 172 ASP A OD2 1 
ATOM   1219 N  N   . ILE A 1 150 ? 8.279   16.337  -0.296  1.00 25.70 ? 173 ILE A N   1 
ATOM   1220 C  CA  . ILE A 1 150 ? 7.677   17.081  -1.407  1.00 26.83 ? 173 ILE A CA  1 
ATOM   1221 C  C   . ILE A 1 150 ? 8.715   17.584  -2.404  1.00 27.75 ? 173 ILE A C   1 
ATOM   1222 O  O   . ILE A 1 150 ? 8.926   16.953  -3.446  1.00 29.35 ? 173 ILE A O   1 
ATOM   1223 C  CB  . ILE A 1 150 ? 6.743   18.203  -0.926  1.00 26.97 ? 173 ILE A CB  1 
ATOM   1224 C  CG1 . ILE A 1 150 ? 5.607   17.604  -0.090  1.00 26.07 ? 173 ILE A CG1 1 
ATOM   1225 C  CG2 . ILE A 1 150 ? 6.163   18.953  -2.128  1.00 27.45 ? 173 ILE A CG2 1 
ATOM   1226 C  CD1 . ILE A 1 150 ? 4.836   18.595  0.754   1.00 26.62 ? 173 ILE A CD1 1 
HETATM 1227 N  NAB . 2CQ B 2 .   ? -13.625 2.995   -2.090  1.00 20.81 ? 201 2CQ A NAB 1 
HETATM 1228 C  CAH . 2CQ B 2 .   ? -12.686 2.604   -1.222  1.00 19.78 ? 201 2CQ A CAH 1 
HETATM 1229 C  CAE . 2CQ B 2 .   ? -11.910 3.512   -0.468  1.00 23.06 ? 201 2CQ A CAE 1 
HETATM 1230 C  CAG . 2CQ B 2 .   ? -10.901 3.058   0.416   1.00 21.81 ? 201 2CQ A CAG 1 
HETATM 1231 C  CAA . 2CQ B 2 .   ? -10.113 3.971   1.212   1.00 18.27 ? 201 2CQ A CAA 1 
HETATM 1232 C  CAJ . 2CQ B 2 .   ? -10.684 1.671   0.495   1.00 22.39 ? 201 2CQ A CAJ 1 
HETATM 1233 CL CL  . 2CQ B 2 .   ? -9.432  1.035   1.517   1.00 26.55 ? 201 2CQ A CL  1 
HETATM 1234 C  CAF . 2CQ B 2 .   ? -11.439 0.767   -0.265  1.00 24.03 ? 201 2CQ A CAF 1 
HETATM 1235 C  CAI . 2CQ B 2 .   ? -12.439 1.219   -1.126  1.00 21.57 ? 201 2CQ A CAI 1 
HETATM 1236 N  NAC . 2CQ B 2 .   ? -13.187 0.361   -1.864  1.00 22.00 ? 201 2CQ A NAC 1 
HETATM 1237 S  S   . DMS C 3 .   ? -9.863  -3.838  -8.291  1.00 10.84 ? 202 DMS A S   1 
HETATM 1238 O  O   . DMS C 3 .   ? -8.857  -4.253  -9.636  1.00 8.91  ? 202 DMS A O   1 
HETATM 1239 C  C1  . DMS C 3 .   ? -11.372 -4.542  -8.895  1.00 9.57  ? 202 DMS A C1  1 
HETATM 1240 C  C2  . DMS C 3 .   ? -9.367  -5.071  -7.097  1.00 10.42 ? 202 DMS A C2  1 
HETATM 1241 O  O   . HOH D 4 .   ? -10.599 -6.516  3.408   1.00 7.00  ? 301 HOH A O   1 
HETATM 1242 O  O   . HOH D 4 .   ? 12.469  -4.602  7.779   1.00 7.33  ? 302 HOH A O   1 
HETATM 1243 O  O   . HOH D 4 .   ? 6.055   3.030   -4.660  1.00 7.76  ? 303 HOH A O   1 
HETATM 1244 O  O   . HOH D 4 .   ? -8.421  -6.850  -10.091 1.00 8.99  ? 304 HOH A O   1 
HETATM 1245 O  O   . HOH D 4 .   ? 14.917  1.777   -1.707  1.00 9.55  ? 305 HOH A O   1 
HETATM 1246 O  O   . HOH D 4 .   ? 22.897  2.909   3.504   1.00 9.22  ? 306 HOH A O   1 
HETATM 1247 O  O   . HOH D 4 .   ? -2.004  -0.016  -13.880 1.00 9.45  ? 307 HOH A O   1 
HETATM 1248 O  O   . HOH D 4 .   ? -0.552  -2.017  -5.972  1.00 10.65 ? 308 HOH A O   1 
HETATM 1249 O  O   . HOH D 4 .   ? 19.450  -2.514  -0.982  1.00 9.87  ? 309 HOH A O   1 
HETATM 1250 O  O   . HOH D 4 .   ? -3.214  -1.614  -9.434  1.00 10.69 ? 310 HOH A O   1 
HETATM 1251 O  O   . HOH D 4 .   ? -2.029  12.514  4.803   1.00 11.56 ? 311 HOH A O   1 
HETATM 1252 O  O   . HOH D 4 .   ? -12.005 -2.414  1.231   1.00 11.16 ? 312 HOH A O   1 
HETATM 1253 O  O   . HOH D 4 .   ? -10.792 -8.055  -10.189 1.00 9.75  ? 313 HOH A O   1 
HETATM 1254 O  O   . HOH D 4 .   ? -7.298  -2.623  -7.342  1.00 10.24 ? 314 HOH A O   1 
HETATM 1255 O  O   . HOH D 4 .   ? 21.253  0.024   5.781   1.00 11.09 ? 315 HOH A O   1 
HETATM 1256 O  O   . HOH D 4 .   ? -2.341  -0.503  11.884  1.00 11.54 ? 316 HOH A O   1 
HETATM 1257 O  O   . HOH D 4 .   ? -15.035 -10.190 3.762   1.00 11.91 ? 317 HOH A O   1 
HETATM 1258 O  O   . HOH D 4 .   ? 8.110   -16.522 -2.701  1.00 12.23 ? 318 HOH A O   1 
HETATM 1259 O  O   . HOH D 4 .   ? -5.266  -6.779  -6.354  1.00 11.81 ? 319 HOH A O   1 
HETATM 1260 O  O   . HOH D 4 .   ? -6.757  -8.211  -8.255  1.00 13.06 ? 320 HOH A O   1 
HETATM 1261 O  O   . HOH D 4 .   ? -3.243  -11.656 -3.051  1.00 13.86 ? 321 HOH A O   1 
HETATM 1262 O  O   . HOH D 4 .   ? 11.434  -13.262 7.095   1.00 13.32 ? 322 HOH A O   1 
HETATM 1263 O  O   . HOH D 4 .   ? 1.999   -7.105  15.497  1.00 14.70 ? 323 HOH A O   1 
HETATM 1264 O  O   . HOH D 4 .   ? 7.032   -5.248  12.304  1.00 11.77 ? 324 HOH A O   1 
HETATM 1265 O  O   . HOH D 4 .   ? -0.378  -15.801 8.823   1.00 13.61 ? 325 HOH A O   1 
HETATM 1266 O  O   . HOH D 4 .   ? 11.342  -5.991  -5.983  1.00 16.30 ? 326 HOH A O   1 
HETATM 1267 O  O   . HOH D 4 .   ? -11.053 -10.393 -8.666  1.00 14.02 ? 327 HOH A O   1 
HETATM 1268 O  O   . HOH D 4 .   ? 5.089   13.448  3.781   1.00 14.65 ? 328 HOH A O   1 
HETATM 1269 O  O   . HOH D 4 .   ? 14.220  -11.641 9.770   1.00 15.26 ? 329 HOH A O   1 
HETATM 1270 O  O   . HOH D 4 .   ? -11.313 -12.738 10.091  1.00 14.11 ? 330 HOH A O   1 
HETATM 1271 O  O   . HOH D 4 .   ? -0.668  5.445   -16.372 1.00 15.28 ? 331 HOH A O   1 
HETATM 1272 O  O   . HOH D 4 .   ? 0.388   4.589   10.332  1.00 12.86 ? 332 HOH A O   1 
HETATM 1273 O  O   . HOH D 4 .   ? -15.149 -8.932  -6.255  1.00 16.86 ? 333 HOH A O   1 
HETATM 1274 O  O   . HOH D 4 .   ? -7.668  20.152  -3.554  1.00 14.20 ? 334 HOH A O   1 
HETATM 1275 O  O   . HOH D 4 .   ? -14.483 -9.176  -3.573  1.00 16.11 ? 335 HOH A O   1 
HETATM 1276 O  O   . HOH D 4 .   ? 3.079   -7.531  -6.481  1.00 16.29 ? 336 HOH A O   1 
HETATM 1277 O  O   . HOH D 4 .   ? 1.878   3.361   -9.397  1.00 17.20 ? 337 HOH A O   1 
HETATM 1278 O  O   . HOH D 4 .   ? 4.533   -15.128 8.435   1.00 16.38 ? 338 HOH A O   1 
HETATM 1279 O  O   . HOH D 4 .   ? -8.048  16.479  -1.675  1.00 15.76 ? 339 HOH A O   1 
HETATM 1280 O  O   . HOH D 4 .   ? -4.085  -7.540  15.648  1.00 17.00 ? 340 HOH A O   1 
HETATM 1281 O  O   . HOH D 4 .   ? 8.134   9.820   -4.503  1.00 15.91 ? 341 HOH A O   1 
HETATM 1282 O  O   . HOH D 4 .   ? -2.512  11.643  -11.536 1.00 16.34 ? 342 HOH A O   1 
HETATM 1283 O  O   . HOH D 4 .   ? -10.712 14.863  0.920   1.00 19.41 ? 343 HOH A O   1 
HETATM 1284 O  O   . HOH D 4 .   ? 12.220  5.314   4.663   1.00 16.45 ? 344 HOH A O   1 
HETATM 1285 O  O   . HOH D 4 .   ? 4.801   -19.646 5.570   1.00 15.78 ? 345 HOH A O   1 
HETATM 1286 O  O   . HOH D 4 .   ? 7.074   12.748  -2.611  1.00 18.15 ? 346 HOH A O   1 
HETATM 1287 O  O   . HOH D 4 .   ? 8.707   9.380   -0.777  1.00 16.35 ? 347 HOH A O   1 
HETATM 1288 O  O   . HOH D 4 .   ? -2.026  -5.728  15.819  1.00 19.40 ? 348 HOH A O   1 
HETATM 1289 O  O   . HOH D 4 .   ? -2.111  -18.060 3.422   1.00 16.74 ? 349 HOH A O   1 
HETATM 1290 O  O   . HOH D 4 .   ? -12.453 10.224  -10.988 1.00 20.86 ? 350 HOH A O   1 
HETATM 1291 O  O   . HOH D 4 .   ? 7.649   -13.196 9.492   1.00 20.57 ? 351 HOH A O   1 
HETATM 1292 O  O   . HOH D 4 .   ? 11.730  8.998   8.365   1.00 17.23 ? 352 HOH A O   1 
HETATM 1293 O  O   . HOH D 4 .   ? -16.030 -3.200  -0.023  1.00 19.89 ? 353 HOH A O   1 
HETATM 1294 O  O   . HOH D 4 .   ? -8.278  -10.645 -7.799  1.00 16.91 ? 354 HOH A O   1 
HETATM 1295 O  O   . HOH D 4 .   ? -2.896  -6.091  -7.735  1.00 16.25 ? 355 HOH A O   1 
HETATM 1296 O  O   . HOH D 4 .   ? -13.138 1.140   12.441  1.00 18.86 ? 356 HOH A O   1 
HETATM 1297 O  O   . HOH D 4 .   ? -1.726  -3.414  -8.216  1.00 22.88 ? 357 HOH A O   1 
HETATM 1298 O  O   . HOH D 4 .   ? -0.880  6.495   8.967   1.00 20.94 ? 358 HOH A O   1 
HETATM 1299 O  O   . HOH D 4 .   ? 11.529  0.773   -8.547  1.00 18.33 ? 359 HOH A O   1 
HETATM 1300 O  O   . HOH D 4 .   ? 10.978  9.088   5.860   1.00 20.14 ? 360 HOH A O   1 
HETATM 1301 O  O   . HOH D 4 .   ? 10.004  -19.397 3.834   1.00 23.67 ? 361 HOH A O   1 
HETATM 1302 O  O   . HOH D 4 .   ? 11.784  -9.963  -4.131  1.00 21.50 ? 362 HOH A O   1 
HETATM 1303 O  O   . HOH D 4 .   ? 0.754   1.682   12.628  1.00 17.73 ? 363 HOH A O   1 
HETATM 1304 O  O   . HOH D 4 .   ? -10.301 -14.843 2.355   1.00 20.53 ? 364 HOH A O   1 
HETATM 1305 O  O   . HOH D 4 .   ? -13.762 -0.546  2.282   1.00 20.39 ? 365 HOH A O   1 
HETATM 1306 O  O   . HOH D 4 .   ? -2.246  -12.438 13.089  1.00 18.77 ? 366 HOH A O   1 
HETATM 1307 O  O   . HOH D 4 .   ? -16.163 -12.660 3.678   1.00 25.57 ? 367 HOH A O   1 
HETATM 1308 O  O   . HOH D 4 .   ? 1.731   20.242  -2.758  1.00 24.28 ? 368 HOH A O   1 
HETATM 1309 O  O   . HOH D 4 .   ? 6.021   4.324   10.577  1.00 24.82 ? 369 HOH A O   1 
HETATM 1310 O  O   . HOH D 4 .   ? 0.970   -5.837  -5.746  1.00 19.97 ? 370 HOH A O   1 
HETATM 1311 O  O   . HOH D 4 .   ? -2.217  -8.441  -4.137  1.00 25.78 ? 371 HOH A O   1 
HETATM 1312 O  O   . HOH D 4 .   ? -3.025  19.207  -10.733 1.00 25.15 ? 372 HOH A O   1 
HETATM 1313 O  O   . HOH D 4 .   ? 7.916   2.008   11.995  1.00 28.99 ? 373 HOH A O   1 
HETATM 1314 O  O   . HOH D 4 .   ? -5.268  25.163  -2.881  1.00 25.64 ? 374 HOH A O   1 
HETATM 1315 O  O   . HOH D 4 .   ? 6.449   -5.781  14.865  1.00 21.47 ? 375 HOH A O   1 
HETATM 1316 O  O   . HOH D 4 .   ? 10.218  -13.832 9.569   1.00 29.67 ? 376 HOH A O   1 
HETATM 1317 O  O   . HOH D 4 .   ? -15.330 -9.119  0.985   1.00 20.38 ? 377 HOH A O   1 
HETATM 1318 O  O   . HOH D 4 .   ? 19.947  -7.980  0.858   1.00 21.40 ? 378 HOH A O   1 
HETATM 1319 O  O   . HOH D 4 .   ? -16.080 -7.475  -1.347  1.00 21.31 ? 379 HOH A O   1 
HETATM 1320 O  O   . HOH D 4 .   ? 9.232   -0.205  -11.371 1.00 22.99 ? 380 HOH A O   1 
HETATM 1321 O  O   . HOH D 4 .   ? -16.278 -2.937  4.485   1.00 24.18 ? 381 HOH A O   1 
HETATM 1322 O  O   . HOH D 4 .   ? -13.266 -10.765 -7.073  1.00 17.67 ? 382 HOH A O   1 
HETATM 1323 O  O   . HOH D 4 .   ? -17.511 0.029   5.604   1.00 21.35 ? 383 HOH A O   1 
HETATM 1324 O  O   . HOH D 4 .   ? 4.533   10.790  8.346   1.00 22.63 ? 384 HOH A O   1 
HETATM 1325 O  O   . HOH D 4 .   ? 2.279   -16.053 9.435   1.00 23.13 ? 385 HOH A O   1 
HETATM 1326 O  O   . HOH D 4 .   ? 20.696  -10.134 5.358   1.00 27.55 ? 386 HOH A O   1 
HETATM 1327 O  O   . HOH D 4 .   ? 10.741  11.133  -0.125  1.00 25.75 ? 387 HOH A O   1 
HETATM 1328 O  O   . HOH D 4 .   ? -12.222 6.342   -14.627 1.00 28.64 ? 388 HOH A O   1 
HETATM 1329 O  O   . HOH D 4 .   ? -2.791  24.426  -3.663  1.00 24.30 ? 389 HOH A O   1 
HETATM 1330 O  O   . HOH D 4 .   ? -6.780  -18.097 2.053   1.00 29.06 ? 390 HOH A O   1 
HETATM 1331 O  O   . HOH D 4 .   ? -17.590 -5.401  -0.484  1.00 20.84 ? 391 HOH A O   1 
HETATM 1332 O  O   . HOH D 4 .   ? 4.796   12.425  -8.707  1.00 22.63 ? 392 HOH A O   1 
HETATM 1333 O  O   . HOH D 4 .   ? -7.555  -16.666 8.787   1.00 24.67 ? 393 HOH A O   1 
HETATM 1334 O  O   . HOH D 4 .   ? 5.668   12.914  -6.070  1.00 23.63 ? 394 HOH A O   1 
HETATM 1335 O  O   . HOH D 4 .   ? 1.831   19.692  2.394   1.00 26.58 ? 395 HOH A O   1 
HETATM 1336 O  O   . HOH D 4 .   ? 3.743   -11.029 14.897  1.00 26.08 ? 396 HOH A O   1 
HETATM 1337 O  O   . HOH D 4 .   ? 7.862   2.994   -13.884 1.00 26.05 ? 397 HOH A O   1 
HETATM 1338 O  O   . HOH D 4 .   ? -13.324 -14.287 8.824   1.00 25.93 ? 398 HOH A O   1 
HETATM 1339 O  O   . HOH D 4 .   ? -4.708  12.742  5.323   1.00 27.77 ? 399 HOH A O   1 
HETATM 1340 O  O   . HOH D 4 .   ? -10.724 17.215  -7.678  1.00 25.88 ? 400 HOH A O   1 
HETATM 1341 O  O   . HOH D 4 .   ? 8.796   -5.398  -9.096  1.00 27.62 ? 401 HOH A O   1 
HETATM 1342 O  O   . HOH D 4 .   ? -0.837  -7.517  -6.258  1.00 23.95 ? 402 HOH A O   1 
HETATM 1343 O  O   . HOH D 4 .   ? -10.625 16.944  -1.049  1.00 27.46 ? 403 HOH A O   1 
HETATM 1344 O  O   . HOH D 4 .   ? 3.063   4.787   11.126  1.00 23.96 ? 404 HOH A O   1 
HETATM 1345 O  O   . HOH D 4 .   ? -12.346 3.754   -9.358  1.00 21.37 ? 405 HOH A O   1 
HETATM 1346 O  O   . HOH D 4 .   ? -4.633  -15.537 -2.927  1.00 25.54 ? 406 HOH A O   1 
HETATM 1347 O  O   . HOH D 4 .   ? 0.514   0.406   15.373  1.00 25.25 ? 407 HOH A O   1 
HETATM 1348 O  O   . HOH D 4 .   ? -1.110  24.176  -1.544  1.00 30.13 ? 408 HOH A O   1 
HETATM 1349 O  O   . HOH D 4 .   ? -12.570 -14.144 1.286   1.00 20.65 ? 409 HOH A O   1 
HETATM 1350 O  O   . HOH D 4 .   ? -2.657  -8.896  17.764  1.00 26.06 ? 410 HOH A O   1 
HETATM 1351 O  O   . HOH D 4 .   ? -5.496  7.225   9.582   1.00 27.60 ? 411 HOH A O   1 
HETATM 1352 O  O   . HOH D 4 .   ? 5.859   -2.400  -10.533 1.00 27.41 ? 412 HOH A O   1 
HETATM 1353 O  O   . HOH D 4 .   ? 9.552   -23.923 -4.373  1.00 27.33 ? 413 HOH A O   1 
HETATM 1354 O  O   . HOH D 4 .   ? 12.196  -13.200 11.258  1.00 26.10 ? 414 HOH A O   1 
HETATM 1355 O  O   . HOH D 4 .   ? -1.715  12.838  7.641   1.00 26.62 ? 415 HOH A O   1 
HETATM 1356 O  O   . HOH D 4 .   ? 2.435   -12.385 -6.249  1.00 33.65 ? 416 HOH A O   1 
HETATM 1357 O  O   . HOH D 4 .   ? -16.354 -1.740  2.155   1.00 29.01 ? 417 HOH A O   1 
HETATM 1358 O  O   . HOH D 4 .   ? -2.950  -14.733 11.587  1.00 28.96 ? 418 HOH A O   1 
HETATM 1359 O  O   . HOH D 4 .   ? 15.959  -13.752 6.290   1.00 28.74 ? 419 HOH A O   1 
HETATM 1360 O  O   . HOH D 4 .   ? -5.506  9.067   -15.657 1.00 31.62 ? 420 HOH A O   1 
HETATM 1361 O  O   . HOH D 4 .   ? 10.124  -21.714 -6.489  1.00 29.68 ? 421 HOH A O   1 
HETATM 1362 O  O   . HOH D 4 .   ? -5.912  1.547   12.273  1.00 22.74 ? 422 HOH A O   1 
HETATM 1363 O  O   . HOH D 4 .   ? -8.906  2.582   9.492   1.00 17.96 ? 423 HOH A O   1 
# 
